data_3ZWO
#
_entry.id   3ZWO
#
_cell.length_a   60.570
_cell.length_b   76.422
_cell.length_c   139.710
_cell.angle_alpha   87.80
_cell.angle_beta   89.09
_cell.angle_gamma   89.32
#
_symmetry.space_group_name_H-M   'P 1'
#
loop_
_entity.id
_entity.type
_entity.pdbx_description
1 polymer 'ADP-RIBOSYL CYCLASE'
2 non-polymer 'GUANOSINE DIPHOSPHATE RIBOSE'
3 non-polymer '3-(AMINOCARBONYL)-1-[(2R,3R,4S,5R)-5-({[(S)-{[(S)-{[(2R,3S,4R,5R)-5-(2-AMINO-6-OXO-1,6-DIHYDRO-9H-PURIN-9-YL)-3,4-DIHYD ROXYTETRAHYDROFURAN-2-YL]METHOXY}(HYDROXY)PHOSPHORYL]OXY}(HYDROXY)PHOSPHORYL]OXY}METHYL)-3,4-DIHYDROXYTETRAHYDROFURAN-2- YL]PYRIDINIUM'
4 water water
#
_entity_poly.entity_id   1
_entity_poly.type   'polypeptide(L)'
_entity_poly.pdbx_seq_one_letter_code
;AIVPTRELENVFLGRCKDYEITRYLDILPRVRSDCSALWKDFFKAFSFKNPCDLDLGSYKDFFTSAQQQLPKNKVMFWSG
VYDEAHDYANTGRKYITLEDTLPGYMLNSLVWCGQRANPGFNEKVCPDFKTCPVQARESFWGMASSSYAHSAEGEVTYMV
DGSNPKVPAYRPDSFFGKYELPNLTNKVTRVKVIVLHRLGEKIIEKCGAGSLLDLEKLVKAKHFAFDCVENPRAVLFLLC
SDNPNARECRLAKRFYRIA
;
_entity_poly.pdbx_strand_id   A,B,C,D,E,F,G,H
#
# COMPACT_ATOMS: atom_id res chain seq x y z
N ALA A 1 -4.55 28.53 36.61
CA ALA A 1 -5.96 28.26 36.21
C ALA A 1 -6.04 27.37 34.95
N ILE A 2 -6.94 26.39 34.97
CA ILE A 2 -7.05 25.46 33.81
C ILE A 2 -8.17 25.82 32.82
N VAL A 3 -7.82 26.20 31.57
CA VAL A 3 -8.80 26.71 30.55
C VAL A 3 -9.34 25.66 29.53
N PRO A 4 -10.67 25.52 29.45
CA PRO A 4 -11.25 24.59 28.47
C PRO A 4 -10.97 25.00 27.01
N THR A 5 -10.93 24.01 26.11
CA THR A 5 -10.75 24.17 24.66
C THR A 5 -11.94 25.01 24.10
N ARG A 6 -11.65 26.00 23.26
CA ARG A 6 -12.66 26.86 22.66
C ARG A 6 -13.51 25.98 21.70
N GLU A 7 -14.81 26.27 21.58
CA GLU A 7 -15.69 25.67 20.59
C GLU A 7 -15.50 24.16 20.55
N LEU A 8 -15.63 23.52 21.70
CA LEU A 8 -15.40 22.06 21.82
C LEU A 8 -16.17 21.28 20.74
N GLU A 9 -17.42 21.61 20.59
CA GLU A 9 -18.24 20.91 19.59
C GLU A 9 -17.72 20.99 18.16
N ASN A 10 -17.34 22.21 17.70
CA ASN A 10 -16.75 22.36 16.37
C ASN A 10 -15.43 21.61 16.21
N VAL A 11 -14.58 21.64 17.23
CA VAL A 11 -13.32 20.89 17.16
C VAL A 11 -13.56 19.39 17.01
N PHE A 12 -14.37 18.89 17.92
CA PHE A 12 -14.74 17.46 17.89
C PHE A 12 -15.28 17.11 16.50
N LEU A 13 -16.29 17.87 16.05
CA LEU A 13 -16.96 17.47 14.80
C LEU A 13 -15.99 17.63 13.62
N GLY A 14 -15.15 18.64 13.69
CA GLY A 14 -14.17 18.88 12.63
C GLY A 14 -13.14 17.75 12.57
N ARG A 15 -12.56 17.39 13.71
CA ARG A 15 -11.60 16.24 13.68
C ARG A 15 -12.34 14.95 13.28
N CYS A 16 -13.58 14.79 13.73
CA CYS A 16 -14.31 13.54 13.40
C CYS A 16 -14.49 13.38 11.89
N LYS A 17 -14.89 14.47 11.25
CA LYS A 17 -15.15 14.48 9.82
C LYS A 17 -13.83 14.37 9.05
N ASP A 18 -12.84 15.14 9.45
CA ASP A 18 -11.49 14.93 8.84
C ASP A 18 -11.08 13.45 8.92
N TYR A 19 -11.21 12.84 10.10
CA TYR A 19 -10.76 11.46 10.30
C TYR A 19 -11.57 10.53 9.38
N GLU A 20 -12.88 10.71 9.42
CA GLU A 20 -13.85 9.88 8.68
C GLU A 20 -13.45 9.77 7.24
N ILE A 21 -13.23 10.93 6.62
CA ILE A 21 -13.05 10.98 5.19
C ILE A 21 -11.63 10.79 4.81
N THR A 22 -10.65 11.16 5.65
CA THR A 22 -9.28 11.19 5.16
C THR A 22 -8.20 10.56 5.98
N ARG A 23 -8.45 10.15 7.23
CA ARG A 23 -7.35 9.58 8.06
C ARG A 23 -7.33 8.10 8.28
N TYR A 24 -6.09 7.53 8.20
CA TYR A 24 -5.91 6.09 8.50
C TYR A 24 -6.71 5.18 7.59
N LEU A 25 -7.04 5.66 6.38
CA LEU A 25 -8.01 4.93 5.56
C LEU A 25 -7.61 3.46 5.27
N ASP A 26 -6.32 3.20 5.11
CA ASP A 26 -5.93 1.79 4.87
C ASP A 26 -5.47 1.02 6.15
N ILE A 27 -5.65 1.69 7.27
CA ILE A 27 -4.97 1.33 8.52
C ILE A 27 -5.99 0.91 9.57
N LEU A 28 -7.07 1.70 9.73
CA LEU A 28 -8.16 1.37 10.67
C LEU A 28 -9.48 1.51 9.96
N PRO A 29 -10.52 0.73 10.39
CA PRO A 29 -11.83 0.84 9.73
C PRO A 29 -12.58 2.10 10.16
N ARG A 30 -13.56 2.45 9.34
CA ARG A 30 -14.51 3.51 9.60
C ARG A 30 -15.45 3.04 10.70
N VAL A 31 -16.00 3.95 11.46
CA VAL A 31 -16.99 3.53 12.44
C VAL A 31 -18.34 3.71 11.80
N ARG A 32 -19.39 3.06 12.30
CA ARG A 32 -20.70 3.15 11.64
C ARG A 32 -21.45 4.45 12.01
N SER A 33 -21.28 4.96 13.24
CA SER A 33 -22.11 6.10 13.66
C SER A 33 -21.60 7.34 12.94
N ASP A 34 -22.49 8.29 12.64
CA ASP A 34 -21.97 9.58 12.10
C ASP A 34 -21.44 10.51 13.21
N CYS A 35 -20.76 11.57 12.81
CA CYS A 35 -20.10 12.43 13.76
C CYS A 35 -21.11 13.14 14.69
N SER A 36 -22.25 13.53 14.16
CA SER A 36 -23.26 14.12 15.04
C SER A 36 -23.79 13.11 16.08
N ALA A 37 -24.05 11.84 15.72
CA ALA A 37 -24.39 10.86 16.79
C ALA A 37 -23.28 10.68 17.82
N LEU A 38 -22.04 10.65 17.34
CA LEU A 38 -20.95 10.47 18.29
C LEU A 38 -20.88 11.65 19.27
N TRP A 39 -21.12 12.83 18.74
CA TRP A 39 -21.09 14.03 19.58
C TRP A 39 -22.17 13.88 20.70
N LYS A 40 -23.32 13.38 20.33
CA LYS A 40 -24.40 13.32 21.29
C LYS A 40 -24.07 12.38 22.44
N ASP A 41 -23.42 11.23 22.15
CA ASP A 41 -22.99 10.27 23.16
C ASP A 41 -21.86 10.87 24.03
N PHE A 42 -20.91 11.58 23.40
CA PHE A 42 -19.81 12.16 24.15
C PHE A 42 -20.39 13.23 25.09
N PHE A 43 -21.21 14.09 24.53
CA PHE A 43 -21.66 15.26 25.27
C PHE A 43 -22.54 14.90 26.48
N LYS A 44 -23.31 13.83 26.37
CA LYS A 44 -24.20 13.46 27.46
C LYS A 44 -23.41 12.94 28.67
N ALA A 45 -22.17 12.46 28.45
CA ALA A 45 -21.37 11.99 29.50
C ALA A 45 -21.10 12.98 30.59
N PHE A 46 -20.87 14.26 30.25
CA PHE A 46 -20.43 15.24 31.27
C PHE A 46 -21.33 16.48 31.38
N SER A 47 -22.19 16.70 30.38
CA SER A 47 -22.79 18.02 30.23
C SER A 47 -23.85 18.20 31.32
N PHE A 48 -24.14 19.45 31.72
CA PHE A 48 -25.23 19.74 32.72
C PHE A 48 -25.04 19.07 34.11
N LYS A 49 -23.78 18.92 34.50
CA LYS A 49 -23.45 18.29 35.77
C LYS A 49 -22.23 19.00 36.30
N ASN A 50 -22.01 18.99 37.62
CA ASN A 50 -20.76 19.57 38.17
C ASN A 50 -19.53 18.93 37.55
N PRO A 51 -18.41 19.69 37.50
CA PRO A 51 -17.33 19.17 36.69
C PRO A 51 -16.70 17.86 37.22
N CYS A 52 -16.87 17.54 38.51
CA CYS A 52 -16.35 16.31 39.09
C CYS A 52 -17.39 15.16 39.15
N ASP A 53 -18.58 15.38 38.64
CA ASP A 53 -19.63 14.38 38.73
C ASP A 53 -19.66 13.50 37.48
N LEU A 54 -18.68 12.58 37.42
CA LEU A 54 -18.58 11.60 36.36
C LEU A 54 -18.05 10.31 36.96
N ASP A 55 -18.15 9.22 36.22
CA ASP A 55 -17.53 7.99 36.70
C ASP A 55 -17.05 7.22 35.50
N LEU A 56 -16.56 6.02 35.75
CA LEU A 56 -15.96 5.23 34.71
C LEU A 56 -17.04 4.76 33.67
N GLY A 57 -18.29 4.76 34.04
CA GLY A 57 -19.40 4.41 33.12
C GLY A 57 -19.90 5.59 32.28
N SER A 58 -19.48 6.83 32.56
CA SER A 58 -20.13 8.01 31.93
C SER A 58 -19.99 8.00 30.40
N TYR A 59 -18.79 7.69 29.90
CA TYR A 59 -18.58 7.74 28.45
C TYR A 59 -18.83 6.38 27.78
N LYS A 60 -19.57 5.50 28.43
CA LYS A 60 -19.60 4.11 27.98
C LYS A 60 -20.22 4.04 26.58
N ASP A 61 -21.33 4.75 26.37
CA ASP A 61 -22.05 4.61 25.11
C ASP A 61 -21.18 5.28 24.02
N PHE A 62 -20.52 6.37 24.35
CA PHE A 62 -19.60 7.02 23.43
C PHE A 62 -18.53 6.01 22.95
N PHE A 63 -17.88 5.31 23.89
CA PHE A 63 -16.86 4.36 23.43
C PHE A 63 -17.36 3.17 22.66
N THR A 64 -18.59 2.73 22.98
CA THR A 64 -19.21 1.68 22.21
C THR A 64 -19.42 2.15 20.80
N SER A 65 -20.01 3.32 20.60
CA SER A 65 -20.18 3.81 19.26
C SER A 65 -18.86 4.10 18.60
N ALA A 66 -17.82 4.51 19.33
CA ALA A 66 -16.58 4.95 18.63
C ALA A 66 -15.53 3.86 18.46
N GLN A 67 -15.72 2.74 19.05
CA GLN A 67 -14.63 1.74 19.12
C GLN A 67 -14.50 1.10 17.70
N GLN A 68 -13.29 1.12 17.14
CA GLN A 68 -12.97 0.39 15.89
C GLN A 68 -12.43 -1.02 16.18
N GLN A 69 -12.64 -1.95 15.27
CA GLN A 69 -11.88 -3.22 15.32
C GLN A 69 -10.41 -2.86 15.03
N LEU A 70 -9.51 -3.45 15.77
CA LEU A 70 -8.12 -3.15 15.67
C LEU A 70 -7.32 -4.28 15.03
N PRO A 71 -6.27 -3.92 14.25
CA PRO A 71 -5.58 -4.97 13.49
C PRO A 71 -4.73 -5.86 14.39
N LYS A 72 -4.89 -7.15 14.17
CA LYS A 72 -4.14 -8.19 14.89
C LYS A 72 -2.65 -7.86 14.89
N ASN A 73 -2.01 -8.04 16.04
CA ASN A 73 -0.57 -7.91 16.16
C ASN A 73 -0.02 -6.50 16.15
N LYS A 74 -0.87 -5.47 15.90
CA LYS A 74 -0.34 -4.09 15.73
C LYS A 74 -0.58 -3.14 16.94
N VAL A 75 -1.35 -3.56 17.95
CA VAL A 75 -1.76 -2.62 19.03
C VAL A 75 -0.49 -2.35 19.92
N MET A 76 -0.18 -1.07 20.11
CA MET A 76 0.80 -0.64 21.06
C MET A 76 0.21 0.13 22.24
N PHE A 77 0.86 -0.06 23.40
CA PHE A 77 0.61 0.63 24.63
C PHE A 77 1.94 1.26 24.99
N TRP A 78 1.90 2.24 25.88
CA TRP A 78 3.14 3.02 26.20
C TRP A 78 2.94 3.65 27.56
N SER A 79 4.02 3.79 28.35
CA SER A 79 3.95 4.53 29.64
C SER A 79 5.19 5.36 29.81
N GLY A 80 4.96 6.68 29.90
CA GLY A 80 6.03 7.70 30.21
C GLY A 80 6.95 7.97 29.01
N VAL A 81 6.56 7.56 27.78
CA VAL A 81 7.40 7.76 26.58
C VAL A 81 6.54 8.19 25.39
N TYR A 82 5.58 9.08 25.63
CA TYR A 82 4.67 9.53 24.54
C TYR A 82 5.46 9.73 23.22
N ASP A 83 6.43 10.66 23.21
CA ASP A 83 7.00 11.06 21.93
C ASP A 83 7.64 9.86 21.23
N GLU A 84 8.44 9.12 21.97
CA GLU A 84 9.24 8.02 21.34
C GLU A 84 8.32 6.89 20.91
N ALA A 85 7.24 6.66 21.67
CA ALA A 85 6.37 5.55 21.30
C ALA A 85 5.63 5.92 19.99
N HIS A 86 5.13 7.16 19.93
CA HIS A 86 4.40 7.60 18.73
C HIS A 86 5.32 7.76 17.54
N ASP A 87 6.53 8.19 17.83
CA ASP A 87 7.49 8.33 16.70
C ASP A 87 7.75 6.90 16.05
N TYR A 88 7.98 5.91 16.89
CA TYR A 88 8.30 4.59 16.42
C TYR A 88 7.07 3.87 15.85
N ALA A 89 5.87 4.17 16.39
CA ALA A 89 4.64 3.58 15.84
C ALA A 89 4.36 4.11 14.44
N ASN A 90 4.75 5.37 14.21
CA ASN A 90 4.76 6.05 12.90
C ASN A 90 3.37 6.29 12.30
N THR A 91 2.52 6.95 13.06
CA THR A 91 1.18 7.31 12.58
C THR A 91 0.47 6.12 11.98
N GLY A 92 0.54 5.02 12.71
CA GLY A 92 -0.21 3.85 12.33
C GLY A 92 0.46 2.94 11.33
N ARG A 93 1.57 3.36 10.71
CA ARG A 93 2.22 2.52 9.73
C ARG A 93 2.87 1.26 10.31
N LYS A 94 3.46 1.37 11.49
CA LYS A 94 4.12 0.23 12.16
C LYS A 94 3.25 -0.30 13.28
N TYR A 95 2.79 0.58 14.20
CA TYR A 95 1.83 0.14 15.24
C TYR A 95 0.72 1.17 15.31
N ILE A 96 -0.36 0.78 15.95
CA ILE A 96 -1.55 1.61 16.25
C ILE A 96 -1.28 2.03 17.70
N THR A 97 -1.54 3.29 18.03
CA THR A 97 -1.60 3.66 19.42
C THR A 97 -3.04 4.21 19.64
N LEU A 98 -3.45 4.35 20.89
CA LEU A 98 -4.82 4.90 21.15
C LEU A 98 -5.08 6.20 20.39
N GLU A 99 -4.03 7.04 20.32
CA GLU A 99 -4.13 8.35 19.70
C GLU A 99 -4.38 8.31 18.20
N ASP A 100 -4.17 7.14 17.56
CA ASP A 100 -4.56 6.99 16.15
C ASP A 100 -5.96 6.46 15.91
N THR A 101 -6.61 5.93 16.97
CA THR A 101 -7.98 5.50 16.88
C THR A 101 -8.92 6.76 16.90
N LEU A 102 -10.09 6.60 16.32
CA LEU A 102 -11.05 7.69 16.23
C LEU A 102 -11.24 8.46 17.57
N PRO A 103 -11.57 7.77 18.68
CA PRO A 103 -11.84 8.55 19.88
C PRO A 103 -10.57 9.22 20.45
N GLY A 104 -9.42 8.56 20.38
CA GLY A 104 -8.18 9.18 20.88
C GLY A 104 -7.79 10.36 20.01
N TYR A 105 -8.03 10.27 18.71
CA TYR A 105 -7.62 11.32 17.80
C TYR A 105 -8.54 12.55 18.03
N MET A 106 -9.79 12.27 18.10
CA MET A 106 -10.74 13.46 18.35
C MET A 106 -10.52 14.20 19.65
N LEU A 107 -10.16 13.53 20.75
CA LEU A 107 -10.03 14.21 22.00
C LEU A 107 -8.63 14.49 22.47
N ASN A 108 -7.64 14.00 21.76
CA ASN A 108 -6.29 14.17 22.24
C ASN A 108 -5.97 15.66 22.50
N SER A 109 -5.43 15.91 23.70
CA SER A 109 -4.97 17.23 24.18
C SER A 109 -6.11 18.17 24.55
N LEU A 110 -7.37 17.77 24.40
CA LEU A 110 -8.46 18.79 24.58
C LEU A 110 -8.76 18.86 26.04
N VAL A 111 -9.45 19.93 26.47
CA VAL A 111 -9.76 20.15 27.86
C VAL A 111 -11.24 20.58 27.93
N TRP A 112 -12.00 19.89 28.75
CA TRP A 112 -13.44 20.17 28.86
C TRP A 112 -13.97 19.72 30.19
N CYS A 113 -15.11 20.28 30.60
CA CYS A 113 -15.75 19.88 31.82
C CYS A 113 -17.21 20.40 31.88
N GLY A 114 -18.02 19.67 32.64
CA GLY A 114 -19.47 19.90 32.81
C GLY A 114 -19.67 21.15 33.65
N GLN A 115 -20.79 21.87 33.42
CA GLN A 115 -21.34 22.73 34.51
C GLN A 115 -22.84 22.53 34.52
N ARG A 116 -23.46 22.74 35.68
CA ARG A 116 -24.91 22.50 35.80
C ARG A 116 -25.74 23.48 34.93
N ALA A 117 -25.26 24.73 34.83
CA ALA A 117 -26.01 25.82 34.15
C ALA A 117 -25.71 25.92 32.65
N ASN A 118 -26.71 26.42 31.93
CA ASN A 118 -26.55 26.63 30.51
C ASN A 118 -25.25 27.26 30.25
N PRO A 119 -24.58 26.80 29.19
CA PRO A 119 -24.96 25.79 28.24
C PRO A 119 -24.54 24.32 28.61
N GLY A 120 -24.24 24.04 29.88
CA GLY A 120 -23.96 22.66 30.33
C GLY A 120 -22.48 22.30 30.36
N PHE A 121 -21.62 23.23 29.98
CA PHE A 121 -20.18 22.95 30.05
C PHE A 121 -19.59 24.30 30.29
N ASN A 122 -18.38 24.33 30.83
CA ASN A 122 -17.71 25.57 31.22
C ASN A 122 -16.87 26.15 30.09
N GLU A 123 -16.84 27.48 29.94
CA GLU A 123 -16.05 28.18 28.88
C GLU A 123 -14.94 29.05 29.46
N LYS A 124 -14.80 28.92 30.76
CA LYS A 124 -13.87 29.76 31.42
C LYS A 124 -12.79 28.96 32.12
N VAL A 125 -13.21 27.93 32.85
CA VAL A 125 -12.29 27.24 33.76
C VAL A 125 -12.72 25.81 34.03
N CYS A 126 -11.73 24.90 34.16
CA CYS A 126 -12.02 23.53 34.64
C CYS A 126 -11.21 23.34 35.93
N PRO A 127 -11.72 22.50 36.85
CA PRO A 127 -10.87 22.34 38.05
C PRO A 127 -9.64 21.44 37.81
N ASP A 128 -8.58 21.59 38.64
CA ASP A 128 -7.49 20.64 38.59
C ASP A 128 -8.18 19.27 38.84
N PHE A 129 -8.07 18.28 37.97
CA PHE A 129 -8.85 17.05 38.25
C PHE A 129 -8.21 16.27 39.42
N LYS A 130 -7.08 16.76 39.99
CA LYS A 130 -6.66 16.33 41.37
C LYS A 130 -7.71 16.64 42.41
N THR A 131 -8.67 17.54 42.12
CA THR A 131 -9.64 17.84 43.16
C THR A 131 -10.84 16.93 42.94
N CYS A 132 -10.91 16.25 41.81
CA CYS A 132 -12.07 15.32 41.58
C CYS A 132 -11.76 13.85 42.04
N PRO A 133 -12.81 13.08 42.31
CA PRO A 133 -12.56 11.71 42.66
C PRO A 133 -11.88 10.99 41.52
N VAL A 134 -11.07 9.96 41.80
CA VAL A 134 -10.29 9.36 40.75
C VAL A 134 -11.16 8.85 39.58
N GLN A 135 -12.36 8.35 39.88
CA GLN A 135 -13.18 7.75 38.81
C GLN A 135 -13.77 8.87 37.91
N ALA A 136 -13.84 10.10 38.39
CA ALA A 136 -14.23 11.23 37.55
C ALA A 136 -13.03 11.73 36.73
N ARG A 137 -11.89 11.93 37.39
CA ARG A 137 -10.60 12.42 36.85
C ARG A 137 -10.20 11.51 35.66
N GLU A 138 -10.53 10.20 35.76
CA GLU A 138 -9.99 9.19 34.80
C GLU A 138 -11.13 8.67 33.98
N SER A 139 -12.27 9.34 34.09
CA SER A 139 -13.50 8.82 33.42
C SER A 139 -13.31 8.65 31.89
N PHE A 140 -12.76 9.67 31.23
CA PHE A 140 -12.69 9.64 29.78
C PHE A 140 -11.47 8.78 29.37
N TRP A 141 -10.25 9.15 29.74
CA TRP A 141 -9.11 8.38 29.19
C TRP A 141 -8.98 6.97 29.78
N GLY A 142 -9.48 6.75 30.99
CA GLY A 142 -9.47 5.36 31.54
C GLY A 142 -10.44 4.44 30.79
N MET A 143 -11.62 4.90 30.45
CA MET A 143 -12.57 4.11 29.63
C MET A 143 -12.05 4.00 28.21
N ALA A 144 -11.34 5.03 27.72
CA ALA A 144 -10.76 4.92 26.38
C ALA A 144 -9.69 3.79 26.35
N SER A 145 -8.83 3.77 27.34
CA SER A 145 -7.83 2.72 27.43
C SER A 145 -8.45 1.36 27.62
N SER A 146 -9.46 1.27 28.48
CA SER A 146 -10.15 0.00 28.71
C SER A 146 -10.74 -0.53 27.42
N SER A 147 -11.45 0.34 26.68
CA SER A 147 -12.13 -0.14 25.47
C SER A 147 -11.09 -0.51 24.38
N TYR A 148 -10.07 0.34 24.22
CA TYR A 148 -8.95 -0.02 23.33
C TYR A 148 -8.32 -1.39 23.65
N ALA A 149 -7.80 -1.55 24.88
CA ALA A 149 -7.19 -2.81 25.34
C ALA A 149 -8.07 -4.04 25.12
N HIS A 150 -9.35 -3.89 25.40
CA HIS A 150 -10.33 -4.92 25.21
C HIS A 150 -10.43 -5.36 23.73
N SER A 151 -10.09 -4.46 22.77
CA SER A 151 -10.24 -4.79 21.35
C SER A 151 -8.97 -5.37 20.75
N ALA A 152 -7.90 -5.44 21.52
CA ALA A 152 -6.61 -5.83 20.95
C ALA A 152 -6.60 -7.33 20.68
N GLU A 153 -5.84 -7.78 19.67
CA GLU A 153 -5.76 -9.22 19.36
C GLU A 153 -4.34 -9.55 18.95
N GLY A 154 -3.93 -10.80 19.15
CA GLY A 154 -2.59 -11.22 18.72
C GLY A 154 -1.53 -10.66 19.66
N GLU A 155 -0.40 -10.30 19.11
CA GLU A 155 0.70 -9.78 19.89
C GLU A 155 0.39 -8.32 20.22
N VAL A 156 0.69 -7.86 21.45
CA VAL A 156 0.64 -6.42 21.77
C VAL A 156 2.03 -6.00 22.21
N THR A 157 2.32 -4.72 21.97
CA THR A 157 3.64 -4.14 22.22
C THR A 157 3.47 -3.07 23.28
N TYR A 158 4.42 -3.01 24.22
CA TYR A 158 4.34 -2.05 25.29
C TYR A 158 5.65 -1.35 25.48
N MET A 159 5.70 -0.05 25.21
CA MET A 159 6.95 0.70 25.39
C MET A 159 6.99 1.44 26.74
N VAL A 160 8.07 1.23 27.51
CA VAL A 160 8.23 1.82 28.84
C VAL A 160 9.54 2.66 28.93
N ASP A 161 9.63 3.49 29.93
CA ASP A 161 10.83 4.30 30.21
C ASP A 161 11.63 3.43 31.17
N GLY A 162 12.84 3.03 30.79
CA GLY A 162 13.75 2.35 31.70
C GLY A 162 14.81 3.24 32.34
N SER A 163 14.58 4.55 32.27
CA SER A 163 15.57 5.52 32.73
C SER A 163 15.05 6.54 33.76
N ASN A 164 13.87 6.30 34.32
CA ASN A 164 13.28 7.24 35.26
C ASN A 164 13.52 6.69 36.68
N PRO A 165 14.45 7.32 37.46
CA PRO A 165 14.73 6.81 38.80
C PRO A 165 13.51 6.90 39.73
N LYS A 166 12.52 7.75 39.44
CA LYS A 166 11.34 7.97 40.30
C LYS A 166 10.03 7.34 39.80
N VAL A 167 10.05 6.67 38.64
CA VAL A 167 8.84 6.02 38.12
C VAL A 167 9.25 4.70 37.48
N PRO A 168 8.97 3.60 38.18
CA PRO A 168 9.22 2.29 37.63
C PRO A 168 8.60 2.12 36.22
N ALA A 169 9.33 1.35 35.41
CA ALA A 169 8.99 1.07 34.00
C ALA A 169 7.54 0.62 33.90
N TYR A 170 7.24 -0.43 34.65
CA TYR A 170 5.86 -0.90 34.92
C TYR A 170 5.38 -0.51 36.35
N ARG A 171 4.14 -0.01 36.50
CA ARG A 171 3.49 0.07 37.81
C ARG A 171 1.94 -0.16 37.66
N PRO A 172 1.30 -0.76 38.68
CA PRO A 172 -0.15 -1.08 38.64
C PRO A 172 -0.96 0.16 38.55
N ASP A 173 -0.39 1.26 39.06
CA ASP A 173 -1.12 2.50 39.06
C ASP A 173 -1.00 3.40 37.79
N SER A 174 -0.23 2.98 36.76
CA SER A 174 -0.24 3.71 35.49
C SER A 174 -1.55 3.44 34.77
N PHE A 175 -1.87 4.23 33.74
CA PHE A 175 -3.03 3.84 32.88
C PHE A 175 -2.90 2.41 32.31
N PHE A 176 -1.70 2.02 31.90
CA PHE A 176 -1.53 0.65 31.42
C PHE A 176 -1.85 -0.39 32.51
N GLY A 177 -1.30 -0.16 33.70
CA GLY A 177 -1.51 -1.05 34.85
C GLY A 177 -2.93 -1.08 35.39
N LYS A 178 -3.66 0.02 35.24
CA LYS A 178 -5.06 0.10 35.75
C LYS A 178 -6.10 -0.33 34.75
N TYR A 179 -5.88 0.01 33.47
CA TYR A 179 -6.96 -0.09 32.48
C TYR A 179 -6.61 -0.97 31.27
N GLU A 180 -5.34 -1.20 31.01
CA GLU A 180 -5.00 -1.85 29.74
C GLU A 180 -4.62 -3.34 30.00
N LEU A 181 -3.52 -3.60 30.71
CA LEU A 181 -3.09 -5.01 30.95
C LEU A 181 -4.29 -5.83 31.50
N PRO A 182 -5.01 -5.33 32.52
CA PRO A 182 -6.05 -6.19 33.00
C PRO A 182 -7.23 -6.39 32.09
N ASN A 183 -7.39 -5.52 31.08
CA ASN A 183 -8.51 -5.66 30.16
C ASN A 183 -8.17 -6.45 28.88
N LEU A 184 -6.91 -6.92 28.74
CA LEU A 184 -6.56 -7.73 27.53
C LEU A 184 -7.31 -9.06 27.58
N THR A 185 -7.86 -9.52 26.46
CA THR A 185 -8.66 -10.71 26.51
C THR A 185 -7.87 -11.91 26.07
N ASN A 186 -8.52 -13.08 26.02
CA ASN A 186 -7.84 -14.29 25.50
C ASN A 186 -7.62 -14.23 23.99
N LYS A 187 -7.96 -13.12 23.30
CA LYS A 187 -7.50 -13.00 21.91
C LYS A 187 -6.09 -12.54 21.88
N VAL A 188 -5.56 -12.07 23.00
CA VAL A 188 -4.17 -11.60 23.05
C VAL A 188 -3.32 -12.82 23.27
N THR A 189 -2.16 -12.88 22.63
CA THR A 189 -1.30 -14.07 22.78
C THR A 189 0.06 -13.76 23.37
N ARG A 190 0.49 -12.49 23.32
CA ARG A 190 1.86 -12.17 23.70
C ARG A 190 1.90 -10.70 24.06
N VAL A 191 2.71 -10.36 25.08
CA VAL A 191 3.02 -8.98 25.40
C VAL A 191 4.52 -8.80 25.16
N LYS A 192 4.83 -7.89 24.25
CA LYS A 192 6.21 -7.68 23.79
C LYS A 192 6.60 -6.32 24.32
N VAL A 193 7.56 -6.32 25.23
CA VAL A 193 7.94 -5.10 25.92
C VAL A 193 9.20 -4.46 25.31
N ILE A 194 9.18 -3.13 25.10
CA ILE A 194 10.36 -2.40 24.59
C ILE A 194 10.72 -1.44 25.70
N VAL A 195 11.90 -1.61 26.23
CA VAL A 195 12.38 -0.74 27.28
C VAL A 195 13.26 0.32 26.66
N LEU A 196 12.89 1.57 26.87
CA LEU A 196 13.73 2.65 26.51
C LEU A 196 14.81 3.00 27.52
N HIS A 197 16.07 3.01 27.08
CA HIS A 197 17.12 3.57 27.91
C HIS A 197 17.50 4.91 27.34
N ARG A 198 16.95 5.99 27.87
CA ARG A 198 17.23 7.30 27.32
C ARG A 198 18.76 7.55 27.22
N LEU A 199 19.14 8.22 26.13
CA LEU A 199 20.59 8.26 25.78
C LEU A 199 21.28 9.20 26.77
N GLY A 200 22.47 8.82 27.19
CA GLY A 200 23.27 9.55 28.19
C GLY A 200 22.82 9.30 29.63
N GLU A 201 21.62 8.80 29.82
CA GLU A 201 21.11 8.60 31.20
C GLU A 201 21.46 7.29 31.86
N LYS A 202 21.58 7.32 33.18
CA LYS A 202 21.69 6.12 34.00
C LYS A 202 20.56 5.13 33.66
N ILE A 203 20.92 3.86 33.49
CA ILE A 203 19.97 2.81 33.24
C ILE A 203 19.34 2.39 34.59
N ILE A 204 18.00 2.49 34.71
CA ILE A 204 17.32 2.21 35.97
C ILE A 204 16.70 0.79 35.96
N GLU A 205 15.98 0.44 34.89
CA GLU A 205 15.27 -0.85 34.80
C GLU A 205 15.80 -1.70 33.67
N LYS A 206 15.83 -3.02 33.86
CA LYS A 206 16.27 -3.98 32.86
C LYS A 206 15.25 -5.09 32.69
N CYS A 207 15.11 -5.60 31.48
CA CYS A 207 14.41 -6.89 31.28
C CYS A 207 14.89 -7.92 32.34
N GLY A 208 13.93 -8.57 33.01
CA GLY A 208 14.27 -9.65 33.95
C GLY A 208 14.46 -9.21 35.39
N ALA A 209 14.38 -7.90 35.64
CA ALA A 209 14.63 -7.31 36.93
C ALA A 209 13.50 -6.37 37.25
N GLY A 210 13.44 -5.98 38.53
CA GLY A 210 12.55 -4.97 39.04
C GLY A 210 11.07 -5.05 38.61
N SER A 211 10.49 -3.90 38.32
CA SER A 211 9.09 -3.89 37.85
C SER A 211 8.86 -4.74 36.60
N LEU A 212 9.94 -4.98 35.82
CA LEU A 212 9.81 -5.76 34.62
C LEU A 212 9.66 -7.26 34.82
N LEU A 213 10.32 -7.78 35.88
CA LEU A 213 9.99 -9.09 36.44
C LEU A 213 8.57 -9.09 36.96
N ASP A 214 8.19 -8.08 37.71
CA ASP A 214 6.80 -8.04 38.24
C ASP A 214 5.84 -8.11 37.08
N LEU A 215 6.14 -7.38 35.98
CA LEU A 215 5.25 -7.38 34.82
C LEU A 215 5.24 -8.74 34.11
N GLU A 216 6.43 -9.28 33.88
CA GLU A 216 6.56 -10.57 33.24
C GLU A 216 5.66 -11.59 33.95
N LYS A 217 5.72 -11.57 35.27
CA LYS A 217 4.94 -12.53 36.06
C LYS A 217 3.43 -12.27 35.90
N LEU A 218 3.00 -11.00 35.82
CA LEU A 218 1.56 -10.67 35.67
C LEU A 218 1.03 -11.17 34.34
N VAL A 219 1.91 -11.09 33.32
CA VAL A 219 1.55 -11.41 31.95
C VAL A 219 1.41 -12.91 31.85
N LYS A 220 2.40 -13.62 32.40
CA LYS A 220 2.33 -15.09 32.36
C LYS A 220 1.12 -15.58 33.15
N ALA A 221 0.83 -14.97 34.29
CA ALA A 221 -0.40 -15.26 35.03
C ALA A 221 -1.72 -14.95 34.28
N LYS A 222 -1.66 -14.07 33.28
CA LYS A 222 -2.83 -13.87 32.41
C LYS A 222 -2.77 -14.83 31.21
N HIS A 223 -1.77 -15.72 31.19
CA HIS A 223 -1.68 -16.78 30.17
C HIS A 223 -1.15 -16.35 28.79
N PHE A 224 -0.45 -15.22 28.76
CA PHE A 224 0.20 -14.78 27.55
C PHE A 224 1.68 -15.13 27.58
N ALA A 225 2.22 -15.23 26.38
CA ALA A 225 3.67 -15.25 26.20
C ALA A 225 4.27 -13.84 26.46
N PHE A 226 5.57 -13.77 26.70
CA PHE A 226 6.17 -12.48 27.07
C PHE A 226 7.48 -12.37 26.45
N ASP A 227 7.85 -11.17 25.96
CA ASP A 227 9.26 -10.92 25.65
C ASP A 227 9.64 -9.49 25.93
N CYS A 228 10.96 -9.20 25.99
CA CYS A 228 11.39 -7.89 26.42
C CYS A 228 12.73 -7.58 25.78
N VAL A 229 12.88 -6.39 25.22
CA VAL A 229 14.16 -5.99 24.63
C VAL A 229 14.44 -4.59 25.14
N GLU A 230 15.69 -4.19 25.16
CA GLU A 230 16.09 -2.85 25.57
C GLU A 230 16.70 -2.13 24.37
N ASN A 231 16.27 -0.91 24.04
CA ASN A 231 16.78 -0.19 22.80
C ASN A 231 17.12 -1.10 21.62
N PRO A 232 16.11 -1.79 21.08
CA PRO A 232 16.31 -2.53 19.86
C PRO A 232 16.72 -1.51 18.79
N ARG A 233 17.53 -1.97 17.81
CA ARG A 233 18.12 -1.10 16.82
C ARG A 233 17.15 -0.10 16.15
N ALA A 234 16.00 -0.53 15.62
CA ALA A 234 15.02 0.40 15.05
C ALA A 234 14.71 1.60 15.97
N VAL A 235 14.54 1.35 17.29
CA VAL A 235 14.20 2.40 18.27
C VAL A 235 15.48 3.20 18.59
N LEU A 236 16.61 2.50 18.71
CA LEU A 236 17.88 3.17 19.05
C LEU A 236 18.13 4.23 18.00
N PHE A 237 17.97 3.86 16.71
CA PHE A 237 18.18 4.83 15.63
C PHE A 237 17.33 6.08 15.71
N LEU A 238 16.06 5.91 16.06
CA LEU A 238 15.19 7.07 16.30
C LEU A 238 15.74 7.93 17.44
N LEU A 239 16.18 7.31 18.52
CA LEU A 239 16.73 8.11 19.61
C LEU A 239 17.96 8.88 19.14
N CYS A 240 18.83 8.20 18.38
CA CYS A 240 20.04 8.80 17.86
C CYS A 240 19.78 9.95 16.92
N SER A 241 18.75 9.83 16.09
CA SER A 241 18.41 10.88 15.17
C SER A 241 18.27 12.22 15.92
N ASP A 242 17.70 12.19 17.13
CA ASP A 242 17.53 13.38 17.97
C ASP A 242 18.74 13.76 18.76
N ASN A 243 19.69 12.85 18.96
CA ASN A 243 20.88 13.20 19.73
C ASN A 243 22.05 12.46 19.13
N PRO A 244 22.52 12.90 17.94
CA PRO A 244 23.42 12.05 17.19
C PRO A 244 24.80 11.92 17.81
N ASN A 245 25.16 12.86 18.68
CA ASN A 245 26.42 12.74 19.38
C ASN A 245 26.48 11.84 20.61
N ALA A 246 25.32 11.42 21.12
CA ALA A 246 25.34 10.50 22.25
C ALA A 246 26.25 9.30 21.98
N ARG A 247 26.91 8.82 23.05
CA ARG A 247 27.91 7.75 22.97
C ARG A 247 27.36 6.45 22.42
N GLU A 248 26.10 6.18 22.77
CA GLU A 248 25.37 5.05 22.21
C GLU A 248 25.22 5.07 20.70
N CYS A 249 25.38 6.23 20.07
CA CYS A 249 25.14 6.40 18.63
C CYS A 249 26.46 6.37 17.86
N ARG A 250 27.54 6.04 18.55
CA ARG A 250 28.85 6.11 17.90
C ARG A 250 28.97 5.22 16.67
N LEU A 251 29.71 5.70 15.66
CA LEU A 251 29.85 4.88 14.44
C LEU A 251 31.05 3.91 14.51
N ALA A 252 32.06 4.25 15.33
CA ALA A 252 33.39 3.62 15.32
C ALA A 252 34.14 4.09 16.57
N ILE B 2 3.51 16.34 -46.85
CA ILE B 2 2.17 15.70 -47.12
C ILE B 2 1.01 16.72 -47.00
N VAL B 3 0.37 17.03 -48.13
CA VAL B 3 -0.63 18.10 -48.26
C VAL B 3 -2.07 17.60 -48.14
N PRO B 4 -2.82 18.07 -47.12
CA PRO B 4 -4.23 17.69 -46.96
C PRO B 4 -5.05 18.10 -48.16
N THR B 5 -6.08 17.33 -48.44
CA THR B 5 -7.06 17.73 -49.43
C THR B 5 -7.72 19.06 -49.08
N ARG B 6 -7.84 19.94 -50.10
CA ARG B 6 -8.49 21.26 -49.91
C ARG B 6 -9.99 21.12 -49.82
N GLU B 7 -10.65 22.05 -49.09
CA GLU B 7 -12.13 22.05 -48.95
C GLU B 7 -12.70 20.63 -48.73
N LEU B 8 -12.23 19.98 -47.68
CA LEU B 8 -12.49 18.57 -47.47
C LEU B 8 -13.97 18.34 -47.35
N GLU B 9 -14.64 19.17 -46.53
CA GLU B 9 -16.08 19.06 -46.34
C GLU B 9 -16.86 19.14 -47.65
N ASN B 10 -16.51 20.12 -48.47
CA ASN B 10 -17.11 20.36 -49.82
C ASN B 10 -16.89 19.14 -50.75
N VAL B 11 -15.67 18.61 -50.74
CA VAL B 11 -15.36 17.43 -51.56
C VAL B 11 -16.16 16.18 -51.05
N PHE B 12 -16.12 15.96 -49.76
CA PHE B 12 -16.88 14.88 -49.13
C PHE B 12 -18.39 14.96 -49.43
N LEU B 13 -18.97 16.14 -49.20
CA LEU B 13 -20.42 16.31 -49.40
C LEU B 13 -20.77 16.16 -50.87
N GLY B 14 -19.85 16.62 -51.71
CA GLY B 14 -20.07 16.61 -53.16
C GLY B 14 -20.06 15.18 -53.69
N ARG B 15 -19.04 14.42 -53.28
CA ARG B 15 -18.95 13.01 -53.68
C ARG B 15 -20.12 12.28 -53.10
N CYS B 16 -20.47 12.60 -51.85
CA CYS B 16 -21.58 11.89 -51.20
C CYS B 16 -22.94 12.05 -51.94
N LYS B 17 -23.23 13.28 -52.34
CA LYS B 17 -24.48 13.62 -53.06
C LYS B 17 -24.44 13.01 -54.44
N ASP B 18 -23.30 13.11 -55.12
CA ASP B 18 -23.19 12.52 -56.44
C ASP B 18 -23.49 10.99 -56.33
N TYR B 19 -22.85 10.36 -55.36
CA TYR B 19 -23.00 8.91 -55.17
C TYR B 19 -24.48 8.62 -54.88
N GLU B 20 -25.02 9.31 -53.90
CA GLU B 20 -26.40 9.04 -53.47
C GLU B 20 -27.36 9.00 -54.66
N ILE B 21 -27.32 10.03 -55.52
CA ILE B 21 -28.39 10.15 -56.56
C ILE B 21 -28.04 9.42 -57.84
N THR B 22 -26.76 9.24 -58.14
CA THR B 22 -26.38 8.77 -59.48
C THR B 22 -25.45 7.57 -59.58
N ARG B 23 -24.71 7.18 -58.54
CA ARG B 23 -23.71 6.10 -58.68
C ARG B 23 -24.15 4.72 -58.11
N TYR B 24 -23.81 3.64 -58.84
CA TYR B 24 -24.06 2.24 -58.47
C TYR B 24 -25.51 2.01 -58.20
N LEU B 25 -26.39 2.73 -58.89
CA LEU B 25 -27.80 2.63 -58.53
C LEU B 25 -28.39 1.23 -58.63
N ASP B 26 -27.99 0.44 -59.58
CA ASP B 26 -28.69 -0.84 -59.45
C ASP B 26 -27.74 -1.95 -58.98
N ILE B 27 -26.63 -1.52 -58.34
CA ILE B 27 -25.51 -2.39 -57.95
C ILE B 27 -25.40 -2.38 -56.41
N LEU B 28 -25.43 -1.18 -55.78
CA LEU B 28 -25.40 -1.09 -54.34
C LEU B 28 -26.59 -0.32 -53.82
N PRO B 29 -27.08 -0.67 -52.62
CA PRO B 29 -28.20 0.08 -52.02
C PRO B 29 -27.74 1.45 -51.46
N ARG B 30 -28.72 2.33 -51.31
CA ARG B 30 -28.57 3.65 -50.74
C ARG B 30 -28.42 3.48 -49.24
N VAL B 31 -27.67 4.35 -48.56
CA VAL B 31 -27.70 4.30 -47.11
C VAL B 31 -28.81 5.17 -46.55
N ARG B 32 -29.27 4.90 -45.32
CA ARG B 32 -30.34 5.71 -44.71
C ARG B 32 -29.95 7.15 -44.36
N SER B 33 -28.71 7.35 -43.86
CA SER B 33 -28.29 8.66 -43.34
C SER B 33 -28.08 9.62 -44.46
N ASP B 34 -28.46 10.87 -44.26
CA ASP B 34 -28.22 11.87 -45.32
C ASP B 34 -26.74 12.30 -45.25
N CYS B 35 -26.30 13.05 -46.25
CA CYS B 35 -24.88 13.42 -46.38
C CYS B 35 -24.38 14.28 -45.21
N SER B 36 -25.24 15.17 -44.69
CA SER B 36 -24.88 15.95 -43.50
C SER B 36 -24.60 15.10 -42.29
N ALA B 37 -25.46 14.12 -42.03
CA ALA B 37 -25.28 13.23 -40.88
C ALA B 37 -23.97 12.44 -41.08
N LEU B 38 -23.70 12.00 -42.30
CA LEU B 38 -22.48 11.26 -42.55
C LEU B 38 -21.23 12.12 -42.25
N TRP B 39 -21.27 13.37 -42.73
CA TRP B 39 -20.21 14.37 -42.46
C TRP B 39 -19.95 14.55 -40.97
N LYS B 40 -21.02 14.73 -40.22
CA LYS B 40 -20.88 14.96 -38.80
C LYS B 40 -20.18 13.75 -38.15
N ASP B 41 -20.59 12.52 -38.54
CA ASP B 41 -19.95 11.27 -37.94
C ASP B 41 -18.50 11.17 -38.38
N PHE B 42 -18.24 11.48 -39.63
CA PHE B 42 -16.86 11.39 -40.17
C PHE B 42 -15.95 12.43 -39.45
N PHE B 43 -16.38 13.70 -39.44
CA PHE B 43 -15.62 14.80 -38.87
C PHE B 43 -15.33 14.62 -37.36
N LYS B 44 -16.34 14.17 -36.64
CA LYS B 44 -16.13 13.92 -35.23
C LYS B 44 -15.03 12.87 -34.88
N ALA B 45 -14.84 11.89 -35.75
CA ALA B 45 -13.81 10.88 -35.53
C ALA B 45 -12.42 11.43 -35.32
N PHE B 46 -12.11 12.47 -36.07
CA PHE B 46 -10.75 12.99 -36.07
C PHE B 46 -10.53 14.44 -35.59
N SER B 47 -11.62 15.26 -35.60
CA SER B 47 -11.52 16.66 -35.31
C SER B 47 -11.18 16.96 -33.85
N PHE B 48 -10.44 18.06 -33.68
CA PHE B 48 -10.08 18.61 -32.38
C PHE B 48 -9.26 17.65 -31.58
N LYS B 49 -8.59 16.72 -32.28
CA LYS B 49 -7.60 15.84 -31.63
C LYS B 49 -6.22 15.99 -32.32
N ASN B 50 -5.16 15.55 -31.64
CA ASN B 50 -3.83 15.58 -32.27
C ASN B 50 -3.91 14.60 -33.44
N PRO B 51 -3.09 14.85 -34.49
CA PRO B 51 -3.25 14.02 -35.65
C PRO B 51 -3.06 12.54 -35.40
N CYS B 52 -2.25 12.10 -34.40
CA CYS B 52 -2.00 10.67 -34.14
C CYS B 52 -2.91 10.14 -33.07
N ASP B 53 -3.88 10.95 -32.65
CA ASP B 53 -4.77 10.51 -31.59
C ASP B 53 -6.02 9.84 -32.21
N LEU B 54 -5.84 8.68 -32.79
CA LEU B 54 -6.98 7.93 -33.31
C LEU B 54 -6.74 6.47 -32.99
N ASP B 55 -7.82 5.69 -33.03
CA ASP B 55 -7.67 4.28 -32.92
C ASP B 55 -8.72 3.55 -33.82
N LEU B 56 -8.78 2.22 -33.71
CA LEU B 56 -9.63 1.49 -34.67
C LEU B 56 -11.09 1.78 -34.45
N GLY B 57 -11.40 2.36 -33.33
CA GLY B 57 -12.81 2.64 -32.99
C GLY B 57 -13.15 4.08 -33.34
N SER B 58 -12.16 4.88 -33.78
CA SER B 58 -12.47 6.34 -34.01
C SER B 58 -13.58 6.59 -34.97
N TYR B 59 -13.63 5.84 -36.09
CA TYR B 59 -14.63 6.08 -37.15
C TYR B 59 -15.85 5.11 -37.08
N LYS B 60 -16.00 4.42 -35.96
CA LYS B 60 -17.03 3.34 -35.86
C LYS B 60 -18.43 3.84 -36.20
N ASP B 61 -18.77 5.01 -35.68
CA ASP B 61 -20.14 5.55 -35.94
C ASP B 61 -20.33 5.91 -37.40
N PHE B 62 -19.28 6.50 -37.99
CA PHE B 62 -19.33 6.79 -39.40
C PHE B 62 -19.52 5.52 -40.23
N PHE B 63 -18.73 4.50 -39.97
CA PHE B 63 -18.91 3.26 -40.77
C PHE B 63 -20.22 2.57 -40.55
N THR B 64 -20.68 2.58 -39.30
CA THR B 64 -22.04 2.05 -39.02
C THR B 64 -23.02 2.80 -39.95
N SER B 65 -22.94 4.13 -39.95
CA SER B 65 -23.86 4.92 -40.81
C SER B 65 -23.73 4.66 -42.29
N ALA B 66 -22.49 4.45 -42.79
CA ALA B 66 -22.18 4.42 -44.22
C ALA B 66 -22.22 3.00 -44.84
N GLN B 67 -22.37 1.96 -44.03
CA GLN B 67 -22.15 0.58 -44.52
C GLN B 67 -23.38 0.17 -45.30
N GLN B 68 -23.17 -0.40 -46.47
CA GLN B 68 -24.29 -0.86 -47.33
C GLN B 68 -24.33 -2.37 -47.28
N GLN B 69 -25.51 -2.96 -47.40
CA GLN B 69 -25.50 -4.38 -47.72
C GLN B 69 -24.82 -4.63 -49.03
N LEU B 70 -24.05 -5.71 -49.09
CA LEU B 70 -23.21 -5.98 -50.27
C LEU B 70 -23.79 -7.13 -51.08
N PRO B 71 -23.78 -7.01 -52.39
CA PRO B 71 -24.42 -8.12 -53.16
C PRO B 71 -23.68 -9.47 -53.04
N LYS B 72 -24.47 -10.51 -52.79
CA LYS B 72 -23.97 -11.86 -52.69
C LYS B 72 -23.04 -12.28 -53.83
N ASN B 73 -21.95 -12.93 -53.49
CA ASN B 73 -21.00 -13.49 -54.43
C ASN B 73 -20.19 -12.48 -55.23
N LYS B 74 -20.40 -11.17 -55.03
CA LYS B 74 -19.70 -10.16 -55.86
C LYS B 74 -18.59 -9.40 -55.15
N VAL B 75 -18.35 -9.68 -53.88
CA VAL B 75 -17.34 -8.87 -53.18
C VAL B 75 -15.92 -9.29 -53.62
N MET B 76 -15.09 -8.30 -53.99
CA MET B 76 -13.68 -8.55 -54.35
C MET B 76 -12.76 -7.82 -53.35
N PHE B 77 -11.66 -8.46 -53.01
CA PHE B 77 -10.56 -7.89 -52.20
C PHE B 77 -9.31 -7.97 -53.10
N TRP B 78 -8.27 -7.23 -52.77
CA TRP B 78 -7.12 -7.17 -53.70
C TRP B 78 -5.91 -6.75 -52.88
N SER B 79 -4.71 -7.24 -53.23
CA SER B 79 -3.49 -6.76 -52.60
C SER B 79 -2.44 -6.66 -53.68
N GLY B 80 -1.92 -5.45 -53.88
CA GLY B 80 -0.72 -5.24 -54.72
C GLY B 80 -1.04 -5.07 -56.21
N VAL B 81 -2.34 -5.08 -56.57
CA VAL B 81 -2.78 -5.04 -57.91
C VAL B 81 -3.92 -4.06 -58.08
N TYR B 82 -3.78 -2.88 -57.48
CA TYR B 82 -4.91 -1.87 -57.53
C TYR B 82 -5.55 -1.72 -58.97
N ASP B 83 -4.72 -1.43 -59.97
CA ASP B 83 -5.26 -1.14 -61.29
C ASP B 83 -5.90 -2.39 -61.91
N GLU B 84 -5.22 -3.53 -61.84
CA GLU B 84 -5.74 -4.73 -62.54
C GLU B 84 -7.04 -5.20 -61.93
N ALA B 85 -7.10 -5.15 -60.58
CA ALA B 85 -8.30 -5.60 -59.82
C ALA B 85 -9.45 -4.66 -60.12
N HIS B 86 -9.19 -3.36 -60.08
CA HIS B 86 -10.30 -2.44 -60.45
C HIS B 86 -10.76 -2.46 -61.90
N ASP B 87 -9.83 -2.63 -62.84
CA ASP B 87 -10.20 -2.77 -64.27
C ASP B 87 -11.03 -4.04 -64.47
N TYR B 88 -10.61 -5.14 -63.87
CA TYR B 88 -11.33 -6.39 -64.00
C TYR B 88 -12.70 -6.29 -63.34
N ALA B 89 -12.77 -5.61 -62.19
CA ALA B 89 -14.04 -5.55 -61.45
C ALA B 89 -15.07 -4.70 -62.21
N ASN B 90 -14.52 -3.77 -62.97
CA ASN B 90 -15.28 -2.98 -63.96
C ASN B 90 -16.45 -2.10 -63.36
N THR B 91 -16.07 -1.25 -62.42
CA THR B 91 -16.98 -0.27 -61.75
C THR B 91 -18.26 -0.96 -61.26
N GLY B 92 -18.05 -2.06 -60.53
CA GLY B 92 -19.17 -2.74 -59.90
C GLY B 92 -19.98 -3.67 -60.79
N ARG B 93 -19.68 -3.68 -62.10
CA ARG B 93 -20.41 -4.58 -63.06
C ARG B 93 -20.10 -6.06 -62.90
N LYS B 94 -18.82 -6.38 -62.75
CA LYS B 94 -18.44 -7.74 -62.56
C LYS B 94 -18.21 -8.02 -61.06
N TYR B 95 -17.43 -7.17 -60.40
CA TYR B 95 -17.31 -7.30 -58.95
C TYR B 95 -17.42 -5.93 -58.25
N ILE B 96 -17.65 -5.95 -56.96
CA ILE B 96 -17.62 -4.78 -56.08
C ILE B 96 -16.25 -4.77 -55.46
N THR B 97 -15.63 -3.59 -55.45
CA THR B 97 -14.45 -3.38 -54.58
C THR B 97 -14.80 -2.38 -53.44
N LEU B 98 -13.92 -2.26 -52.45
CA LEU B 98 -14.17 -1.29 -51.37
C LEU B 98 -14.38 0.12 -51.95
N GLU B 99 -13.56 0.44 -52.95
CA GLU B 99 -13.60 1.70 -53.60
C GLU B 99 -14.94 2.02 -54.31
N ASP B 100 -15.78 0.99 -54.57
CA ASP B 100 -17.11 1.24 -55.05
C ASP B 100 -18.19 1.50 -54.01
N THR B 101 -17.87 1.25 -52.73
CA THR B 101 -18.85 1.41 -51.68
C THR B 101 -18.87 2.87 -51.33
N LEU B 102 -19.92 3.28 -50.62
CA LEU B 102 -20.04 4.70 -50.31
C LEU B 102 -18.82 5.32 -49.57
N PRO B 103 -18.43 4.76 -48.43
CA PRO B 103 -17.26 5.34 -47.77
C PRO B 103 -16.00 5.24 -48.58
N GLY B 104 -15.81 4.16 -49.34
CA GLY B 104 -14.53 3.99 -50.12
C GLY B 104 -14.51 5.02 -51.23
N TYR B 105 -15.67 5.25 -51.86
CA TYR B 105 -15.78 6.21 -52.99
C TYR B 105 -15.53 7.65 -52.48
N MET B 106 -16.19 7.98 -51.37
CA MET B 106 -16.07 9.35 -50.79
C MET B 106 -14.68 9.73 -50.40
N LEU B 107 -13.94 8.79 -49.82
CA LEU B 107 -12.64 9.17 -49.25
C LEU B 107 -11.44 8.69 -50.05
N ASN B 108 -11.69 7.90 -51.09
CA ASN B 108 -10.59 7.44 -51.93
C ASN B 108 -9.63 8.61 -52.35
N SER B 109 -8.37 8.35 -52.09
CA SER B 109 -7.25 9.24 -52.38
C SER B 109 -7.22 10.48 -51.54
N LEU B 110 -8.16 10.67 -50.62
CA LEU B 110 -8.12 11.98 -49.90
C LEU B 110 -7.12 11.96 -48.75
N VAL B 111 -6.70 13.12 -48.29
CA VAL B 111 -5.70 13.21 -47.21
C VAL B 111 -6.24 14.26 -46.23
N TRP B 112 -6.36 13.86 -44.98
CA TRP B 112 -6.91 14.73 -43.92
C TRP B 112 -6.27 14.37 -42.60
N CYS B 113 -6.20 15.31 -41.66
CA CYS B 113 -5.83 14.98 -40.28
C CYS B 113 -6.41 16.00 -39.31
N GLY B 114 -6.55 15.58 -38.06
CA GLY B 114 -7.03 16.48 -37.01
C GLY B 114 -5.89 17.38 -36.52
N GLN B 115 -6.29 18.41 -35.79
CA GLN B 115 -5.37 19.18 -34.89
C GLN B 115 -6.22 19.64 -33.72
N ARG B 116 -5.58 19.91 -32.57
CA ARG B 116 -6.34 20.45 -31.44
C ARG B 116 -6.93 21.82 -31.61
N ALA B 117 -6.16 22.76 -32.19
CA ALA B 117 -6.59 24.16 -32.34
C ALA B 117 -7.68 24.28 -33.41
N ASN B 118 -8.50 25.34 -33.33
CA ASN B 118 -9.52 25.55 -34.35
C ASN B 118 -8.88 25.70 -35.72
N PRO B 119 -9.57 25.24 -36.79
CA PRO B 119 -10.90 24.68 -36.92
C PRO B 119 -10.99 23.14 -36.61
N GLY B 120 -9.96 22.57 -35.97
CA GLY B 120 -10.02 21.21 -35.49
C GLY B 120 -9.52 20.20 -36.51
N PHE B 121 -9.03 20.73 -37.64
CA PHE B 121 -8.28 19.92 -38.60
C PHE B 121 -7.15 20.72 -39.20
N ASN B 122 -6.17 20.06 -39.77
CA ASN B 122 -5.02 20.77 -40.29
C ASN B 122 -5.19 20.91 -41.81
N GLU B 123 -5.27 22.15 -42.32
CA GLU B 123 -5.39 22.42 -43.78
C GLU B 123 -4.04 22.65 -44.43
N LYS B 124 -2.98 22.57 -43.64
CA LYS B 124 -1.67 22.85 -44.20
C LYS B 124 -0.83 21.62 -44.36
N VAL B 125 -0.81 20.75 -43.37
CA VAL B 125 0.11 19.62 -43.40
C VAL B 125 -0.45 18.46 -42.55
N CYS B 126 -0.13 17.22 -42.94
CA CYS B 126 -0.43 16.03 -42.12
C CYS B 126 0.88 15.25 -41.87
N PRO B 127 1.03 14.60 -40.70
CA PRO B 127 2.29 13.86 -40.51
C PRO B 127 2.44 12.61 -41.42
N ASP B 128 3.68 12.15 -41.62
CA ASP B 128 3.88 10.81 -42.18
C ASP B 128 3.24 9.83 -41.17
N PHE B 129 2.22 9.06 -41.57
CA PHE B 129 1.59 8.19 -40.56
C PHE B 129 2.49 7.00 -40.12
N LYS B 130 3.70 6.83 -40.69
CA LYS B 130 4.65 6.00 -39.95
C LYS B 130 5.14 6.64 -38.70
N THR B 131 4.87 7.92 -38.46
CA THR B 131 5.23 8.44 -37.15
C THR B 131 4.14 8.19 -36.10
N CYS B 132 2.96 7.73 -36.55
CA CYS B 132 1.84 7.51 -35.62
C CYS B 132 1.75 6.01 -35.21
N PRO B 133 1.15 5.74 -34.06
CA PRO B 133 0.97 4.31 -33.74
C PRO B 133 0.10 3.67 -34.85
N VAL B 134 0.31 2.38 -35.10
CA VAL B 134 -0.40 1.70 -36.19
C VAL B 134 -1.94 1.83 -36.13
N GLN B 135 -2.48 1.84 -34.95
CA GLN B 135 -3.94 1.90 -34.75
C GLN B 135 -4.51 3.29 -35.19
N ALA B 136 -3.70 4.35 -35.07
CA ALA B 136 -4.03 5.68 -35.59
C ALA B 136 -3.83 5.74 -37.08
N ARG B 137 -2.67 5.23 -37.54
CA ARG B 137 -2.25 5.19 -38.94
C ARG B 137 -3.30 4.44 -39.75
N GLU B 138 -3.87 3.40 -39.10
CA GLU B 138 -4.80 2.53 -39.88
C GLU B 138 -6.23 2.69 -39.45
N SER B 139 -6.47 3.73 -38.65
CA SER B 139 -7.78 3.91 -38.04
C SER B 139 -8.91 3.92 -39.10
N PHE B 140 -8.71 4.71 -40.16
CA PHE B 140 -9.79 4.92 -41.13
C PHE B 140 -9.91 3.75 -42.10
N TRP B 141 -8.85 3.48 -42.82
CA TRP B 141 -8.91 2.43 -43.88
C TRP B 141 -8.95 0.99 -43.27
N GLY B 142 -8.39 0.80 -42.08
CA GLY B 142 -8.50 -0.54 -41.47
C GLY B 142 -9.95 -0.77 -41.01
N MET B 143 -10.61 0.22 -40.45
CA MET B 143 -12.02 -0.02 -40.07
C MET B 143 -12.90 -0.13 -41.32
N ALA B 144 -12.58 0.64 -42.40
CA ALA B 144 -13.28 0.47 -43.73
C ALA B 144 -13.23 -0.96 -44.27
N SER B 145 -12.01 -1.53 -44.37
CA SER B 145 -11.86 -2.94 -44.72
C SER B 145 -12.60 -3.91 -43.81
N SER B 146 -12.49 -3.69 -42.47
CA SER B 146 -13.16 -4.63 -41.49
C SER B 146 -14.66 -4.64 -41.71
N SER B 147 -15.21 -3.45 -41.90
CA SER B 147 -16.69 -3.28 -41.99
C SER B 147 -17.17 -3.90 -43.35
N TYR B 148 -16.37 -3.67 -44.39
CA TYR B 148 -16.62 -4.14 -45.78
C TYR B 148 -16.57 -5.66 -45.73
N ALA B 149 -15.48 -6.19 -45.12
CA ALA B 149 -15.30 -7.61 -45.11
C ALA B 149 -16.44 -8.24 -44.33
N HIS B 150 -16.78 -7.62 -43.21
CA HIS B 150 -17.84 -8.13 -42.32
C HIS B 150 -19.20 -8.24 -43.03
N SER B 151 -19.43 -7.39 -44.05
CA SER B 151 -20.68 -7.40 -44.83
C SER B 151 -20.75 -8.40 -45.97
N ALA B 152 -19.61 -9.04 -46.32
CA ALA B 152 -19.54 -9.90 -47.47
C ALA B 152 -20.37 -11.14 -47.24
N GLU B 153 -21.03 -11.58 -48.30
CA GLU B 153 -21.82 -12.88 -48.32
C GLU B 153 -21.54 -13.68 -49.58
N GLY B 154 -21.61 -15.00 -49.47
CA GLY B 154 -21.53 -15.94 -50.61
C GLY B 154 -20.04 -16.11 -50.91
N GLU B 155 -19.68 -16.18 -52.18
CA GLU B 155 -18.28 -16.29 -52.55
C GLU B 155 -17.61 -14.95 -52.60
N VAL B 156 -16.35 -14.90 -52.21
CA VAL B 156 -15.57 -13.66 -52.32
C VAL B 156 -14.37 -13.95 -53.15
N THR B 157 -13.80 -12.92 -53.77
CA THR B 157 -12.73 -13.10 -54.72
C THR B 157 -11.59 -12.24 -54.24
N TYR B 158 -10.36 -12.77 -54.38
CA TYR B 158 -9.17 -12.06 -53.95
C TYR B 158 -8.11 -12.04 -55.02
N MET B 159 -7.80 -10.85 -55.53
CA MET B 159 -6.76 -10.78 -56.50
C MET B 159 -5.43 -10.40 -55.89
N VAL B 160 -4.36 -11.11 -56.27
CA VAL B 160 -3.03 -10.94 -55.69
C VAL B 160 -1.94 -10.91 -56.77
N ASP B 161 -0.77 -10.39 -56.42
CA ASP B 161 0.37 -10.27 -57.33
C ASP B 161 1.20 -11.51 -57.11
N GLY B 162 1.42 -12.28 -58.16
CA GLY B 162 2.31 -13.46 -58.00
C GLY B 162 3.71 -13.29 -58.58
N SER B 163 4.09 -12.03 -58.80
CA SER B 163 5.29 -11.71 -59.53
C SER B 163 6.15 -10.67 -58.78
N ASN B 164 5.89 -10.46 -57.48
CA ASN B 164 6.63 -9.47 -56.72
C ASN B 164 7.65 -10.15 -55.81
N PRO B 165 8.96 -10.09 -56.16
CA PRO B 165 9.87 -10.88 -55.33
C PRO B 165 10.07 -10.29 -53.95
N LYS B 166 9.67 -9.04 -53.70
CA LYS B 166 9.75 -8.46 -52.32
C LYS B 166 8.45 -8.60 -51.44
N VAL B 167 7.31 -8.96 -52.03
CA VAL B 167 6.03 -8.87 -51.30
C VAL B 167 5.30 -10.13 -51.69
N PRO B 168 5.24 -11.13 -50.80
CA PRO B 168 4.45 -12.33 -51.11
C PRO B 168 3.00 -12.06 -51.46
N ALA B 169 2.39 -12.99 -52.18
CA ALA B 169 1.06 -12.79 -52.76
C ALA B 169 0.05 -12.58 -51.66
N TYR B 170 0.13 -13.47 -50.64
CA TYR B 170 -0.62 -13.30 -49.39
C TYR B 170 0.39 -12.96 -48.24
N ARG B 171 0.06 -11.97 -47.42
CA ARG B 171 0.83 -11.56 -46.23
C ARG B 171 -0.19 -11.29 -45.11
N PRO B 172 0.06 -11.78 -43.87
CA PRO B 172 -0.88 -11.46 -42.76
C PRO B 172 -0.88 -9.97 -42.45
N ASP B 173 0.23 -9.29 -42.77
CA ASP B 173 0.31 -7.81 -42.60
C ASP B 173 -0.26 -6.91 -43.67
N SER B 174 -0.85 -7.43 -44.74
CA SER B 174 -1.48 -6.59 -45.73
C SER B 174 -2.84 -6.14 -45.13
N PHE B 175 -3.49 -5.19 -45.71
CA PHE B 175 -4.85 -4.86 -45.27
C PHE B 175 -5.75 -6.06 -45.35
N PHE B 176 -5.60 -6.87 -46.39
CA PHE B 176 -6.43 -8.05 -46.50
C PHE B 176 -6.16 -9.02 -45.32
N GLY B 177 -4.89 -9.27 -45.05
CA GLY B 177 -4.50 -10.16 -43.96
C GLY B 177 -4.85 -9.67 -42.58
N LYS B 178 -4.85 -8.34 -42.38
CA LYS B 178 -5.08 -7.75 -41.05
C LYS B 178 -6.56 -7.59 -40.72
N TYR B 179 -7.36 -7.21 -41.71
CA TYR B 179 -8.72 -6.65 -41.47
C TYR B 179 -9.76 -7.31 -42.31
N GLU B 180 -9.39 -8.07 -43.37
CA GLU B 180 -10.44 -8.57 -44.27
C GLU B 180 -10.64 -10.05 -44.06
N LEU B 181 -9.64 -10.88 -44.41
CA LEU B 181 -9.75 -12.34 -44.14
C LEU B 181 -10.26 -12.68 -42.77
N PRO B 182 -9.65 -12.10 -41.73
CA PRO B 182 -10.14 -12.51 -40.38
C PRO B 182 -11.57 -12.03 -40.02
N ASN B 183 -12.09 -11.03 -40.72
CA ASN B 183 -13.41 -10.53 -40.39
C ASN B 183 -14.53 -11.10 -41.33
N LEU B 184 -14.15 -12.03 -42.19
CA LEU B 184 -15.18 -12.73 -43.03
C LEU B 184 -16.04 -13.54 -42.06
N THR B 185 -17.35 -13.49 -42.24
CA THR B 185 -18.32 -14.20 -41.34
C THR B 185 -18.73 -15.56 -41.93
N ASN B 186 -19.56 -16.29 -41.20
CA ASN B 186 -20.13 -17.53 -41.73
C ASN B 186 -21.14 -17.36 -42.87
N LYS B 187 -21.45 -16.15 -43.27
CA LYS B 187 -22.24 -15.89 -44.49
C LYS B 187 -21.40 -16.08 -45.74
N VAL B 188 -20.09 -16.07 -45.54
CA VAL B 188 -19.13 -16.36 -46.63
C VAL B 188 -19.00 -17.89 -46.83
N THR B 189 -18.98 -18.31 -48.08
CA THR B 189 -18.93 -19.74 -48.42
C THR B 189 -17.59 -20.14 -49.03
N ARG B 190 -16.89 -19.22 -49.70
CA ARG B 190 -15.74 -19.62 -50.44
C ARG B 190 -14.85 -18.42 -50.70
N VAL B 191 -13.56 -18.68 -50.86
CA VAL B 191 -12.60 -17.63 -51.18
C VAL B 191 -11.97 -18.05 -52.49
N LYS B 192 -12.13 -17.20 -53.51
CA LYS B 192 -11.64 -17.49 -54.87
C LYS B 192 -10.43 -16.60 -55.18
N VAL B 193 -9.25 -17.18 -55.29
CA VAL B 193 -8.06 -16.37 -55.45
C VAL B 193 -7.77 -16.29 -56.95
N ILE B 194 -7.37 -15.09 -57.42
CA ILE B 194 -6.92 -14.92 -58.79
C ILE B 194 -5.49 -14.38 -58.64
N VAL B 195 -4.51 -15.14 -59.11
CA VAL B 195 -3.11 -14.75 -59.07
C VAL B 195 -2.71 -14.11 -60.40
N LEU B 196 -2.13 -12.93 -60.30
CA LEU B 196 -1.62 -12.31 -61.49
C LEU B 196 -0.22 -12.75 -61.72
N HIS B 197 0.05 -13.25 -62.91
CA HIS B 197 1.47 -13.49 -63.28
C HIS B 197 1.82 -12.42 -64.32
N ARG B 198 2.39 -11.32 -63.84
CA ARG B 198 2.65 -10.17 -64.71
C ARG B 198 3.34 -10.60 -66.01
N LEU B 199 2.91 -10.00 -67.11
CA LEU B 199 3.50 -10.28 -68.40
C LEU B 199 5.02 -9.99 -68.48
N GLY B 200 5.72 -10.97 -69.04
CA GLY B 200 7.20 -10.88 -69.29
C GLY B 200 8.04 -10.77 -68.04
N GLU B 201 7.51 -11.26 -66.92
CA GLU B 201 8.19 -11.26 -65.62
C GLU B 201 8.26 -12.65 -64.98
N LYS B 202 9.32 -12.91 -64.20
CA LYS B 202 9.48 -14.19 -63.50
C LYS B 202 8.28 -14.44 -62.59
N ILE B 203 7.76 -15.65 -62.57
CA ILE B 203 6.71 -16.05 -61.63
C ILE B 203 7.34 -16.28 -60.23
N ILE B 204 6.77 -15.60 -59.21
CA ILE B 204 7.31 -15.72 -57.83
C ILE B 204 6.41 -16.69 -57.03
N GLU B 205 5.08 -16.59 -57.19
CA GLU B 205 4.15 -17.39 -56.43
C GLU B 205 3.21 -18.11 -57.31
N LYS B 206 2.76 -19.28 -56.85
CA LYS B 206 1.86 -20.19 -57.60
C LYS B 206 0.78 -20.75 -56.69
N CYS B 207 -0.39 -21.08 -57.21
CA CYS B 207 -1.43 -21.73 -56.40
C CYS B 207 -0.82 -23.02 -55.76
N GLY B 208 -1.28 -23.38 -54.56
CA GLY B 208 -0.80 -24.60 -53.92
C GLY B 208 0.62 -24.55 -53.36
N ALA B 209 1.30 -23.39 -53.40
CA ALA B 209 2.62 -23.28 -52.81
C ALA B 209 2.87 -21.91 -52.12
N GLY B 210 3.99 -21.81 -51.39
CA GLY B 210 4.40 -20.57 -50.69
C GLY B 210 3.22 -19.93 -49.90
N SER B 211 3.07 -18.63 -49.99
CA SER B 211 2.09 -17.90 -49.16
C SER B 211 0.65 -18.23 -49.57
N LEU B 212 0.48 -18.73 -50.80
CA LEU B 212 -0.82 -19.18 -51.34
C LEU B 212 -1.36 -20.48 -50.70
N LEU B 213 -0.42 -21.33 -50.29
CA LEU B 213 -0.69 -22.51 -49.50
C LEU B 213 -0.98 -22.08 -48.05
N ASP B 214 -0.25 -21.09 -47.53
CA ASP B 214 -0.52 -20.61 -46.16
C ASP B 214 -1.96 -20.05 -46.17
N LEU B 215 -2.29 -19.30 -47.22
CA LEU B 215 -3.62 -18.72 -47.35
C LEU B 215 -4.76 -19.76 -47.46
N GLU B 216 -4.61 -20.74 -48.33
CA GLU B 216 -5.54 -21.91 -48.41
C GLU B 216 -5.80 -22.59 -47.03
N LYS B 217 -4.71 -22.82 -46.26
CA LYS B 217 -4.86 -23.37 -44.89
C LYS B 217 -5.74 -22.45 -44.01
N LEU B 218 -5.47 -21.16 -44.04
CA LEU B 218 -6.23 -20.20 -43.22
C LEU B 218 -7.68 -20.17 -43.60
N VAL B 219 -7.93 -20.29 -44.90
CA VAL B 219 -9.28 -20.22 -45.45
C VAL B 219 -10.07 -21.46 -45.02
N LYS B 220 -9.46 -22.64 -45.19
CA LYS B 220 -10.06 -23.86 -44.75
C LYS B 220 -10.17 -23.86 -43.22
N ALA B 221 -9.22 -23.26 -42.49
CA ALA B 221 -9.44 -23.12 -41.02
C ALA B 221 -10.69 -22.28 -40.62
N LYS B 222 -11.05 -21.30 -41.44
CA LYS B 222 -12.24 -20.48 -41.12
C LYS B 222 -13.46 -21.20 -41.73
N HIS B 223 -13.25 -22.42 -42.24
CA HIS B 223 -14.34 -23.29 -42.76
C HIS B 223 -14.96 -22.80 -44.09
N PHE B 224 -14.19 -22.15 -44.94
CA PHE B 224 -14.66 -21.78 -46.26
C PHE B 224 -14.10 -22.77 -47.28
N ALA B 225 -14.81 -22.96 -48.39
CA ALA B 225 -14.14 -23.47 -49.56
C ALA B 225 -13.04 -22.53 -50.13
N PHE B 226 -12.19 -23.08 -51.00
CA PHE B 226 -11.06 -22.34 -51.55
C PHE B 226 -10.84 -22.76 -52.99
N ASP B 227 -10.60 -21.82 -53.91
CA ASP B 227 -10.00 -22.16 -55.20
C ASP B 227 -9.02 -21.05 -55.60
N CYS B 228 -8.23 -21.27 -56.62
CA CYS B 228 -7.14 -20.39 -56.91
C CYS B 228 -6.84 -20.63 -58.38
N VAL B 229 -6.71 -19.57 -59.19
CA VAL B 229 -6.33 -19.69 -60.60
C VAL B 229 -5.33 -18.63 -60.93
N GLU B 230 -4.42 -18.94 -61.85
CA GLU B 230 -3.37 -18.02 -62.30
C GLU B 230 -3.69 -17.47 -63.71
N ASN B 231 -3.71 -16.14 -63.88
CA ASN B 231 -4.04 -15.52 -65.17
C ASN B 231 -5.25 -16.19 -65.86
N PRO B 232 -6.40 -16.24 -65.15
CA PRO B 232 -7.52 -16.80 -65.92
C PRO B 232 -7.67 -15.95 -67.20
N ARG B 233 -8.27 -16.48 -68.25
CA ARG B 233 -8.20 -15.84 -69.58
C ARG B 233 -8.75 -14.44 -69.62
N ALA B 234 -9.92 -14.17 -69.01
CA ALA B 234 -10.42 -12.77 -68.98
C ALA B 234 -9.48 -11.75 -68.40
N VAL B 235 -8.66 -12.17 -67.44
CA VAL B 235 -7.75 -11.26 -66.77
C VAL B 235 -6.49 -11.10 -67.65
N LEU B 236 -6.00 -12.23 -68.15
CA LEU B 236 -4.91 -12.24 -69.10
C LEU B 236 -5.09 -11.24 -70.25
N PHE B 237 -6.26 -11.33 -70.90
CA PHE B 237 -6.55 -10.39 -71.95
C PHE B 237 -6.55 -8.96 -71.54
N LEU B 238 -7.06 -8.63 -70.36
CA LEU B 238 -6.87 -7.26 -69.87
C LEU B 238 -5.39 -6.84 -69.77
N LEU B 239 -4.57 -7.72 -69.21
CA LEU B 239 -3.11 -7.53 -69.15
C LEU B 239 -2.56 -7.34 -70.51
N CYS B 240 -3.04 -8.16 -71.45
CA CYS B 240 -2.57 -8.09 -72.85
C CYS B 240 -2.90 -6.77 -73.55
N SER B 241 -4.06 -6.18 -73.21
CA SER B 241 -4.41 -4.90 -73.80
C SER B 241 -3.32 -3.83 -73.62
N ASP B 242 -2.64 -3.88 -72.48
CA ASP B 242 -1.62 -2.89 -72.14
C ASP B 242 -0.21 -3.23 -72.57
N ASN B 243 0.02 -4.45 -73.07
CA ASN B 243 1.34 -4.86 -73.48
C ASN B 243 1.06 -5.89 -74.57
N PRO B 244 0.51 -5.45 -75.75
CA PRO B 244 0.00 -6.39 -76.76
C PRO B 244 1.04 -7.26 -77.42
N ASN B 245 2.31 -6.91 -77.27
CA ASN B 245 3.40 -7.64 -77.91
C ASN B 245 4.07 -8.65 -76.99
N ALA B 246 3.54 -8.81 -75.80
CA ALA B 246 4.08 -9.79 -74.83
C ALA B 246 3.84 -11.22 -75.33
N ARG B 247 4.78 -12.13 -75.08
CA ARG B 247 4.79 -13.51 -75.54
C ARG B 247 3.51 -14.24 -75.17
N GLU B 248 3.06 -14.05 -73.94
CA GLU B 248 1.84 -14.67 -73.40
C GLU B 248 0.61 -14.31 -74.21
N CYS B 249 0.73 -13.24 -75.02
CA CYS B 249 -0.43 -12.68 -75.75
C CYS B 249 -0.50 -13.07 -77.27
N ARG B 250 0.37 -13.95 -77.72
CA ARG B 250 0.41 -14.30 -79.17
C ARG B 250 -0.94 -14.96 -79.56
N LEU B 251 -1.55 -14.48 -80.64
CA LEU B 251 -2.81 -15.08 -81.13
C LEU B 251 -2.59 -16.18 -82.18
N ALA B 252 -3.54 -17.12 -82.22
CA ALA B 252 -3.62 -18.19 -83.25
C ALA B 252 -2.89 -17.88 -84.57
N ALA C 1 -1.75 -27.89 -35.39
CA ALA C 1 -2.61 -27.07 -34.47
C ALA C 1 -1.71 -26.39 -33.38
N ILE C 2 -2.15 -25.25 -32.84
CA ILE C 2 -1.39 -24.53 -31.82
C ILE C 2 -1.83 -24.91 -30.37
N VAL C 3 -0.82 -25.14 -29.55
CA VAL C 3 -0.94 -25.87 -28.29
C VAL C 3 -0.87 -24.87 -27.16
N PRO C 4 -1.96 -24.67 -26.37
CA PRO C 4 -1.89 -23.71 -25.30
C PRO C 4 -0.89 -24.19 -24.26
N THR C 5 -0.15 -23.26 -23.61
CA THR C 5 0.63 -23.58 -22.39
C THR C 5 -0.18 -24.31 -21.34
N ARG C 6 0.35 -25.40 -20.78
CA ARG C 6 -0.43 -26.08 -19.68
C ARG C 6 -0.30 -25.34 -18.33
N GLU C 7 -1.34 -25.44 -17.46
CA GLU C 7 -1.24 -24.82 -16.10
C GLU C 7 -0.84 -23.35 -16.19
N LEU C 8 -1.60 -22.62 -16.99
CA LEU C 8 -1.19 -21.24 -17.35
C LEU C 8 -1.10 -20.42 -16.09
N GLU C 9 -2.09 -20.58 -15.22
CA GLU C 9 -2.12 -19.73 -14.02
C GLU C 9 -0.92 -20.05 -13.09
N ASN C 10 -0.65 -21.33 -12.91
CA ASN C 10 0.52 -21.72 -12.12
C ASN C 10 1.82 -21.22 -12.71
N VAL C 11 1.93 -21.22 -14.04
CA VAL C 11 3.19 -20.75 -14.67
C VAL C 11 3.31 -19.25 -14.46
N PHE C 12 2.25 -18.53 -14.73
CA PHE C 12 2.24 -17.09 -14.58
C PHE C 12 2.62 -16.71 -13.09
N LEU C 13 1.88 -17.29 -12.14
CA LEU C 13 2.09 -17.00 -10.72
C LEU C 13 3.51 -17.38 -10.28
N GLY C 14 4.02 -18.49 -10.83
CA GLY C 14 5.33 -18.96 -10.37
C GLY C 14 6.41 -18.09 -10.96
N ARG C 15 6.29 -17.73 -12.23
CA ARG C 15 7.26 -16.77 -12.78
C ARG C 15 7.16 -15.41 -12.04
N CYS C 16 5.91 -14.98 -11.76
CA CYS C 16 5.66 -13.66 -11.12
C CYS C 16 6.37 -13.64 -9.75
N LYS C 17 6.20 -14.73 -8.98
CA LYS C 17 6.79 -14.83 -7.66
C LYS C 17 8.30 -14.92 -7.71
N ASP C 18 8.82 -15.82 -8.53
CA ASP C 18 10.25 -15.84 -8.76
C ASP C 18 10.85 -14.46 -9.09
N TYR C 19 10.22 -13.76 -10.02
CA TYR C 19 10.68 -12.46 -10.47
C TYR C 19 10.64 -11.52 -9.27
N GLU C 20 9.45 -11.42 -8.65
CA GLU C 20 9.25 -10.46 -7.49
C GLU C 20 10.41 -10.55 -6.49
N ILE C 21 10.68 -11.78 -6.02
CA ILE C 21 11.62 -11.96 -4.91
C ILE C 21 13.06 -12.04 -5.35
N THR C 22 13.30 -12.55 -6.55
CA THR C 22 14.67 -12.93 -6.90
C THR C 22 15.32 -12.34 -8.13
N ARG C 23 14.51 -11.88 -9.09
CA ARG C 23 15.11 -11.50 -10.37
C ARG C 23 15.28 -10.01 -10.62
N TYR C 24 16.38 -9.64 -11.28
CA TYR C 24 16.63 -8.21 -11.70
C TYR C 24 16.59 -7.28 -10.51
N LEU C 25 16.94 -7.78 -9.32
CA LEU C 25 16.67 -7.01 -8.12
C LEU C 25 17.46 -5.66 -8.13
N ASP C 26 18.63 -5.66 -8.75
CA ASP C 26 19.40 -4.42 -8.75
C ASP C 26 19.25 -3.65 -10.08
N ILE C 27 18.31 -4.11 -10.91
CA ILE C 27 18.30 -3.66 -12.29
C ILE C 27 16.96 -3.06 -12.66
N LEU C 28 15.86 -3.61 -12.14
CA LEU C 28 14.53 -3.07 -12.37
C LEU C 28 13.80 -3.02 -11.06
N PRO C 29 12.88 -2.05 -10.89
CA PRO C 29 12.12 -1.97 -9.67
C PRO C 29 11.04 -3.03 -9.57
N ARG C 30 10.51 -3.23 -8.36
CA ARG C 30 9.37 -4.10 -8.08
C ARG C 30 8.11 -3.31 -8.44
N VAL C 31 7.04 -3.99 -8.77
CA VAL C 31 5.80 -3.32 -9.09
C VAL C 31 4.98 -3.34 -7.79
N ARG C 32 3.94 -2.50 -7.68
CA ARG C 32 3.24 -2.44 -6.43
C ARG C 32 2.26 -3.60 -6.28
N SER C 33 1.64 -4.05 -7.37
CA SER C 33 0.57 -5.08 -7.24
C SER C 33 1.16 -6.46 -6.94
N ASP C 34 0.41 -7.23 -6.13
CA ASP C 34 0.79 -8.61 -5.91
C ASP C 34 0.49 -9.47 -7.15
N CYS C 35 1.06 -10.67 -7.14
CA CYS C 35 0.92 -11.61 -8.26
C CYS C 35 -0.54 -12.01 -8.46
N SER C 36 -1.27 -12.16 -7.37
CA SER C 36 -2.67 -12.51 -7.62
C SER C 36 -3.46 -11.38 -8.30
N ALA C 37 -3.27 -10.10 -7.91
CA ALA C 37 -3.89 -8.95 -8.62
C ALA C 37 -3.45 -8.85 -10.13
N LEU C 38 -2.15 -9.11 -10.41
CA LEU C 38 -1.70 -9.18 -11.78
C LEU C 38 -2.43 -10.26 -12.57
N TRP C 39 -2.57 -11.44 -11.97
CA TRP C 39 -3.23 -12.58 -12.66
C TRP C 39 -4.67 -12.16 -12.99
N LYS C 40 -5.38 -11.58 -11.99
CA LYS C 40 -6.75 -11.13 -12.27
C LYS C 40 -6.86 -10.17 -13.45
N ASP C 41 -6.00 -9.17 -13.54
CA ASP C 41 -6.01 -8.20 -14.66
C ASP C 41 -5.64 -8.86 -15.99
N PHE C 42 -4.66 -9.75 -15.97
CA PHE C 42 -4.29 -10.48 -17.17
C PHE C 42 -5.46 -11.37 -17.67
N PHE C 43 -6.02 -12.10 -16.74
CA PHE C 43 -6.99 -13.15 -17.10
C PHE C 43 -8.27 -12.52 -17.67
N LYS C 44 -8.66 -11.41 -17.10
CA LYS C 44 -9.90 -10.76 -17.55
C LYS C 44 -9.74 -10.18 -18.95
N ALA C 45 -8.49 -9.96 -19.44
CA ALA C 45 -8.34 -9.44 -20.78
C ALA C 45 -8.92 -10.37 -21.86
N PHE C 46 -8.71 -11.69 -21.69
CA PHE C 46 -9.06 -12.64 -22.73
C PHE C 46 -10.12 -13.64 -22.40
N SER C 47 -10.37 -13.84 -21.09
CA SER C 47 -11.25 -14.97 -20.68
C SER C 47 -12.72 -14.76 -20.98
N PHE C 48 -13.44 -15.87 -21.18
CA PHE C 48 -14.95 -15.86 -21.33
C PHE C 48 -15.34 -15.09 -22.59
N LYS C 49 -14.44 -15.13 -23.58
CA LYS C 49 -14.66 -14.50 -24.85
C LYS C 49 -14.15 -15.43 -25.97
N ASN C 50 -14.66 -15.32 -27.19
CA ASN C 50 -14.03 -16.09 -28.29
C ASN C 50 -12.53 -15.76 -28.40
N PRO C 51 -11.74 -16.70 -28.94
CA PRO C 51 -10.31 -16.46 -28.87
C PRO C 51 -9.83 -15.28 -29.70
N CYS C 52 -10.59 -14.85 -30.71
CA CYS C 52 -10.23 -13.70 -31.57
C CYS C 52 -10.87 -12.38 -31.12
N ASP C 53 -11.60 -12.40 -30.01
CA ASP C 53 -12.35 -11.22 -29.56
C ASP C 53 -11.51 -10.44 -28.51
N LEU C 54 -10.44 -9.84 -28.99
CA LEU C 54 -9.55 -9.02 -28.17
C LEU C 54 -9.22 -7.81 -28.95
N ASP C 55 -8.75 -6.77 -28.28
CA ASP C 55 -8.16 -5.64 -29.00
C ASP C 55 -6.99 -5.02 -28.21
N LEU C 56 -6.52 -3.87 -28.66
CA LEU C 56 -5.29 -3.32 -28.09
C LEU C 56 -5.60 -2.79 -26.69
N GLY C 57 -6.84 -2.44 -26.46
CA GLY C 57 -7.31 -2.08 -25.10
C GLY C 57 -7.44 -3.22 -24.09
N SER C 58 -7.48 -4.49 -24.51
CA SER C 58 -7.93 -5.59 -23.62
C SER C 58 -7.00 -5.75 -22.41
N TYR C 59 -5.68 -5.63 -22.60
CA TYR C 59 -4.70 -5.84 -21.50
C TYR C 59 -4.32 -4.50 -20.89
N LYS C 60 -5.09 -3.43 -21.16
CA LYS C 60 -4.69 -2.09 -20.63
C LYS C 60 -4.47 -2.11 -19.10
N ASP C 61 -5.42 -2.66 -18.30
CA ASP C 61 -5.23 -2.62 -16.86
C ASP C 61 -4.05 -3.52 -16.41
N PHE C 62 -3.95 -4.70 -17.02
CA PHE C 62 -2.79 -5.52 -16.77
C PHE C 62 -1.45 -4.73 -16.98
N PHE C 63 -1.27 -4.09 -18.09
CA PHE C 63 -0.02 -3.34 -18.29
C PHE C 63 0.13 -2.17 -17.39
N THR C 64 -0.98 -1.50 -17.04
CA THR C 64 -0.88 -0.43 -16.07
C THR C 64 -0.32 -0.95 -14.76
N SER C 65 -0.82 -2.07 -14.27
CA SER C 65 -0.35 -2.59 -13.05
C SER C 65 1.06 -3.27 -13.21
N ALA C 66 1.38 -3.83 -14.38
CA ALA C 66 2.70 -4.52 -14.49
C ALA C 66 3.86 -3.63 -14.92
N GLN C 67 3.59 -2.39 -15.35
CA GLN C 67 4.62 -1.58 -15.98
C GLN C 67 5.61 -1.02 -14.92
N GLN C 68 6.88 -1.31 -15.07
CA GLN C 68 7.92 -0.82 -14.15
C GLN C 68 8.50 0.43 -14.78
N GLN C 69 9.03 1.31 -13.96
CA GLN C 69 9.82 2.40 -14.46
C GLN C 69 11.12 1.83 -15.03
N LEU C 70 11.63 2.43 -16.12
CA LEU C 70 12.78 1.79 -16.84
C LEU C 70 13.99 2.70 -16.75
N PRO C 71 15.20 2.12 -16.61
CA PRO C 71 16.40 2.91 -16.37
C PRO C 71 16.80 3.69 -17.61
N LYS C 72 17.11 4.93 -17.33
CA LYS C 72 17.51 5.88 -18.32
C LYS C 72 18.68 5.31 -19.20
N ASN C 73 18.63 5.55 -20.52
CA ASN C 73 19.64 5.12 -21.44
C ASN C 73 19.84 3.64 -21.68
N LYS C 74 19.05 2.76 -21.04
CA LYS C 74 19.35 1.32 -21.07
C LYS C 74 18.28 0.54 -21.85
N VAL C 75 17.21 1.19 -22.33
CA VAL C 75 16.15 0.49 -23.11
C VAL C 75 16.61 0.12 -24.47
N MET C 76 16.45 -1.17 -24.78
CA MET C 76 16.79 -1.73 -26.07
C MET C 76 15.53 -2.29 -26.77
N PHE C 77 15.42 -2.00 -28.08
CA PHE C 77 14.41 -2.68 -28.95
C PHE C 77 15.18 -3.56 -29.94
N TRP C 78 14.51 -4.50 -30.59
CA TRP C 78 15.23 -5.38 -31.54
C TRP C 78 14.20 -5.86 -32.56
N SER C 79 14.61 -6.08 -33.83
CA SER C 79 13.72 -6.70 -34.83
C SER C 79 14.44 -7.80 -35.56
N GLY C 80 13.90 -9.01 -35.52
CA GLY C 80 14.48 -10.13 -36.32
C GLY C 80 15.85 -10.62 -35.82
N VAL C 81 16.28 -10.23 -34.61
CA VAL C 81 17.59 -10.66 -34.09
C VAL C 81 17.43 -11.05 -32.62
N TYR C 82 16.39 -11.82 -32.30
CA TYR C 82 16.22 -12.25 -30.90
C TYR C 82 17.50 -12.66 -30.12
N ASP C 83 18.15 -13.71 -30.60
CA ASP C 83 19.22 -14.30 -29.80
C ASP C 83 20.34 -13.27 -29.62
N GLU C 84 20.68 -12.55 -30.69
CA GLU C 84 21.86 -11.66 -30.70
C GLU C 84 21.66 -10.45 -29.82
N ALA C 85 20.44 -9.90 -29.88
CA ALA C 85 20.08 -8.73 -29.09
C ALA C 85 20.05 -9.07 -27.60
N HIS C 86 19.45 -10.23 -27.25
CA HIS C 86 19.37 -10.65 -25.86
C HIS C 86 20.76 -11.08 -25.33
N ASP C 87 21.56 -11.65 -26.23
CA ASP C 87 22.92 -12.02 -25.82
C ASP C 87 23.67 -10.73 -25.54
N TYR C 88 23.52 -9.73 -26.38
CA TYR C 88 24.27 -8.47 -26.16
C TYR C 88 23.77 -7.67 -24.97
N ALA C 89 22.44 -7.61 -24.82
CA ALA C 89 21.82 -6.96 -23.68
C ALA C 89 22.31 -7.65 -22.38
N ASN C 90 22.54 -8.97 -22.43
CA ASN C 90 23.16 -9.68 -21.26
C ASN C 90 22.32 -9.69 -19.94
N THR C 91 21.09 -10.20 -20.07
CA THR C 91 20.15 -10.31 -18.95
C THR C 91 20.11 -9.04 -18.12
N GLY C 92 19.93 -7.92 -18.79
CA GLY C 92 19.69 -6.75 -18.04
C GLY C 92 20.91 -5.97 -17.66
N ARG C 93 22.09 -6.57 -17.82
CA ARG C 93 23.28 -5.86 -17.35
C ARG C 93 23.81 -4.77 -18.23
N LYS C 94 23.68 -4.94 -19.55
CA LYS C 94 24.08 -3.87 -20.44
C LYS C 94 22.88 -3.14 -20.95
N TYR C 95 21.84 -3.85 -21.39
CA TYR C 95 20.61 -3.15 -21.74
C TYR C 95 19.44 -3.96 -21.17
N ILE C 96 18.30 -3.34 -21.08
CA ILE C 96 17.05 -4.00 -20.72
C ILE C 96 16.37 -4.35 -22.04
N THR C 97 15.74 -5.51 -22.15
CA THR C 97 14.84 -5.75 -23.28
C THR C 97 13.45 -5.91 -22.69
N LEU C 98 12.42 -5.93 -23.52
CA LEU C 98 11.05 -6.16 -22.95
C LEU C 98 10.99 -7.48 -22.16
N GLU C 99 11.75 -8.47 -22.62
CA GLU C 99 11.72 -9.82 -22.05
C GLU C 99 12.35 -9.90 -20.63
N ASP C 100 13.08 -8.83 -20.22
CA ASP C 100 13.58 -8.69 -18.87
C ASP C 100 12.58 -7.99 -17.93
N THR C 101 11.59 -7.34 -18.50
CA THR C 101 10.62 -6.68 -17.68
C THR C 101 9.64 -7.64 -17.12
N LEU C 102 8.94 -7.26 -16.05
CA LEU C 102 8.03 -8.23 -15.44
C LEU C 102 7.00 -8.84 -16.45
N PRO C 103 6.28 -8.03 -17.23
CA PRO C 103 5.27 -8.69 -18.06
C PRO C 103 5.89 -9.46 -19.19
N GLY C 104 7.05 -9.01 -19.71
CA GLY C 104 7.67 -9.74 -20.82
C GLY C 104 8.23 -11.05 -20.28
N TYR C 105 8.79 -11.06 -19.07
CA TYR C 105 9.33 -12.31 -18.50
C TYR C 105 8.25 -13.35 -18.18
N MET C 106 7.15 -12.88 -17.59
CA MET C 106 6.08 -13.77 -17.23
C MET C 106 5.42 -14.43 -18.41
N LEU C 107 5.22 -13.72 -19.51
CA LEU C 107 4.52 -14.34 -20.61
C LEU C 107 5.39 -14.82 -21.74
N ASN C 108 6.69 -14.55 -21.66
CA ASN C 108 7.58 -14.96 -22.84
C ASN C 108 7.39 -16.43 -23.23
N SER C 109 7.09 -16.68 -24.52
CA SER C 109 6.96 -17.99 -25.14
C SER C 109 5.66 -18.70 -24.73
N LEU C 110 4.79 -18.08 -23.94
CA LEU C 110 3.55 -18.79 -23.53
C LEU C 110 2.51 -18.67 -24.60
N VAL C 111 1.49 -19.51 -24.56
CA VAL C 111 0.48 -19.54 -25.64
C VAL C 111 -0.88 -19.66 -24.87
N TRP C 112 -1.82 -18.78 -25.12
CA TRP C 112 -3.08 -18.86 -24.37
C TRP C 112 -4.21 -18.22 -25.17
N CYS C 113 -5.49 -18.54 -24.86
CA CYS C 113 -6.54 -17.89 -25.58
C CYS C 113 -7.86 -18.11 -24.82
N GLY C 114 -8.86 -17.29 -25.10
CA GLY C 114 -10.09 -17.29 -24.32
C GLY C 114 -11.01 -18.31 -24.98
N GLN C 115 -12.08 -18.66 -24.28
CA GLN C 115 -13.19 -19.31 -24.96
C GLN C 115 -14.40 -18.85 -24.14
N ARG C 116 -15.56 -18.90 -24.74
CA ARG C 116 -16.79 -18.51 -23.98
C ARG C 116 -17.18 -19.45 -22.86
N ALA C 117 -17.16 -20.76 -23.12
CA ALA C 117 -17.63 -21.80 -22.11
C ALA C 117 -16.61 -21.82 -21.02
N ASN C 118 -17.07 -22.17 -19.81
CA ASN C 118 -16.23 -22.39 -18.61
C ASN C 118 -15.10 -23.34 -19.00
N PRO C 119 -13.89 -23.15 -18.45
CA PRO C 119 -13.50 -22.17 -17.45
C PRO C 119 -12.99 -20.82 -18.07
N GLY C 120 -13.35 -20.52 -19.33
CA GLY C 120 -13.17 -19.15 -19.91
C GLY C 120 -11.86 -19.03 -20.73
N PHE C 121 -11.13 -20.13 -20.83
CA PHE C 121 -9.88 -20.17 -21.62
C PHE C 121 -9.74 -21.60 -22.16
N ASN C 122 -9.00 -21.78 -23.27
CA ASN C 122 -9.04 -23.00 -24.00
C ASN C 122 -7.76 -23.71 -23.68
N GLU C 123 -7.91 -24.89 -23.11
CA GLU C 123 -6.75 -25.69 -22.74
C GLU C 123 -6.37 -26.69 -23.82
N LYS C 124 -7.17 -26.78 -24.87
CA LYS C 124 -6.84 -27.77 -25.88
C LYS C 124 -6.13 -27.17 -27.10
N VAL C 125 -6.66 -26.05 -27.57
CA VAL C 125 -6.20 -25.54 -28.86
C VAL C 125 -6.43 -24.03 -28.91
N CYS C 126 -5.54 -23.31 -29.61
CA CYS C 126 -5.73 -21.91 -29.83
C CYS C 126 -5.67 -21.74 -31.38
N PRO C 127 -6.47 -20.80 -31.97
CA PRO C 127 -6.38 -20.61 -33.44
C PRO C 127 -5.03 -20.05 -33.85
N ASP C 128 -4.66 -20.30 -35.11
CA ASP C 128 -3.50 -19.60 -35.73
C ASP C 128 -3.89 -18.09 -35.66
N PHE C 129 -3.09 -17.22 -35.07
CA PHE C 129 -3.70 -15.87 -34.95
C PHE C 129 -3.74 -15.06 -36.28
N LYS C 130 -3.23 -15.65 -37.37
CA LYS C 130 -3.47 -15.11 -38.71
C LYS C 130 -4.93 -15.25 -39.12
N THR C 131 -5.70 -16.07 -38.37
CA THR C 131 -7.10 -16.12 -38.60
C THR C 131 -7.83 -15.07 -37.79
N CYS C 132 -7.18 -14.40 -36.88
CA CYS C 132 -7.84 -13.32 -36.08
C CYS C 132 -7.50 -11.88 -36.65
N PRO C 133 -8.36 -10.89 -36.38
CA PRO C 133 -8.12 -9.55 -36.80
C PRO C 133 -6.81 -9.09 -36.18
N VAL C 134 -6.05 -8.23 -36.86
CA VAL C 134 -4.69 -7.84 -36.35
C VAL C 134 -4.74 -7.33 -34.90
N GLN C 135 -5.75 -6.56 -34.57
CA GLN C 135 -5.78 -5.94 -33.23
C GLN C 135 -5.97 -6.99 -32.13
N ALA C 136 -6.58 -8.13 -32.47
CA ALA C 136 -6.62 -9.27 -31.59
C ALA C 136 -5.34 -10.05 -31.56
N ARG C 137 -4.81 -10.38 -32.73
CA ARG C 137 -3.50 -11.09 -32.96
C ARG C 137 -2.38 -10.39 -32.14
N GLU C 138 -2.40 -9.05 -32.13
CA GLU C 138 -1.31 -8.28 -31.48
C GLU C 138 -1.69 -7.58 -30.18
N SER C 139 -2.85 -7.93 -29.61
CA SER C 139 -3.41 -7.32 -28.41
C SER C 139 -2.41 -7.40 -27.26
N PHE C 140 -1.82 -8.58 -27.07
CA PHE C 140 -0.95 -8.69 -25.91
C PHE C 140 0.44 -8.04 -26.18
N TRP C 141 1.22 -8.61 -27.14
CA TRP C 141 2.58 -8.14 -27.31
C TRP C 141 2.64 -6.69 -27.90
N GLY C 142 1.64 -6.32 -28.70
CA GLY C 142 1.55 -4.95 -29.17
C GLY C 142 1.34 -3.95 -28.01
N MET C 143 0.48 -4.26 -27.07
CA MET C 143 0.31 -3.38 -25.91
C MET C 143 1.56 -3.43 -25.00
N ALA C 144 2.14 -4.63 -24.87
CA ALA C 144 3.40 -4.75 -24.11
C ALA C 144 4.44 -3.79 -24.67
N SER C 145 4.62 -3.81 -26.00
CA SER C 145 5.57 -2.96 -26.72
C SER C 145 5.27 -1.45 -26.56
N SER C 146 3.98 -1.09 -26.68
CA SER C 146 3.54 0.32 -26.54
C SER C 146 3.88 0.85 -25.14
N SER C 147 3.57 0.03 -24.13
CA SER C 147 3.69 0.39 -22.71
C SER C 147 5.22 0.50 -22.37
N TYR C 148 5.96 -0.48 -22.86
CA TYR C 148 7.41 -0.51 -22.69
C TYR C 148 8.04 0.73 -23.34
N ALA C 149 7.71 0.99 -24.59
CA ALA C 149 8.30 2.11 -25.34
C ALA C 149 7.91 3.45 -24.70
N HIS C 150 6.67 3.56 -24.27
CA HIS C 150 6.15 4.75 -23.57
C HIS C 150 6.95 5.07 -22.26
N SER C 151 7.51 4.05 -21.65
CA SER C 151 8.30 4.27 -20.41
C SER C 151 9.78 4.59 -20.62
N ALA C 152 10.23 4.53 -21.84
CA ALA C 152 11.69 4.61 -22.13
C ALA C 152 12.12 6.11 -21.96
N GLU C 153 13.31 6.33 -21.37
CA GLU C 153 13.85 7.66 -21.24
C GLU C 153 15.32 7.66 -21.63
N GLY C 154 15.78 8.82 -22.07
CA GLY C 154 17.21 9.02 -22.41
C GLY C 154 17.50 8.35 -23.74
N GLU C 155 18.70 7.77 -23.91
CA GLU C 155 19.05 7.16 -25.19
C GLU C 155 18.34 5.79 -25.33
N VAL C 156 17.72 5.50 -26.46
CA VAL C 156 17.28 4.08 -26.72
C VAL C 156 18.07 3.42 -27.82
N THR C 157 18.18 2.09 -27.79
CA THR C 157 19.09 1.35 -28.70
C THR C 157 18.20 0.39 -29.48
N TYR C 158 18.40 0.32 -30.78
CA TYR C 158 17.55 -0.55 -31.60
C TYR C 158 18.45 -1.48 -32.42
N MET C 159 18.37 -2.79 -32.22
CA MET C 159 19.26 -3.71 -33.00
C MET C 159 18.43 -4.36 -34.08
N VAL C 160 18.93 -4.32 -35.32
CA VAL C 160 18.16 -4.82 -36.51
C VAL C 160 19.02 -5.81 -37.28
N ASP C 161 18.37 -6.61 -38.11
CA ASP C 161 19.06 -7.54 -39.08
C ASP C 161 19.38 -6.74 -40.31
N GLY C 162 20.67 -6.59 -40.61
CA GLY C 162 21.02 -6.05 -41.92
C GLY C 162 21.38 -7.08 -42.99
N SER C 163 20.97 -8.35 -42.82
CA SER C 163 21.33 -9.42 -43.77
C SER C 163 20.13 -10.25 -44.27
N ASN C 164 18.88 -9.76 -44.11
CA ASN C 164 17.74 -10.54 -44.52
C ASN C 164 17.31 -9.97 -45.86
N PRO C 165 17.47 -10.74 -46.99
CA PRO C 165 16.94 -10.12 -48.23
C PRO C 165 15.38 -10.14 -48.35
N LYS C 166 14.65 -10.84 -47.48
CA LYS C 166 13.15 -10.76 -47.50
C LYS C 166 12.49 -9.83 -46.49
N VAL C 167 13.28 -9.30 -45.56
CA VAL C 167 12.69 -8.51 -44.47
C VAL C 167 13.65 -7.32 -44.27
N PRO C 168 13.27 -6.12 -44.75
CA PRO C 168 14.10 -4.91 -44.53
C PRO C 168 14.44 -4.63 -43.01
N ALA C 169 15.58 -3.99 -42.75
CA ALA C 169 16.11 -3.78 -41.38
C ALA C 169 15.08 -3.04 -40.53
N TYR C 170 14.55 -1.95 -41.09
CA TYR C 170 13.41 -1.21 -40.56
C TYR C 170 12.20 -1.37 -41.48
N ARG C 171 11.02 -1.54 -40.86
CA ARG C 171 9.77 -1.59 -41.59
C ARG C 171 8.67 -0.96 -40.69
N PRO C 172 7.70 -0.25 -41.30
CA PRO C 172 6.54 0.20 -40.49
C PRO C 172 5.77 -0.89 -39.86
N ASP C 173 5.67 -2.05 -40.50
CA ASP C 173 4.85 -3.15 -39.95
C ASP C 173 5.53 -4.05 -38.98
N SER C 174 6.76 -3.76 -38.61
CA SER C 174 7.31 -4.51 -37.49
C SER C 174 6.72 -4.06 -36.15
N PHE C 175 6.95 -4.87 -35.10
CA PHE C 175 6.47 -4.42 -33.77
C PHE C 175 7.10 -3.02 -33.40
N PHE C 176 8.38 -2.91 -33.69
CA PHE C 176 9.05 -1.67 -33.49
C PHE C 176 8.40 -0.60 -34.34
N GLY C 177 8.09 -0.86 -35.62
CA GLY C 177 7.53 0.19 -36.50
C GLY C 177 6.10 0.62 -36.06
N LYS C 178 5.36 -0.36 -35.57
CA LYS C 178 3.94 -0.22 -35.22
C LYS C 178 3.71 0.35 -33.83
N TYR C 179 4.49 -0.11 -32.84
CA TYR C 179 4.13 0.10 -31.46
C TYR C 179 5.24 0.77 -30.64
N GLU C 180 6.47 0.80 -31.12
CA GLU C 180 7.55 1.26 -30.22
C GLU C 180 8.03 2.67 -30.67
N LEU C 181 8.61 2.76 -31.86
CA LEU C 181 9.05 4.08 -32.34
C LEU C 181 7.95 5.13 -32.22
N PRO C 182 6.73 4.82 -32.71
CA PRO C 182 5.73 5.90 -32.56
C PRO C 182 5.27 6.25 -31.14
N ASN C 183 5.53 5.34 -30.17
CA ASN C 183 5.17 5.65 -28.77
C ASN C 183 6.27 6.21 -27.89
N LEU C 184 7.41 6.51 -28.50
CA LEU C 184 8.52 7.07 -27.74
C LEU C 184 8.18 8.53 -27.34
N THR C 185 8.42 8.87 -26.08
CA THR C 185 7.98 10.18 -25.62
C THR C 185 9.12 11.15 -25.76
N ASN C 186 8.80 12.41 -25.51
CA ASN C 186 9.81 13.48 -25.44
C ASN C 186 10.83 13.34 -24.28
N LYS C 187 10.75 12.26 -23.50
CA LYS C 187 11.83 11.94 -22.53
C LYS C 187 12.96 11.15 -23.22
N VAL C 188 12.75 10.76 -24.46
CA VAL C 188 13.77 10.04 -25.20
C VAL C 188 14.60 11.10 -25.90
N THR C 189 15.89 10.95 -25.92
CA THR C 189 16.68 11.99 -26.55
C THR C 189 17.36 11.50 -27.82
N ARG C 190 17.56 10.18 -27.94
CA ARG C 190 18.40 9.68 -29.05
C ARG C 190 18.01 8.23 -29.44
N VAL C 191 18.06 7.87 -30.73
CA VAL C 191 17.80 6.47 -31.12
C VAL C 191 19.13 6.00 -31.67
N LYS C 192 19.67 4.88 -31.14
CA LYS C 192 20.98 4.36 -31.52
C LYS C 192 20.78 3.02 -32.18
N VAL C 193 21.05 2.96 -33.47
CA VAL C 193 20.83 1.73 -34.24
C VAL C 193 22.09 0.93 -34.32
N ILE C 194 21.95 -0.36 -34.06
CA ILE C 194 22.99 -1.32 -34.30
C ILE C 194 22.51 -2.27 -35.43
N VAL C 195 23.31 -2.35 -36.51
CA VAL C 195 22.93 -3.19 -37.63
C VAL C 195 23.77 -4.45 -37.53
N LEU C 196 23.10 -5.60 -37.42
CA LEU C 196 23.79 -6.86 -37.44
C LEU C 196 24.01 -7.32 -38.90
N HIS C 197 25.29 -7.59 -39.24
CA HIS C 197 25.61 -8.22 -40.51
C HIS C 197 26.09 -9.59 -40.16
N ARG C 198 25.18 -10.56 -40.36
CA ARG C 198 25.37 -11.93 -39.92
C ARG C 198 26.63 -12.40 -40.62
N LEU C 199 27.44 -13.16 -39.90
CA LEU C 199 28.75 -13.62 -40.42
C LEU C 199 28.54 -14.57 -41.55
N GLY C 200 29.29 -14.37 -42.66
CA GLY C 200 29.25 -15.28 -43.78
C GLY C 200 28.09 -15.02 -44.72
N GLU C 201 27.23 -14.03 -44.40
CA GLU C 201 26.11 -13.68 -45.30
C GLU C 201 26.28 -12.36 -46.05
N LYS C 202 25.64 -12.27 -47.20
CA LYS C 202 25.58 -11.04 -47.97
C LYS C 202 24.97 -9.88 -47.11
N ILE C 203 25.65 -8.75 -47.12
CA ILE C 203 25.17 -7.56 -46.48
C ILE C 203 24.04 -7.03 -47.34
N ILE C 204 22.85 -6.89 -46.74
CA ILE C 204 21.65 -6.43 -47.45
C ILE C 204 21.43 -4.95 -47.05
N GLU C 205 21.44 -4.61 -45.74
CA GLU C 205 21.29 -3.18 -45.39
C GLU C 205 22.50 -2.51 -44.79
N LYS C 206 22.62 -1.20 -44.96
CA LYS C 206 23.72 -0.42 -44.43
C LYS C 206 23.18 0.86 -43.88
N CYS C 207 23.87 1.36 -42.86
CA CYS C 207 23.54 2.66 -42.27
C CYS C 207 23.48 3.71 -43.40
N GLY C 208 22.62 4.72 -43.26
CA GLY C 208 22.59 5.85 -44.21
C GLY C 208 21.90 5.54 -45.52
N ALA C 209 21.46 4.29 -45.73
CA ALA C 209 20.77 3.90 -46.96
C ALA C 209 19.52 3.08 -46.70
N GLY C 210 18.68 2.96 -47.72
CA GLY C 210 17.56 2.03 -47.70
C GLY C 210 16.56 2.29 -46.57
N SER C 211 16.11 1.22 -45.93
CA SER C 211 15.16 1.37 -44.79
C SER C 211 15.79 2.13 -43.58
N LEU C 212 17.14 2.14 -43.48
CA LEU C 212 17.85 2.81 -42.39
C LEU C 212 17.87 4.29 -42.59
N LEU C 213 17.89 4.72 -43.86
CA LEU C 213 17.62 6.09 -44.19
C LEU C 213 16.18 6.49 -43.92
N ASP C 214 15.18 5.70 -44.30
CA ASP C 214 13.78 6.04 -43.95
C ASP C 214 13.72 6.14 -42.44
N LEU C 215 14.48 5.28 -41.71
CA LEU C 215 14.37 5.32 -40.25
C LEU C 215 14.94 6.62 -39.68
N GLU C 216 16.14 6.96 -40.11
CA GLU C 216 16.83 8.18 -39.65
C GLU C 216 15.95 9.41 -39.87
N LYS C 217 15.21 9.43 -41.00
CA LYS C 217 14.20 10.46 -41.30
C LYS C 217 13.05 10.48 -40.31
N LEU C 218 12.49 9.32 -39.98
CA LEU C 218 11.42 9.27 -38.98
C LEU C 218 11.91 9.67 -37.60
N VAL C 219 13.12 9.22 -37.25
CA VAL C 219 13.76 9.58 -35.99
C VAL C 219 13.87 11.08 -35.80
N LYS C 220 14.51 11.76 -36.77
CA LYS C 220 14.61 13.24 -36.78
C LYS C 220 13.24 13.96 -36.82
N ALA C 221 12.27 13.39 -37.55
CA ALA C 221 10.90 13.94 -37.61
C ALA C 221 10.16 13.73 -36.29
N LYS C 222 10.62 12.75 -35.48
CA LYS C 222 10.11 12.67 -34.10
C LYS C 222 10.97 13.55 -33.15
N HIS C 223 11.96 14.24 -33.69
CA HIS C 223 12.81 15.17 -32.92
C HIS C 223 13.93 14.58 -32.03
N PHE C 224 14.35 13.37 -32.32
CA PHE C 224 15.43 12.76 -31.56
C PHE C 224 16.71 12.85 -32.37
N ALA C 225 17.85 12.83 -31.70
CA ALA C 225 19.16 12.60 -32.33
C ALA C 225 19.22 11.17 -32.85
N PHE C 226 20.18 10.87 -33.73
CA PHE C 226 20.18 9.54 -34.32
C PHE C 226 21.63 9.11 -34.56
N ASP C 227 21.95 7.84 -34.28
CA ASP C 227 23.23 7.28 -34.79
C ASP C 227 23.06 5.87 -35.24
N CYS C 228 24.04 5.32 -35.97
CA CYS C 228 23.88 3.99 -36.53
C CYS C 228 25.26 3.40 -36.64
N VAL C 229 25.44 2.12 -36.32
CA VAL C 229 26.79 1.52 -36.47
C VAL C 229 26.49 0.10 -36.94
N GLU C 230 27.42 -0.53 -37.67
CA GLU C 230 27.26 -1.91 -38.14
C GLU C 230 28.27 -2.84 -37.48
N ASN C 231 27.81 -3.96 -36.93
CA ASN C 231 28.76 -4.86 -36.23
C ASN C 231 29.80 -4.16 -35.37
N PRO C 232 29.38 -3.31 -34.41
CA PRO C 232 30.39 -2.68 -33.53
C PRO C 232 31.08 -3.79 -32.81
N ARG C 233 32.30 -3.52 -32.40
CA ARG C 233 33.20 -4.60 -31.96
C ARG C 233 32.64 -5.45 -30.83
N ALA C 234 31.97 -4.83 -29.86
CA ALA C 234 31.40 -5.62 -28.73
C ALA C 234 30.39 -6.65 -29.28
N VAL C 235 29.60 -6.26 -30.27
CA VAL C 235 28.67 -7.20 -30.89
C VAL C 235 29.45 -8.20 -31.80
N LEU C 236 30.34 -7.71 -32.62
CA LEU C 236 31.14 -8.62 -33.47
C LEU C 236 31.76 -9.77 -32.68
N PHE C 237 32.35 -9.45 -31.53
CA PHE C 237 32.95 -10.53 -30.72
C PHE C 237 31.96 -11.61 -30.29
N LEU C 238 30.75 -11.19 -29.97
CA LEU C 238 29.73 -12.17 -29.60
C LEU C 238 29.38 -13.08 -30.80
N LEU C 239 29.25 -12.53 -31.98
CA LEU C 239 28.99 -13.33 -33.22
C LEU C 239 30.16 -14.26 -33.45
N CYS C 240 31.37 -13.75 -33.18
CA CYS C 240 32.54 -14.56 -33.50
C CYS C 240 32.66 -15.73 -32.53
N SER C 241 32.27 -15.52 -31.26
CA SER C 241 32.28 -16.58 -30.26
C SER C 241 31.53 -17.85 -30.76
N ASP C 242 30.50 -17.64 -31.54
CA ASP C 242 29.76 -18.77 -32.09
C ASP C 242 30.27 -19.31 -33.40
N ASN C 243 31.12 -18.57 -34.12
CA ASN C 243 31.60 -18.96 -35.44
C ASN C 243 33.00 -18.35 -35.60
N PRO C 244 33.98 -18.85 -34.82
CA PRO C 244 35.32 -18.26 -34.72
C PRO C 244 36.12 -18.29 -36.01
N ASN C 245 35.80 -19.24 -36.88
CA ASN C 245 36.45 -19.39 -38.20
C ASN C 245 35.90 -18.47 -39.32
N ALA C 246 34.84 -17.69 -39.04
CA ALA C 246 34.37 -16.66 -39.99
C ALA C 246 35.43 -15.65 -40.41
N ARG C 247 35.44 -15.27 -41.70
CA ARG C 247 36.47 -14.33 -42.23
C ARG C 247 36.48 -13.02 -41.43
N GLU C 248 35.30 -12.64 -40.92
CA GLU C 248 35.13 -11.41 -40.17
C GLU C 248 35.82 -11.45 -38.80
N CYS C 249 36.11 -12.66 -38.28
CA CYS C 249 36.78 -12.87 -36.97
C CYS C 249 38.32 -13.16 -37.08
N ARG C 250 38.88 -13.04 -38.27
CA ARG C 250 40.32 -13.27 -38.40
C ARG C 250 41.18 -12.36 -37.53
N LEU C 251 42.26 -12.91 -36.97
CA LEU C 251 43.10 -12.08 -36.12
C LEU C 251 44.26 -11.37 -36.87
N ALA C 252 44.65 -11.87 -38.06
CA ALA C 252 45.83 -11.34 -38.85
C ALA C 252 45.78 -11.97 -40.25
N ILE D 2 -9.63 10.67 -11.95
CA ILE D 2 -9.34 10.62 -10.50
C ILE D 2 -10.62 10.95 -9.75
N VAL D 3 -10.79 10.37 -8.57
CA VAL D 3 -12.04 10.55 -7.80
C VAL D 3 -11.90 11.76 -6.82
N PRO D 4 -12.84 12.73 -6.87
CA PRO D 4 -12.68 13.88 -5.95
C PRO D 4 -12.90 13.48 -4.48
N THR D 5 -12.33 14.25 -3.55
CA THR D 5 -12.60 14.00 -2.12
C THR D 5 -14.07 14.19 -1.86
N ARG D 6 -14.68 13.32 -1.07
CA ARG D 6 -16.12 13.54 -0.70
C ARG D 6 -16.30 14.62 0.35
N GLU D 7 -17.48 15.26 0.35
CA GLU D 7 -17.80 16.33 1.34
C GLU D 7 -16.66 17.35 1.46
N LEU D 8 -16.24 17.87 0.32
CA LEU D 8 -15.06 18.72 0.26
C LEU D 8 -15.13 19.87 1.29
N GLU D 9 -16.26 20.58 1.26
CA GLU D 9 -16.46 21.68 2.21
C GLU D 9 -16.35 21.27 3.69
N ASN D 10 -17.04 20.22 4.12
CA ASN D 10 -17.01 19.76 5.53
C ASN D 10 -15.58 19.33 5.85
N VAL D 11 -14.86 18.77 4.88
CA VAL D 11 -13.48 18.36 5.21
C VAL D 11 -12.58 19.61 5.40
N PHE D 12 -12.68 20.54 4.50
CA PHE D 12 -11.90 21.79 4.56
C PHE D 12 -12.19 22.54 5.89
N LEU D 13 -13.47 22.71 6.18
CA LEU D 13 -13.96 23.45 7.36
C LEU D 13 -13.53 22.73 8.64
N GLY D 14 -13.71 21.41 8.65
CA GLY D 14 -13.20 20.62 9.79
C GLY D 14 -11.72 20.73 10.06
N ARG D 15 -10.90 20.60 9.03
CA ARG D 15 -9.51 20.70 9.19
C ARG D 15 -9.17 22.14 9.56
N CYS D 16 -9.84 23.10 8.95
CA CYS D 16 -9.55 24.48 9.28
C CYS D 16 -9.77 24.79 10.76
N LYS D 17 -10.92 24.36 11.29
CA LYS D 17 -11.32 24.56 12.68
C LYS D 17 -10.40 23.79 13.63
N ASP D 18 -10.09 22.54 13.26
CA ASP D 18 -9.12 21.77 14.07
C ASP D 18 -7.77 22.56 14.16
N TYR D 19 -7.30 23.02 13.02
CA TYR D 19 -6.02 23.73 12.97
C TYR D 19 -6.11 25.01 13.80
N GLU D 20 -7.19 25.78 13.57
CA GLU D 20 -7.35 27.12 14.11
C GLU D 20 -7.14 26.98 15.60
N ILE D 21 -7.81 25.99 16.19
CA ILE D 21 -7.95 25.98 17.66
C ILE D 21 -6.86 25.17 18.29
N THR D 22 -6.35 24.16 17.56
CA THR D 22 -5.52 23.19 18.27
C THR D 22 -4.13 22.88 17.68
N ARG D 23 -3.82 23.27 16.45
CA ARG D 23 -2.61 22.77 15.80
C ARG D 23 -1.52 23.87 15.75
N TYR D 24 -0.25 23.47 15.95
CA TYR D 24 0.94 24.34 15.87
C TYR D 24 0.79 25.63 16.71
N LEU D 25 0.05 25.57 17.85
CA LEU D 25 -0.27 26.77 18.60
C LEU D 25 1.04 27.56 18.97
N ASP D 26 2.08 26.88 19.32
CA ASP D 26 3.25 27.67 19.77
C ASP D 26 4.33 27.68 18.67
N ILE D 27 3.95 27.48 17.41
CA ILE D 27 4.94 27.22 16.35
C ILE D 27 4.57 28.15 15.21
N LEU D 28 3.29 28.24 14.91
CA LEU D 28 2.80 29.16 13.87
C LEU D 28 1.67 30.01 14.37
N PRO D 29 1.53 31.22 13.80
CA PRO D 29 0.51 32.12 14.30
C PRO D 29 -0.82 31.77 13.70
N ARG D 30 -1.91 32.26 14.33
CA ARG D 30 -3.27 32.08 13.81
C ARG D 30 -3.42 33.08 12.68
N VAL D 31 -4.24 32.79 11.71
CA VAL D 31 -4.59 33.75 10.63
C VAL D 31 -5.80 34.56 11.11
N ARG D 32 -6.07 35.80 10.61
CA ARG D 32 -7.20 36.57 11.13
C ARG D 32 -8.55 36.16 10.55
N SER D 33 -8.55 35.74 9.28
CA SER D 33 -9.81 35.32 8.65
C SER D 33 -10.40 34.09 9.30
N ASP D 34 -11.72 34.09 9.45
CA ASP D 34 -12.38 32.86 9.86
C ASP D 34 -12.48 31.79 8.73
N CYS D 35 -12.70 30.57 9.17
CA CYS D 35 -12.83 29.40 8.26
C CYS D 35 -13.85 29.62 7.18
N SER D 36 -15.00 30.20 7.54
CA SER D 36 -15.98 30.46 6.48
C SER D 36 -15.48 31.43 5.38
N ALA D 37 -14.65 32.44 5.75
CA ALA D 37 -14.18 33.39 4.74
C ALA D 37 -13.07 32.70 3.93
N LEU D 38 -12.26 31.87 4.59
CA LEU D 38 -11.27 31.07 3.84
C LEU D 38 -11.93 30.17 2.80
N TRP D 39 -13.03 29.50 3.16
CA TRP D 39 -13.66 28.55 2.25
C TRP D 39 -14.17 29.36 1.06
N LYS D 40 -14.76 30.51 1.34
CA LYS D 40 -15.31 31.40 0.26
C LYS D 40 -14.25 31.80 -0.76
N ASP D 41 -13.07 32.18 -0.29
CA ASP D 41 -11.94 32.49 -1.16
C ASP D 41 -11.40 31.27 -1.92
N PHE D 42 -11.36 30.13 -1.23
CA PHE D 42 -10.85 28.86 -1.81
C PHE D 42 -11.83 28.45 -2.93
N PHE D 43 -13.11 28.37 -2.58
CA PHE D 43 -14.12 27.90 -3.54
C PHE D 43 -14.26 28.79 -4.77
N LYS D 44 -14.18 30.12 -4.63
CA LYS D 44 -14.36 30.98 -5.85
C LYS D 44 -13.13 30.84 -6.77
N ALA D 45 -12.01 30.33 -6.27
CA ALA D 45 -10.85 30.18 -7.14
C ALA D 45 -11.17 29.22 -8.32
N PHE D 46 -11.96 28.19 -8.05
CA PHE D 46 -12.14 27.16 -9.07
C PHE D 46 -13.58 26.88 -9.41
N SER D 47 -14.52 27.40 -8.62
CA SER D 47 -15.91 27.03 -8.80
C SER D 47 -16.51 27.67 -10.06
N PHE D 48 -17.48 26.99 -10.65
CA PHE D 48 -18.22 27.53 -11.84
C PHE D 48 -17.38 27.74 -13.07
N LYS D 49 -16.30 26.98 -13.16
CA LYS D 49 -15.41 27.03 -14.30
C LYS D 49 -15.11 25.61 -14.73
N ASN D 50 -14.70 25.45 -15.98
CA ASN D 50 -14.21 24.16 -16.49
C ASN D 50 -13.04 23.70 -15.65
N PRO D 51 -12.88 22.37 -15.49
CA PRO D 51 -11.89 21.85 -14.54
C PRO D 51 -10.46 22.25 -14.85
N CYS D 52 -10.12 22.58 -16.10
CA CYS D 52 -8.74 23.02 -16.39
C CYS D 52 -8.60 24.52 -16.50
N ASP D 53 -9.66 25.24 -16.16
CA ASP D 53 -9.66 26.71 -16.32
C ASP D 53 -9.02 27.46 -15.08
N LEU D 54 -7.71 27.35 -14.95
CA LEU D 54 -7.01 27.91 -13.79
C LEU D 54 -5.60 28.31 -14.21
N ASP D 55 -5.07 29.34 -13.53
CA ASP D 55 -3.68 29.78 -13.73
C ASP D 55 -3.07 30.15 -12.37
N LEU D 56 -1.84 30.70 -12.39
CA LEU D 56 -1.13 30.96 -11.14
C LEU D 56 -1.90 31.93 -10.22
N GLY D 57 -2.73 32.80 -10.79
CA GLY D 57 -3.50 33.76 -9.99
C GLY D 57 -4.86 33.26 -9.50
N SER D 58 -5.26 32.08 -9.88
CA SER D 58 -6.62 31.66 -9.48
C SER D 58 -6.88 31.75 -7.97
N TYR D 59 -5.95 31.22 -7.16
CA TYR D 59 -6.07 31.13 -5.69
C TYR D 59 -5.38 32.25 -4.94
N LYS D 60 -5.01 33.27 -5.70
CA LYS D 60 -4.39 34.47 -5.14
C LYS D 60 -5.07 34.98 -3.85
N ASP D 61 -6.38 35.21 -3.85
CA ASP D 61 -7.07 35.75 -2.63
C ASP D 61 -7.02 34.77 -1.45
N PHE D 62 -7.31 33.49 -1.70
CA PHE D 62 -7.20 32.46 -0.67
C PHE D 62 -5.80 32.47 0.04
N PHE D 63 -4.73 32.45 -0.74
CA PHE D 63 -3.38 32.41 -0.15
C PHE D 63 -3.04 33.66 0.58
N THR D 64 -3.52 34.82 0.09
CA THR D 64 -3.39 36.10 0.83
C THR D 64 -4.07 35.99 2.22
N SER D 65 -5.37 35.61 2.29
CA SER D 65 -6.05 35.41 3.55
C SER D 65 -5.39 34.30 4.45
N ALA D 66 -4.87 33.22 3.87
CA ALA D 66 -4.39 32.04 4.61
C ALA D 66 -2.92 32.09 4.99
N GLN D 67 -2.17 33.10 4.52
CA GLN D 67 -0.69 33.11 4.73
C GLN D 67 -0.31 33.57 6.14
N GLN D 68 0.62 32.84 6.79
CA GLN D 68 1.08 33.02 8.14
C GLN D 68 2.49 33.51 8.11
N GLN D 69 2.89 34.33 9.08
CA GLN D 69 4.29 34.73 9.17
C GLN D 69 4.99 33.45 9.58
N LEU D 70 6.17 33.20 9.06
CA LEU D 70 6.85 31.92 9.36
C LEU D 70 8.06 32.11 10.24
N PRO D 71 8.32 31.13 11.11
CA PRO D 71 9.42 31.35 12.02
C PRO D 71 10.80 31.30 11.38
N LYS D 72 11.57 32.29 11.75
CA LYS D 72 12.93 32.43 11.24
C LYS D 72 13.75 31.17 11.37
N ASN D 73 14.50 30.82 10.32
CA ASN D 73 15.45 29.71 10.28
C ASN D 73 14.81 28.30 10.30
N LYS D 74 13.50 28.20 10.21
CA LYS D 74 12.84 26.92 10.36
C LYS D 74 12.17 26.46 9.09
N VAL D 75 12.10 27.31 8.08
CA VAL D 75 11.46 26.90 6.85
C VAL D 75 12.19 25.80 6.14
N MET D 76 11.48 24.73 5.80
CA MET D 76 12.07 23.65 4.93
C MET D 76 11.26 23.50 3.63
N PHE D 77 11.99 23.34 2.53
CA PHE D 77 11.46 22.90 1.22
C PHE D 77 11.92 21.47 1.01
N TRP D 78 11.15 20.69 0.21
CA TRP D 78 11.56 19.26 0.02
C TRP D 78 11.30 18.88 -1.44
N SER D 79 12.14 18.00 -2.03
CA SER D 79 11.91 17.54 -3.40
C SER D 79 12.21 16.07 -3.41
N GLY D 80 11.18 15.27 -3.71
CA GLY D 80 11.35 13.87 -4.04
C GLY D 80 11.48 13.00 -2.83
N VAL D 81 11.42 13.59 -1.63
CA VAL D 81 11.60 12.87 -0.38
C VAL D 81 10.48 13.15 0.64
N TYR D 82 9.24 13.12 0.18
CA TYR D 82 8.12 13.48 1.12
C TYR D 82 8.25 12.90 2.56
N ASP D 83 8.33 11.60 2.67
CA ASP D 83 8.25 10.99 3.96
C ASP D 83 9.49 11.32 4.78
N GLU D 84 10.67 11.29 4.17
CA GLU D 84 11.87 11.49 4.97
C GLU D 84 11.91 12.96 5.42
N ALA D 85 11.57 13.90 4.52
CA ALA D 85 11.61 15.32 4.93
C ALA D 85 10.58 15.60 6.08
N HIS D 86 9.37 15.10 5.93
CA HIS D 86 8.35 15.30 7.03
C HIS D 86 8.67 14.55 8.33
N ASP D 87 9.28 13.38 8.22
CA ASP D 87 9.72 12.66 9.41
C ASP D 87 10.80 13.47 10.09
N TYR D 88 11.75 14.02 9.33
CA TYR D 88 12.84 14.78 9.94
C TYR D 88 12.37 16.15 10.51
N ALA D 89 11.48 16.83 9.77
CA ALA D 89 10.90 18.13 10.22
C ALA D 89 10.13 17.93 11.54
N ASN D 90 9.52 16.75 11.70
CA ASN D 90 8.84 16.36 12.95
C ASN D 90 7.63 17.26 13.35
N THR D 91 6.65 17.41 12.47
CA THR D 91 5.44 18.21 12.75
C THR D 91 5.79 19.60 13.31
N GLY D 92 6.71 20.29 12.64
CA GLY D 92 7.02 21.65 13.04
C GLY D 92 7.96 21.81 14.21
N ARG D 93 8.34 20.74 14.86
CA ARG D 93 9.26 20.92 16.01
C ARG D 93 10.67 21.25 15.58
N LYS D 94 11.09 20.65 14.47
CA LYS D 94 12.48 20.88 14.07
C LYS D 94 12.43 21.83 12.86
N TYR D 95 11.66 21.46 11.83
CA TYR D 95 11.39 22.42 10.75
C TYR D 95 9.89 22.56 10.46
N ILE D 96 9.51 23.67 9.88
CA ILE D 96 8.16 23.83 9.18
C ILE D 96 8.25 23.28 7.73
N THR D 97 7.20 22.58 7.25
CA THR D 97 7.02 22.32 5.85
C THR D 97 5.73 23.01 5.46
N LEU D 98 5.53 23.10 4.15
CA LEU D 98 4.28 23.67 3.64
C LEU D 98 3.06 22.96 4.26
N GLU D 99 3.17 21.65 4.42
CA GLU D 99 2.06 20.83 4.95
C GLU D 99 1.72 21.07 6.47
N ASP D 100 2.61 21.77 7.23
CA ASP D 100 2.32 22.28 8.55
C ASP D 100 1.63 23.65 8.60
N THR D 101 1.65 24.37 7.49
CA THR D 101 0.97 25.66 7.44
C THR D 101 -0.51 25.47 7.22
N LEU D 102 -1.29 26.48 7.53
CA LEU D 102 -2.73 26.35 7.47
C LEU D 102 -3.20 25.83 6.07
N PRO D 103 -2.82 26.55 5.01
CA PRO D 103 -3.38 26.06 3.72
C PRO D 103 -2.83 24.70 3.28
N GLY D 104 -1.55 24.42 3.59
CA GLY D 104 -0.99 23.12 3.29
C GLY D 104 -1.71 22.03 4.07
N TYR D 105 -2.00 22.30 5.34
CA TYR D 105 -2.64 21.29 6.16
C TYR D 105 -4.05 21.05 5.69
N MET D 106 -4.73 22.11 5.27
CA MET D 106 -6.14 21.94 4.98
C MET D 106 -6.31 21.20 3.69
N LEU D 107 -5.43 21.39 2.71
CA LEU D 107 -5.67 20.76 1.40
C LEU D 107 -4.81 19.55 1.10
N ASN D 108 -3.90 19.23 2.00
CA ASN D 108 -2.96 18.11 1.72
C ASN D 108 -3.69 16.84 1.44
N SER D 109 -3.31 16.17 0.34
CA SER D 109 -3.96 14.92 -0.13
C SER D 109 -5.33 15.10 -0.77
N LEU D 110 -5.88 16.30 -0.74
CA LEU D 110 -7.28 16.36 -1.21
C LEU D 110 -7.29 16.42 -2.75
N VAL D 111 -8.43 16.05 -3.33
CA VAL D 111 -8.69 16.16 -4.76
C VAL D 111 -9.99 16.90 -5.03
N TRP D 112 -9.92 17.95 -5.87
CA TRP D 112 -11.13 18.72 -6.17
C TRP D 112 -11.00 19.36 -7.56
N CYS D 113 -12.14 19.75 -8.15
CA CYS D 113 -12.10 20.46 -9.42
C CYS D 113 -13.43 21.16 -9.70
N GLY D 114 -13.38 22.24 -10.51
CA GLY D 114 -14.61 23.03 -10.78
C GLY D 114 -15.39 22.36 -11.88
N GLN D 115 -16.64 22.75 -12.08
CA GLN D 115 -17.40 22.49 -13.34
C GLN D 115 -18.31 23.69 -13.51
N ARG D 116 -18.80 23.90 -14.74
CA ARG D 116 -19.64 25.04 -15.03
C ARG D 116 -21.09 24.92 -14.50
N ALA D 117 -21.63 23.70 -14.43
CA ALA D 117 -23.02 23.53 -13.95
C ALA D 117 -23.16 23.63 -12.42
N ASN D 118 -24.35 23.96 -11.93
CA ASN D 118 -24.64 23.72 -10.52
C ASN D 118 -24.09 22.33 -10.23
N PRO D 119 -23.44 22.14 -9.07
CA PRO D 119 -23.24 23.15 -8.04
C PRO D 119 -21.87 23.84 -8.13
N GLY D 120 -21.21 23.83 -9.29
CA GLY D 120 -19.97 24.59 -9.55
C GLY D 120 -18.66 23.82 -9.34
N PHE D 121 -18.79 22.60 -8.83
CA PHE D 121 -17.68 21.69 -8.60
C PHE D 121 -18.20 20.27 -8.86
N ASN D 122 -17.27 19.41 -9.22
CA ASN D 122 -17.58 18.06 -9.67
C ASN D 122 -17.33 17.15 -8.48
N GLU D 123 -18.37 16.52 -7.97
CA GLU D 123 -18.12 15.51 -6.96
C GLU D 123 -18.01 14.08 -7.45
N LYS D 124 -17.95 13.87 -8.77
CA LYS D 124 -17.78 12.51 -9.33
C LYS D 124 -16.43 12.23 -10.00
N VAL D 125 -15.85 13.21 -10.72
CA VAL D 125 -14.70 12.93 -11.54
C VAL D 125 -13.85 14.19 -11.64
N CYS D 126 -12.55 14.05 -11.59
CA CYS D 126 -11.67 15.16 -11.94
C CYS D 126 -10.63 14.65 -12.91
N PRO D 127 -10.09 15.55 -13.75
CA PRO D 127 -9.16 15.02 -14.75
C PRO D 127 -7.86 14.61 -14.12
N ASP D 128 -7.20 13.65 -14.76
CA ASP D 128 -5.87 13.26 -14.35
C ASP D 128 -5.00 14.45 -14.71
N PHE D 129 -4.56 15.18 -13.69
CA PHE D 129 -3.88 16.43 -13.96
C PHE D 129 -2.51 16.19 -14.63
N LYS D 130 -2.57 15.42 -15.70
CA LYS D 130 -1.59 15.49 -16.75
C LYS D 130 -2.41 15.93 -17.96
N THR D 131 -3.74 15.87 -17.83
CA THR D 131 -4.60 16.36 -18.90
C THR D 131 -4.75 17.89 -19.06
N CYS D 132 -4.63 18.67 -17.98
CA CYS D 132 -4.69 20.15 -18.10
C CYS D 132 -3.34 20.77 -18.46
N PRO D 133 -3.33 22.01 -19.01
CA PRO D 133 -2.05 22.74 -19.17
C PRO D 133 -1.27 22.92 -17.84
N VAL D 134 0.05 23.08 -17.94
CA VAL D 134 0.93 23.16 -16.76
C VAL D 134 0.50 24.22 -15.71
N GLN D 135 0.15 25.42 -16.17
CA GLN D 135 -0.26 26.48 -15.27
C GLN D 135 -1.57 26.14 -14.54
N ALA D 136 -2.39 25.24 -15.11
CA ALA D 136 -3.67 24.87 -14.50
C ALA D 136 -3.45 23.77 -13.44
N ARG D 137 -2.73 22.73 -13.81
CA ARG D 137 -2.26 21.68 -12.92
C ARG D 137 -1.52 22.23 -11.66
N GLU D 138 -0.56 23.12 -11.84
CA GLU D 138 0.21 23.71 -10.72
C GLU D 138 -0.44 24.98 -10.10
N SER D 139 -1.65 25.31 -10.54
CA SER D 139 -2.36 26.51 -10.05
C SER D 139 -2.41 26.55 -8.49
N PHE D 140 -2.93 25.50 -7.86
CA PHE D 140 -3.01 25.49 -6.37
C PHE D 140 -1.64 25.36 -5.65
N TRP D 141 -0.93 24.29 -5.92
CA TRP D 141 0.28 24.02 -5.12
C TRP D 141 1.45 24.88 -5.56
N GLY D 142 1.44 25.35 -6.81
CA GLY D 142 2.47 26.32 -7.23
C GLY D 142 2.24 27.65 -6.54
N MET D 143 0.97 28.09 -6.47
CA MET D 143 0.72 29.31 -5.66
C MET D 143 1.01 29.09 -4.15
N ALA D 144 0.61 27.91 -3.60
CA ALA D 144 0.95 27.60 -2.21
C ALA D 144 2.46 27.73 -1.93
N SER D 145 3.26 27.08 -2.79
CA SER D 145 4.75 27.17 -2.62
C SER D 145 5.33 28.56 -2.80
N SER D 146 4.78 29.36 -3.72
CA SER D 146 5.26 30.73 -3.93
C SER D 146 4.99 31.63 -2.74
N SER D 147 3.79 31.52 -2.18
CA SER D 147 3.40 32.33 -1.04
C SER D 147 4.23 31.88 0.19
N TYR D 148 4.42 30.58 0.34
CA TYR D 148 5.22 30.03 1.42
C TYR D 148 6.68 30.51 1.35
N ALA D 149 7.29 30.38 0.19
CA ALA D 149 8.66 30.83 0.04
C ALA D 149 8.70 32.32 0.21
N HIS D 150 7.70 33.05 -0.30
CA HIS D 150 7.69 34.52 -0.10
C HIS D 150 7.76 34.90 1.40
N SER D 151 7.09 34.10 2.28
CA SER D 151 7.04 34.36 3.72
C SER D 151 8.28 33.84 4.50
N ALA D 152 9.15 33.10 3.84
CA ALA D 152 10.29 32.48 4.57
C ALA D 152 11.32 33.56 5.04
N GLU D 153 11.90 33.38 6.22
CA GLU D 153 12.80 34.37 6.81
C GLU D 153 14.05 33.67 7.31
N GLY D 154 15.22 34.30 7.20
CA GLY D 154 16.45 33.74 7.83
C GLY D 154 16.93 32.59 6.91
N GLU D 155 17.45 31.52 7.49
CA GLU D 155 18.02 30.42 6.74
C GLU D 155 16.93 29.46 6.44
N VAL D 156 16.91 29.02 5.20
CA VAL D 156 15.91 28.05 4.75
C VAL D 156 16.65 26.77 4.36
N THR D 157 15.97 25.65 4.43
CA THR D 157 16.60 24.34 4.22
C THR D 157 15.93 23.60 3.08
N TYR D 158 16.74 22.97 2.25
CA TYR D 158 16.15 22.27 1.11
C TYR D 158 16.61 20.83 1.12
N MET D 159 15.66 19.94 1.30
CA MET D 159 16.03 18.53 1.39
C MET D 159 15.65 17.82 0.14
N VAL D 160 16.64 17.20 -0.53
CA VAL D 160 16.38 16.59 -1.84
C VAL D 160 16.88 15.17 -1.96
N ASP D 161 16.25 14.38 -2.82
CA ASP D 161 16.68 13.00 -3.18
C ASP D 161 17.93 13.09 -4.05
N GLY D 162 19.04 12.52 -3.56
CA GLY D 162 20.28 12.52 -4.34
C GLY D 162 20.61 11.14 -4.94
N SER D 163 19.60 10.27 -5.02
CA SER D 163 19.72 8.89 -5.48
C SER D 163 18.79 8.58 -6.67
N ASN D 164 18.37 9.63 -7.37
CA ASN D 164 17.50 9.46 -8.52
C ASN D 164 18.19 9.77 -9.84
N PRO D 165 18.60 8.69 -10.55
CA PRO D 165 19.32 8.93 -11.82
C PRO D 165 18.47 9.68 -12.91
N LYS D 166 17.18 9.87 -12.68
CA LYS D 166 16.30 10.53 -13.66
C LYS D 166 15.95 11.99 -13.28
N VAL D 167 16.10 12.34 -11.99
CA VAL D 167 15.66 13.60 -11.43
C VAL D 167 16.85 14.26 -10.72
N PRO D 168 17.50 15.25 -11.40
CA PRO D 168 18.56 15.98 -10.74
C PRO D 168 18.05 16.60 -9.44
N ALA D 169 18.95 16.81 -8.50
CA ALA D 169 18.56 17.36 -7.23
C ALA D 169 18.04 18.80 -7.42
N TYR D 170 18.67 19.58 -8.28
CA TYR D 170 18.15 20.89 -8.64
C TYR D 170 17.67 20.85 -10.08
N ARG D 171 16.47 21.35 -10.33
CA ARG D 171 15.88 21.46 -11.68
C ARG D 171 15.15 22.83 -11.82
N PRO D 172 15.38 23.60 -12.90
CA PRO D 172 14.56 24.81 -13.05
C PRO D 172 13.03 24.50 -13.06
N ASP D 173 12.64 23.32 -13.45
CA ASP D 173 11.19 23.08 -13.58
C ASP D 173 10.43 22.40 -12.40
N SER D 174 11.11 22.11 -11.29
CA SER D 174 10.42 21.54 -10.11
C SER D 174 9.66 22.68 -9.42
N PHE D 175 8.85 22.32 -8.46
CA PHE D 175 8.25 23.26 -7.56
C PHE D 175 9.29 24.15 -6.92
N PHE D 176 10.34 23.55 -6.42
CA PHE D 176 11.43 24.37 -5.96
C PHE D 176 12.06 25.38 -6.98
N GLY D 177 12.38 24.90 -8.17
CA GLY D 177 13.02 25.69 -9.27
C GLY D 177 12.11 26.79 -9.83
N LYS D 178 10.80 26.51 -9.90
CA LYS D 178 9.83 27.44 -10.48
C LYS D 178 9.18 28.33 -9.43
N TYR D 179 8.82 27.76 -8.26
CA TYR D 179 7.96 28.44 -7.30
C TYR D 179 8.67 28.87 -6.00
N GLU D 180 9.64 28.10 -5.56
CA GLU D 180 10.23 28.37 -4.26
C GLU D 180 11.44 29.24 -4.35
N LEU D 181 12.49 28.70 -4.95
CA LEU D 181 13.69 29.52 -5.17
C LEU D 181 13.43 30.98 -5.72
N PRO D 182 12.65 31.16 -6.79
CA PRO D 182 12.48 32.58 -7.24
C PRO D 182 11.63 33.46 -6.32
N ASN D 183 10.92 32.85 -5.38
CA ASN D 183 10.16 33.64 -4.42
C ASN D 183 10.82 33.90 -3.08
N LEU D 184 12.06 33.45 -2.87
CA LEU D 184 12.83 33.83 -1.69
C LEU D 184 13.12 35.31 -1.70
N THR D 185 12.91 35.99 -0.58
CA THR D 185 13.03 37.44 -0.56
C THR D 185 14.28 37.83 0.19
N ASN D 186 14.45 39.15 0.31
CA ASN D 186 15.53 39.77 1.08
C ASN D 186 15.47 39.41 2.56
N LYS D 187 14.35 38.78 2.98
CA LYS D 187 14.23 38.26 4.36
C LYS D 187 15.10 36.97 4.54
N VAL D 188 15.43 36.31 3.43
CA VAL D 188 16.19 35.02 3.51
C VAL D 188 17.67 35.35 3.50
N THR D 189 18.45 34.62 4.30
CA THR D 189 19.85 34.95 4.35
C THR D 189 20.76 33.80 3.90
N ARG D 190 20.21 32.61 3.72
CA ARG D 190 21.05 31.41 3.48
C ARG D 190 20.18 30.29 2.95
N VAL D 191 20.73 29.48 2.06
CA VAL D 191 20.05 28.26 1.62
C VAL D 191 20.93 27.08 2.01
N LYS D 192 20.35 26.15 2.74
CA LYS D 192 21.06 25.01 3.29
C LYS D 192 20.52 23.72 2.63
N VAL D 193 21.37 23.03 1.90
CA VAL D 193 20.90 21.87 1.16
C VAL D 193 21.25 20.61 1.97
N ILE D 194 20.24 19.79 2.14
CA ILE D 194 20.44 18.42 2.62
C ILE D 194 20.15 17.40 1.50
N VAL D 195 21.22 16.71 1.07
CA VAL D 195 21.14 15.68 0.01
C VAL D 195 20.92 14.34 0.70
N LEU D 196 19.78 13.73 0.45
CA LEU D 196 19.47 12.45 1.01
C LEU D 196 20.00 11.37 0.07
N HIS D 197 20.91 10.52 0.59
CA HIS D 197 21.36 9.33 -0.17
C HIS D 197 20.68 8.04 0.31
N ARG D 198 19.71 7.57 -0.44
CA ARG D 198 18.86 6.45 -0.01
C ARG D 198 19.73 5.20 0.28
N LEU D 199 19.37 4.48 1.35
CA LEU D 199 20.16 3.33 1.81
C LEU D 199 20.12 2.25 0.76
N GLY D 200 21.28 1.68 0.51
CA GLY D 200 21.46 0.56 -0.43
C GLY D 200 21.21 0.93 -1.89
N GLU D 201 21.34 2.23 -2.23
CA GLU D 201 21.14 2.71 -3.61
C GLU D 201 22.35 3.48 -4.05
N LYS D 202 22.52 3.55 -5.35
CA LYS D 202 23.67 4.23 -5.90
C LYS D 202 23.57 5.74 -5.68
N ILE D 203 24.68 6.29 -5.20
CA ILE D 203 24.78 7.73 -4.99
C ILE D 203 24.85 8.47 -6.34
N ILE D 204 23.96 9.44 -6.57
CA ILE D 204 23.96 10.06 -7.88
C ILE D 204 24.41 11.54 -7.75
N GLU D 205 23.72 12.30 -6.90
CA GLU D 205 23.96 13.76 -6.76
C GLU D 205 24.90 14.02 -5.64
N LYS D 206 25.84 14.94 -5.82
CA LYS D 206 26.79 15.22 -4.75
C LYS D 206 26.96 16.72 -4.60
N CYS D 207 27.14 17.18 -3.36
CA CYS D 207 27.37 18.56 -3.11
C CYS D 207 28.56 19.03 -3.97
N GLY D 208 28.46 20.24 -4.53
CA GLY D 208 29.55 20.89 -5.28
C GLY D 208 29.77 20.35 -6.68
N ALA D 209 28.84 19.54 -7.18
CA ALA D 209 28.96 19.11 -8.56
C ALA D 209 27.54 19.07 -9.23
N GLY D 210 27.51 19.07 -10.56
CA GLY D 210 26.25 18.80 -11.27
C GLY D 210 25.24 19.90 -10.97
N SER D 211 24.00 19.51 -10.81
CA SER D 211 22.94 20.46 -10.65
C SER D 211 23.06 21.20 -9.30
N LEU D 212 23.72 20.58 -8.31
CA LEU D 212 23.96 21.22 -7.03
C LEU D 212 24.96 22.37 -7.13
N LEU D 213 25.93 22.25 -8.04
CA LEU D 213 26.84 23.36 -8.30
C LEU D 213 26.07 24.48 -9.00
N ASP D 214 25.22 24.12 -9.96
CA ASP D 214 24.31 25.05 -10.62
C ASP D 214 23.43 25.81 -9.55
N LEU D 215 22.84 25.07 -8.61
CA LEU D 215 22.05 25.72 -7.53
C LEU D 215 22.94 26.64 -6.68
N GLU D 216 24.08 26.13 -6.26
CA GLU D 216 25.05 26.95 -5.48
C GLU D 216 25.33 28.31 -6.16
N LYS D 217 25.62 28.29 -7.45
CA LYS D 217 25.80 29.55 -8.20
C LYS D 217 24.55 30.44 -8.23
N LEU D 218 23.36 29.86 -8.37
CA LEU D 218 22.15 30.65 -8.36
C LEU D 218 21.94 31.33 -7.01
N VAL D 219 22.19 30.60 -5.92
CA VAL D 219 21.91 31.10 -4.56
C VAL D 219 22.91 32.21 -4.22
N LYS D 220 24.17 31.98 -4.55
CA LYS D 220 25.18 33.03 -4.37
C LYS D 220 24.92 34.32 -5.16
N ALA D 221 24.43 34.17 -6.39
CA ALA D 221 24.02 35.33 -7.21
C ALA D 221 22.93 36.17 -6.52
N LYS D 222 22.12 35.56 -5.64
CA LYS D 222 21.10 36.31 -4.91
C LYS D 222 21.61 36.83 -3.59
N HIS D 223 22.93 36.75 -3.39
CA HIS D 223 23.61 37.17 -2.16
C HIS D 223 23.11 36.45 -0.89
N PHE D 224 22.48 35.28 -1.06
CA PHE D 224 22.33 34.39 0.07
C PHE D 224 23.61 33.56 0.26
N ALA D 225 23.95 33.26 1.50
CA ALA D 225 24.98 32.24 1.75
C ALA D 225 24.38 30.87 1.40
N PHE D 226 25.25 29.87 1.30
CA PHE D 226 24.82 28.56 0.80
C PHE D 226 25.66 27.53 1.56
N ASP D 227 25.05 26.44 1.99
CA ASP D 227 25.83 25.25 2.38
C ASP D 227 25.13 23.97 1.90
N CYS D 228 25.85 22.85 1.94
CA CYS D 228 25.32 21.60 1.42
C CYS D 228 25.93 20.45 2.22
N VAL D 229 25.10 19.54 2.68
CA VAL D 229 25.61 18.28 3.27
C VAL D 229 24.86 17.06 2.71
N GLU D 230 25.51 15.90 2.75
CA GLU D 230 24.94 14.62 2.20
C GLU D 230 24.74 13.71 3.38
N ASN D 231 23.52 13.18 3.55
CA ASN D 231 23.21 12.36 4.77
C ASN D 231 23.89 12.80 6.10
N PRO D 232 23.60 14.04 6.56
CA PRO D 232 24.09 14.37 7.91
C PRO D 232 23.57 13.31 8.88
N ARG D 233 24.28 13.10 9.99
CA ARG D 233 23.98 12.01 10.91
C ARG D 233 22.56 11.89 11.42
N ALA D 234 21.96 12.98 11.82
CA ALA D 234 20.56 12.93 12.34
C ALA D 234 19.66 12.32 11.24
N VAL D 235 19.93 12.67 9.97
CA VAL D 235 19.10 12.17 8.87
C VAL D 235 19.37 10.68 8.59
N LEU D 236 20.67 10.32 8.57
CA LEU D 236 21.04 8.93 8.35
C LEU D 236 20.37 8.02 9.37
N PHE D 237 20.42 8.43 10.64
CA PHE D 237 19.79 7.68 11.74
C PHE D 237 18.29 7.48 11.53
N LEU D 238 17.61 8.48 10.99
CA LEU D 238 16.21 8.27 10.67
C LEU D 238 15.98 7.24 9.50
N LEU D 239 16.76 7.33 8.43
CA LEU D 239 16.81 6.22 7.43
C LEU D 239 17.06 4.86 8.08
N CYS D 240 18.06 4.79 8.93
CA CYS D 240 18.42 3.50 9.49
C CYS D 240 17.33 2.90 10.36
N SER D 241 16.46 3.75 10.95
CA SER D 241 15.42 3.15 11.77
C SER D 241 14.57 2.21 10.91
N ASP D 242 14.35 2.57 9.63
CA ASP D 242 13.57 1.67 8.71
C ASP D 242 14.32 0.51 8.03
N ASN D 243 15.63 0.53 8.09
CA ASN D 243 16.38 -0.52 7.40
C ASN D 243 17.67 -0.73 8.20
N PRO D 244 17.54 -1.27 9.43
CA PRO D 244 18.66 -1.19 10.36
C PRO D 244 19.86 -2.11 10.00
N ASN D 245 19.66 -3.05 9.06
CA ASN D 245 20.74 -3.87 8.49
C ASN D 245 21.49 -3.24 7.36
N ALA D 246 20.94 -2.18 6.75
CA ALA D 246 21.73 -1.50 5.71
C ALA D 246 23.20 -1.37 6.14
N ARG D 247 24.12 -1.41 5.16
CA ARG D 247 25.56 -1.40 5.48
C ARG D 247 25.91 -0.05 6.07
N GLU D 248 25.25 0.95 5.51
CA GLU D 248 25.42 2.33 5.90
C GLU D 248 25.04 2.55 7.38
N CYS D 249 24.36 1.57 7.99
CA CYS D 249 23.79 1.75 9.35
C CYS D 249 24.63 1.03 10.39
N ARG D 250 25.79 0.48 9.98
CA ARG D 250 26.72 -0.11 10.98
C ARG D 250 27.15 0.88 12.05
N LEU D 251 27.19 0.38 13.29
CA LEU D 251 27.62 1.16 14.45
C LEU D 251 28.74 0.43 15.16
N ALA D 252 29.39 1.16 16.08
CA ALA D 252 30.58 0.65 16.81
C ALA D 252 30.43 -0.76 17.44
N ILE E 2 -1.92 -15.56 46.65
CA ILE E 2 -2.57 -15.00 47.86
C ILE E 2 -3.66 -15.98 48.42
N VAL E 3 -3.52 -16.25 49.71
CA VAL E 3 -4.40 -17.18 50.43
C VAL E 3 -5.66 -16.48 51.01
N PRO E 4 -6.86 -16.89 50.62
CA PRO E 4 -8.04 -16.27 51.20
C PRO E 4 -8.18 -16.58 52.67
N THR E 5 -8.75 -15.64 53.41
CA THR E 5 -9.10 -15.83 54.83
C THR E 5 -10.06 -17.05 55.02
N ARG E 6 -9.69 -17.96 55.94
CA ARG E 6 -10.54 -19.12 56.24
C ARG E 6 -11.80 -18.67 56.97
N GLU E 7 -12.87 -19.43 56.76
CA GLU E 7 -14.10 -19.23 57.52
C GLU E 7 -14.51 -17.77 57.51
N LEU E 8 -14.57 -17.23 56.31
CA LEU E 8 -14.76 -15.80 56.12
C LEU E 8 -16.03 -15.30 56.80
N GLU E 9 -17.15 -15.95 56.55
CA GLU E 9 -18.41 -15.53 57.21
C GLU E 9 -18.35 -15.56 58.76
N ASN E 10 -17.75 -16.58 59.34
CA ASN E 10 -17.69 -16.62 60.78
C ASN E 10 -16.76 -15.51 61.32
N VAL E 11 -15.65 -15.21 60.62
CA VAL E 11 -14.80 -14.16 61.06
C VAL E 11 -15.52 -12.80 60.95
N PHE E 12 -16.17 -12.56 59.84
CA PHE E 12 -16.95 -11.34 59.65
C PHE E 12 -18.01 -11.22 60.74
N LEU E 13 -18.85 -12.24 60.90
CA LEU E 13 -19.91 -12.22 61.89
C LEU E 13 -19.41 -12.05 63.33
N GLY E 14 -18.29 -12.65 63.67
CA GLY E 14 -17.77 -12.55 65.05
C GLY E 14 -17.19 -11.17 65.30
N ARG E 15 -16.45 -10.63 64.34
CA ARG E 15 -15.89 -9.24 64.50
C ARG E 15 -17.07 -8.31 64.57
N CYS E 16 -18.06 -8.52 63.69
CA CYS E 16 -19.24 -7.64 63.73
C CYS E 16 -19.96 -7.53 65.10
N LYS E 17 -20.22 -8.71 65.68
CA LYS E 17 -20.91 -8.80 66.96
C LYS E 17 -20.04 -8.25 68.07
N ASP E 18 -18.75 -8.60 68.05
CA ASP E 18 -17.76 -8.10 69.03
C ASP E 18 -17.81 -6.56 68.99
N TYR E 19 -17.76 -6.01 67.79
CA TYR E 19 -17.79 -4.52 67.64
C TYR E 19 -19.12 -3.94 68.23
N GLU E 20 -20.23 -4.50 67.76
CA GLU E 20 -21.57 -3.97 68.05
C GLU E 20 -21.73 -3.79 69.55
N ILE E 21 -21.30 -4.81 70.29
CA ILE E 21 -21.59 -4.89 71.70
C ILE E 21 -20.53 -4.23 72.55
N THR E 22 -19.27 -4.24 72.14
CA THR E 22 -18.22 -3.89 73.07
C THR E 22 -17.19 -2.90 72.51
N ARG E 23 -17.16 -2.62 71.17
CA ARG E 23 -16.05 -1.79 70.67
C ARG E 23 -16.47 -0.32 70.37
N TYR E 24 -15.62 0.64 70.78
CA TYR E 24 -15.80 2.11 70.45
C TYR E 24 -17.17 2.66 70.93
N LEU E 25 -17.66 2.10 72.05
CA LEU E 25 -18.98 2.41 72.56
C LEU E 25 -19.18 3.91 72.85
N ASP E 26 -18.26 4.55 73.48
CA ASP E 26 -18.60 5.96 73.59
C ASP E 26 -17.94 6.90 72.56
N ILE E 27 -17.45 6.27 71.50
CA ILE E 27 -16.61 6.95 70.52
C ILE E 27 -17.30 7.03 69.16
N LEU E 28 -17.99 5.97 68.73
CA LEU E 28 -18.70 5.87 67.44
C LEU E 28 -20.08 5.27 67.70
N PRO E 29 -21.09 5.66 66.91
CA PRO E 29 -22.44 5.14 67.09
C PRO E 29 -22.56 3.76 66.53
N ARG E 30 -23.60 3.05 67.01
CA ARG E 30 -23.95 1.76 66.53
C ARG E 30 -24.62 1.90 65.19
N VAL E 31 -24.48 0.89 64.37
CA VAL E 31 -25.21 0.83 63.11
C VAL E 31 -26.60 0.25 63.31
N ARG E 32 -27.58 0.65 62.48
CA ARG E 32 -28.96 0.14 62.54
C ARG E 32 -29.13 -1.33 62.12
N SER E 33 -28.37 -1.75 61.12
CA SER E 33 -28.53 -3.07 60.53
C SER E 33 -27.83 -4.10 61.39
N ASP E 34 -28.44 -5.28 61.51
CA ASP E 34 -27.83 -6.34 62.29
C ASP E 34 -26.69 -7.07 61.51
N CYS E 35 -25.92 -7.90 62.20
CA CYS E 35 -24.74 -8.47 61.61
C CYS E 35 -25.09 -9.37 60.43
N SER E 36 -26.22 -10.10 60.52
CA SER E 36 -26.65 -10.95 59.48
C SER E 36 -27.07 -10.11 58.26
N ALA E 37 -27.73 -8.97 58.45
CA ALA E 37 -28.10 -8.19 57.26
C ALA E 37 -26.82 -7.58 56.66
N LEU E 38 -25.82 -7.28 57.48
CA LEU E 38 -24.60 -6.67 56.89
C LEU E 38 -23.81 -7.70 56.07
N TRP E 39 -23.81 -8.95 56.51
CA TRP E 39 -23.15 -10.05 55.79
C TRP E 39 -23.80 -10.28 54.42
N LYS E 40 -25.15 -10.33 54.42
CA LYS E 40 -25.92 -10.44 53.18
C LYS E 40 -25.45 -9.39 52.19
N ASP E 41 -25.32 -8.13 52.62
CA ASP E 41 -24.93 -7.02 51.69
C ASP E 41 -23.49 -7.17 51.26
N PHE E 42 -22.59 -7.50 52.21
CA PHE E 42 -21.17 -7.65 51.88
C PHE E 42 -21.00 -8.82 50.85
N PHE E 43 -21.59 -9.98 51.16
CA PHE E 43 -21.42 -11.19 50.36
C PHE E 43 -21.94 -11.00 48.95
N LYS E 44 -23.09 -10.36 48.81
CA LYS E 44 -23.64 -10.19 47.48
C LYS E 44 -22.80 -9.31 46.56
N ALA E 45 -21.97 -8.45 47.15
CA ALA E 45 -21.14 -7.61 46.32
C ALA E 45 -20.20 -8.42 45.39
N PHE E 46 -19.63 -9.50 45.92
CA PHE E 46 -18.59 -10.25 45.22
C PHE E 46 -19.02 -11.69 44.85
N SER E 47 -20.01 -12.26 45.54
CA SER E 47 -20.29 -13.72 45.43
C SER E 47 -20.79 -14.11 44.04
N PHE E 48 -20.48 -15.33 43.61
CA PHE E 48 -20.99 -15.85 42.34
C PHE E 48 -20.57 -15.10 41.09
N LYS E 49 -19.43 -14.40 41.15
CA LYS E 49 -18.92 -13.70 39.98
C LYS E 49 -17.41 -13.93 39.90
N ASN E 50 -16.81 -13.65 38.70
CA ASN E 50 -15.31 -13.71 38.54
C ASN E 50 -14.74 -12.82 39.63
N PRO E 51 -13.59 -13.22 40.22
CA PRO E 51 -12.98 -12.44 41.25
C PRO E 51 -12.59 -11.02 40.82
N CYS E 52 -12.46 -10.75 39.50
CA CYS E 52 -12.18 -9.44 38.91
C CYS E 52 -13.43 -8.76 38.44
N ASP E 53 -14.57 -9.37 38.60
CA ASP E 53 -15.80 -8.73 38.14
C ASP E 53 -16.44 -7.95 39.31
N LEU E 54 -15.90 -6.76 39.58
CA LEU E 54 -16.40 -5.82 40.57
C LEU E 54 -16.14 -4.43 40.05
N ASP E 55 -16.86 -3.47 40.57
CA ASP E 55 -16.58 -2.06 40.31
C ASP E 55 -16.85 -1.21 41.55
N LEU E 56 -16.76 0.10 41.40
CA LEU E 56 -16.77 0.95 42.55
C LEU E 56 -18.17 0.92 43.15
N GLY E 57 -19.19 0.47 42.41
CA GLY E 57 -20.56 0.42 42.98
C GLY E 57 -20.85 -0.94 43.65
N SER E 58 -19.92 -1.92 43.55
CA SER E 58 -20.25 -3.27 44.05
C SER E 58 -20.67 -3.36 45.50
N TYR E 59 -19.96 -2.68 46.41
CA TYR E 59 -20.28 -2.81 47.81
C TYR E 59 -21.17 -1.59 48.26
N LYS E 60 -21.79 -0.91 47.33
CA LYS E 60 -22.52 0.35 47.67
C LYS E 60 -23.56 0.07 48.77
N ASP E 61 -24.33 -1.01 48.61
CA ASP E 61 -25.35 -1.32 49.64
C ASP E 61 -24.74 -1.66 50.98
N PHE E 62 -23.63 -2.41 50.97
CA PHE E 62 -22.96 -2.69 52.25
C PHE E 62 -22.49 -1.37 52.98
N PHE E 63 -21.78 -0.50 52.29
CA PHE E 63 -21.35 0.75 52.93
C PHE E 63 -22.48 1.66 53.39
N THR E 64 -23.58 1.74 52.66
CA THR E 64 -24.81 2.46 53.14
C THR E 64 -25.32 1.82 54.49
N SER E 65 -25.44 0.51 54.55
CA SER E 65 -25.83 -0.08 55.83
C SER E 65 -24.76 0.11 56.94
N ALA E 66 -23.49 0.01 56.61
CA ALA E 66 -22.40 0.05 57.63
C ALA E 66 -21.88 1.45 58.00
N GLN E 67 -22.36 2.51 57.33
CA GLN E 67 -21.73 3.85 57.59
C GLN E 67 -22.23 4.47 58.93
N GLN E 68 -21.29 5.04 59.66
CA GLN E 68 -21.58 5.59 60.97
C GLN E 68 -21.39 7.06 60.81
N GLN E 69 -22.19 7.86 61.52
CA GLN E 69 -21.85 9.27 61.63
C GLN E 69 -20.54 9.41 62.35
N LEU E 70 -19.67 10.30 61.88
CA LEU E 70 -18.34 10.40 62.48
C LEU E 70 -18.23 11.67 63.34
N PRO E 71 -17.55 11.57 64.51
CA PRO E 71 -17.41 12.67 65.49
C PRO E 71 -16.68 13.84 64.85
N LYS E 72 -17.25 15.03 64.97
CA LYS E 72 -16.63 16.20 64.31
C LYS E 72 -15.24 16.50 64.84
N ASN E 73 -14.40 17.00 63.93
CA ASN E 73 -13.04 17.34 64.25
C ASN E 73 -12.15 16.18 64.58
N LYS E 74 -12.66 14.94 64.59
CA LYS E 74 -11.82 13.79 65.01
C LYS E 74 -11.34 12.89 63.87
N VAL E 75 -11.79 13.14 62.65
CA VAL E 75 -11.48 12.19 61.58
C VAL E 75 -10.00 12.37 61.11
N MET E 76 -9.31 11.26 61.05
CA MET E 76 -7.90 11.21 60.59
C MET E 76 -7.78 10.32 59.29
N PHE E 77 -6.95 10.78 58.36
CA PHE E 77 -6.54 10.05 57.17
C PHE E 77 -5.04 9.89 57.26
N TRP E 78 -4.44 8.99 56.49
CA TRP E 78 -3.00 8.72 56.71
C TRP E 78 -2.51 8.14 55.41
N SER E 79 -1.27 8.40 55.03
CA SER E 79 -0.67 7.74 53.90
C SER E 79 0.78 7.37 54.22
N GLY E 80 1.09 6.07 54.21
CA GLY E 80 2.52 5.66 54.31
C GLY E 80 3.06 5.60 55.73
N VAL E 81 2.14 5.78 56.71
CA VAL E 81 2.50 5.84 58.11
C VAL E 81 1.49 5.04 58.92
N TYR E 82 1.07 3.89 58.40
CA TYR E 82 -0.01 3.11 59.12
C TYR E 82 0.27 3.05 60.65
N ASP E 83 1.44 2.52 61.00
CA ASP E 83 1.68 2.29 62.40
C ASP E 83 1.66 3.57 63.26
N GLU E 84 2.40 4.59 62.81
CA GLU E 84 2.51 5.84 63.54
C GLU E 84 1.14 6.52 63.62
N ALA E 85 0.37 6.52 62.53
CA ALA E 85 -0.93 7.17 62.58
C ALA E 85 -1.88 6.47 63.55
N HIS E 86 -1.92 5.14 63.52
CA HIS E 86 -2.81 4.41 64.43
C HIS E 86 -2.33 4.40 65.88
N ASP E 87 -1.01 4.40 66.09
CA ASP E 87 -0.54 4.63 67.50
C ASP E 87 -0.95 6.00 68.02
N TYR E 88 -0.75 7.02 67.20
CA TYR E 88 -1.08 8.36 67.64
C TYR E 88 -2.58 8.56 67.81
N ALA E 89 -3.39 8.12 66.85
CA ALA E 89 -4.87 8.20 66.98
C ALA E 89 -5.39 7.43 68.20
N ASN E 90 -4.72 6.34 68.55
CA ASN E 90 -4.89 5.69 69.86
C ASN E 90 -6.25 5.01 70.08
N THR E 91 -6.56 4.06 69.23
CA THR E 91 -7.86 3.33 69.31
C THR E 91 -9.07 4.27 69.52
N GLY E 92 -9.15 5.27 68.67
CA GLY E 92 -10.29 6.16 68.73
C GLY E 92 -10.24 7.21 69.81
N ARG E 93 -9.27 7.14 70.73
CA ARG E 93 -9.28 8.06 71.89
C ARG E 93 -8.91 9.47 71.49
N LYS E 94 -7.98 9.62 70.55
CA LYS E 94 -7.57 10.94 70.08
C LYS E 94 -8.16 11.24 68.67
N TYR E 95 -8.00 10.33 67.70
CA TYR E 95 -8.66 10.51 66.41
C TYR E 95 -9.34 9.20 66.00
N ILE E 96 -10.27 9.27 65.05
CA ILE E 96 -10.90 8.08 64.39
C ILE E 96 -10.04 7.83 63.16
N THR E 97 -9.74 6.57 62.88
CA THR E 97 -9.21 6.17 61.57
C THR E 97 -10.28 5.26 60.90
N LEU E 98 -10.17 5.07 59.59
CA LEU E 98 -11.08 4.13 58.89
C LEU E 98 -11.14 2.74 59.57
N GLU E 99 -9.97 2.27 60.04
CA GLU E 99 -9.79 1.03 60.73
C GLU E 99 -10.59 0.90 62.05
N ASP E 100 -10.99 2.04 62.64
CA ASP E 100 -11.90 2.03 63.78
C ASP E 100 -13.38 1.97 63.48
N THR E 101 -13.76 2.30 62.25
CA THR E 101 -15.17 2.30 61.91
C THR E 101 -15.58 0.82 61.71
N LEU E 102 -16.88 0.55 61.78
CA LEU E 102 -17.35 -0.83 61.68
C LEU E 102 -16.84 -1.59 60.44
N PRO E 103 -17.04 -1.03 59.23
CA PRO E 103 -16.55 -1.82 58.11
C PRO E 103 -15.04 -1.99 58.04
N GLY E 104 -14.31 -0.96 58.44
CA GLY E 104 -12.87 -0.98 58.40
C GLY E 104 -12.41 -2.03 59.43
N TYR E 105 -13.07 -2.10 60.57
CA TYR E 105 -12.69 -3.06 61.64
C TYR E 105 -13.02 -4.49 61.19
N MET E 106 -14.17 -4.65 60.56
CA MET E 106 -14.57 -5.97 60.14
C MET E 106 -13.62 -6.60 59.10
N LEU E 107 -13.19 -5.82 58.10
CA LEU E 107 -12.46 -6.40 56.96
C LEU E 107 -10.98 -6.19 56.99
N ASN E 108 -10.46 -5.51 58.00
CA ASN E 108 -9.06 -5.14 57.97
C ASN E 108 -8.20 -6.45 57.91
N SER E 109 -7.27 -6.48 57.00
CA SER E 109 -6.32 -7.56 56.78
C SER E 109 -6.97 -8.79 56.14
N LEU E 110 -8.25 -8.74 55.85
CA LEU E 110 -8.88 -10.00 55.36
C LEU E 110 -8.69 -10.12 53.85
N VAL E 111 -8.80 -11.33 53.34
CA VAL E 111 -8.49 -11.60 51.94
C VAL E 111 -9.64 -12.44 51.45
N TRP E 112 -10.34 -11.98 50.41
CA TRP E 112 -11.49 -12.75 49.89
C TRP E 112 -11.69 -12.49 48.41
N CYS E 113 -12.25 -13.46 47.69
CA CYS E 113 -12.66 -13.15 46.33
C CYS E 113 -13.78 -14.02 45.89
N GLY E 114 -14.55 -13.49 44.92
CA GLY E 114 -15.63 -14.25 44.29
C GLY E 114 -15.18 -15.40 43.37
N GLN E 115 -16.08 -16.37 43.14
CA GLN E 115 -15.96 -17.24 41.98
C GLN E 115 -17.41 -17.54 41.47
N ARG E 116 -17.54 -17.92 40.22
CA ARG E 116 -18.88 -18.21 39.68
C ARG E 116 -19.45 -19.50 40.20
N ALA E 117 -18.62 -20.54 40.33
CA ALA E 117 -19.10 -21.84 40.82
C ALA E 117 -19.44 -21.77 42.30
N ASN E 118 -20.31 -22.69 42.75
CA ASN E 118 -20.68 -22.78 44.13
C ASN E 118 -19.44 -23.05 44.93
N PRO E 119 -19.34 -22.48 46.14
CA PRO E 119 -20.30 -21.69 46.91
C PRO E 119 -20.18 -20.19 46.68
N GLY E 120 -19.63 -19.77 45.54
CA GLY E 120 -19.76 -18.39 45.12
C GLY E 120 -18.58 -17.56 45.58
N PHE E 121 -17.64 -18.19 46.27
CA PHE E 121 -16.41 -17.52 46.70
C PHE E 121 -15.28 -18.54 46.68
N ASN E 122 -14.03 -18.09 46.61
CA ASN E 122 -12.87 -19.00 46.44
C ASN E 122 -12.12 -19.20 47.76
N GLU E 123 -12.05 -20.43 48.25
CA GLU E 123 -11.44 -20.60 49.55
C GLU E 123 -10.00 -21.06 49.41
N LYS E 124 -9.53 -21.20 48.17
CA LYS E 124 -8.21 -21.74 47.92
C LYS E 124 -7.21 -20.66 47.51
N VAL E 125 -7.60 -19.79 46.61
CA VAL E 125 -6.67 -18.80 46.05
C VAL E 125 -7.47 -17.59 45.57
N CYS E 126 -6.88 -16.42 45.69
CA CYS E 126 -7.46 -15.21 45.07
C CYS E 126 -6.40 -14.68 44.12
N PRO E 127 -6.80 -14.01 43.03
CA PRO E 127 -5.75 -13.55 42.09
C PRO E 127 -4.91 -12.40 42.65
N ASP E 128 -3.73 -12.18 42.09
CA ASP E 128 -3.01 -10.96 42.46
C ASP E 128 -3.90 -9.84 41.88
N PHE E 129 -4.29 -8.84 42.68
CA PHE E 129 -5.26 -7.90 42.15
C PHE E 129 -4.62 -6.89 41.13
N LYS E 130 -3.28 -6.88 40.97
CA LYS E 130 -2.60 -6.21 39.84
C LYS E 130 -3.09 -6.84 38.55
N THR E 131 -3.78 -7.96 38.66
CA THR E 131 -4.31 -8.59 37.47
C THR E 131 -5.72 -8.12 37.06
N CYS E 132 -6.45 -7.50 37.98
CA CYS E 132 -7.83 -7.10 37.75
C CYS E 132 -7.87 -5.60 37.34
N PRO E 133 -8.94 -5.14 36.69
CA PRO E 133 -9.01 -3.69 36.38
C PRO E 133 -9.00 -2.93 37.69
N VAL E 134 -8.54 -1.71 37.66
CA VAL E 134 -8.36 -0.95 38.91
C VAL E 134 -9.71 -0.82 39.64
N GLN E 135 -10.80 -0.66 38.93
CA GLN E 135 -12.08 -0.42 39.64
C GLN E 135 -12.51 -1.66 40.45
N ALA E 136 -12.03 -2.84 40.06
CA ALA E 136 -12.32 -4.08 40.75
C ALA E 136 -11.39 -4.24 41.91
N ARG E 137 -10.10 -4.02 41.67
CA ARG E 137 -9.02 -4.08 42.62
C ARG E 137 -9.26 -3.10 43.86
N GLU E 138 -9.88 -1.95 43.56
CA GLU E 138 -10.14 -0.97 44.57
C GLU E 138 -11.65 -0.89 44.99
N SER E 139 -12.47 -1.80 44.47
CA SER E 139 -13.89 -1.72 44.69
C SER E 139 -14.20 -1.59 46.20
N PHE E 140 -13.58 -2.44 47.05
CA PHE E 140 -13.94 -2.43 48.47
C PHE E 140 -13.29 -1.26 49.24
N TRP E 141 -11.97 -1.19 49.23
CA TRP E 141 -11.32 -0.16 50.08
C TRP E 141 -11.49 1.27 49.47
N GLY E 142 -11.58 1.37 48.15
CA GLY E 142 -11.80 2.69 47.60
C GLY E 142 -13.19 3.22 48.01
N MET E 143 -14.24 2.38 47.95
CA MET E 143 -15.57 2.82 48.38
C MET E 143 -15.56 3.00 49.89
N ALA E 144 -14.90 2.11 50.65
CA ALA E 144 -14.72 2.42 52.08
C ALA E 144 -14.15 3.83 52.34
N SER E 145 -13.04 4.17 51.70
CA SER E 145 -12.42 5.46 51.89
C SER E 145 -13.36 6.56 51.44
N SER E 146 -14.08 6.37 50.33
CA SER E 146 -14.96 7.43 49.82
C SER E 146 -16.10 7.73 50.80
N SER E 147 -16.74 6.67 51.28
CA SER E 147 -17.92 6.81 52.21
C SER E 147 -17.43 7.42 53.54
N TYR E 148 -16.23 6.98 53.97
CA TYR E 148 -15.61 7.50 55.22
C TYR E 148 -15.38 9.00 55.06
N ALA E 149 -14.70 9.39 53.99
CA ALA E 149 -14.36 10.81 53.83
C ALA E 149 -15.64 11.65 53.68
N HIS E 150 -16.64 11.11 53.00
CA HIS E 150 -17.88 11.83 52.73
C HIS E 150 -18.67 12.13 54.04
N SER E 151 -18.35 11.40 55.13
CA SER E 151 -19.02 11.53 56.41
C SER E 151 -18.25 12.39 57.35
N ALA E 152 -17.00 12.76 56.98
CA ALA E 152 -16.18 13.61 57.85
C ALA E 152 -16.81 14.99 58.03
N GLU E 153 -16.74 15.53 59.25
CA GLU E 153 -17.19 16.91 59.53
C GLU E 153 -16.18 17.69 60.37
N GLY E 154 -16.19 19.02 60.28
CA GLY E 154 -15.23 19.84 61.01
C GLY E 154 -13.78 19.74 60.51
N GLU E 155 -12.79 19.72 61.40
CA GLU E 155 -11.39 19.72 60.98
C GLU E 155 -11.13 18.27 60.69
N VAL E 156 -10.32 17.99 59.68
CA VAL E 156 -9.79 16.61 59.45
C VAL E 156 -8.30 16.62 59.62
N THR E 157 -7.74 15.49 59.99
CA THR E 157 -6.30 15.44 60.14
C THR E 157 -5.71 14.44 59.16
N TYR E 158 -4.54 14.75 58.64
CA TYR E 158 -3.86 13.90 57.65
C TYR E 158 -2.39 13.72 57.97
N MET E 159 -1.98 12.49 58.26
CA MET E 159 -0.61 12.24 58.64
C MET E 159 0.13 11.61 57.45
N VAL E 160 1.29 12.18 57.11
CA VAL E 160 2.06 11.76 55.96
C VAL E 160 3.54 11.52 56.32
N ASP E 161 4.20 10.84 55.41
CA ASP E 161 5.60 10.49 55.53
C ASP E 161 6.38 11.56 54.77
N GLY E 162 7.23 12.25 55.50
CA GLY E 162 8.05 13.28 54.82
C GLY E 162 9.49 12.86 54.66
N SER E 163 9.73 11.58 54.82
CA SER E 163 11.12 11.06 54.68
C SER E 163 11.28 9.94 53.64
N ASN E 164 10.31 9.77 52.73
CA ASN E 164 10.38 8.68 51.78
C ASN E 164 10.88 9.23 50.43
N PRO E 165 12.14 8.90 50.01
CA PRO E 165 12.63 9.43 48.71
C PRO E 165 11.89 8.95 47.46
N LYS E 166 11.25 7.80 47.56
CA LYS E 166 10.54 7.13 46.47
C LYS E 166 9.05 7.53 46.40
N VAL E 167 8.46 8.08 47.47
CA VAL E 167 7.01 8.31 47.55
C VAL E 167 6.71 9.69 48.16
N PRO E 168 6.25 10.65 47.34
CA PRO E 168 5.90 11.95 47.93
C PRO E 168 4.90 11.84 49.08
N ALA E 169 5.06 12.77 50.01
CA ALA E 169 4.18 12.87 51.16
C ALA E 169 2.69 12.89 50.72
N TYR E 170 2.32 13.78 49.81
CA TYR E 170 0.95 13.80 49.16
C TYR E 170 1.12 13.37 47.67
N ARG E 171 0.27 12.47 47.20
CA ARG E 171 0.22 12.19 45.77
C ARG E 171 -1.25 11.87 45.42
N PRO E 172 -1.66 12.31 44.24
CA PRO E 172 -3.06 12.15 43.81
C PRO E 172 -3.42 10.68 43.65
N ASP E 173 -2.43 9.81 43.44
CA ASP E 173 -2.73 8.40 43.32
C ASP E 173 -2.74 7.52 44.55
N SER E 174 -2.46 8.06 45.74
CA SER E 174 -2.72 7.32 46.94
C SER E 174 -4.26 7.16 47.17
N PHE E 175 -4.64 6.26 48.06
CA PHE E 175 -6.10 6.22 48.42
C PHE E 175 -6.63 7.54 48.91
N PHE E 176 -5.84 8.24 49.73
CA PHE E 176 -6.24 9.61 50.07
C PHE E 176 -6.46 10.56 48.89
N GLY E 177 -5.47 10.63 47.95
CA GLY E 177 -5.55 11.48 46.76
C GLY E 177 -6.71 11.04 45.84
N LYS E 178 -7.03 9.73 45.78
CA LYS E 178 -8.03 9.18 44.84
C LYS E 178 -9.49 9.29 45.42
N TYR E 179 -9.62 9.04 46.73
CA TYR E 179 -10.94 8.73 47.30
C TYR E 179 -11.35 9.60 48.44
N GLU E 180 -10.37 10.19 49.14
CA GLU E 180 -10.68 10.87 50.41
C GLU E 180 -10.70 12.40 50.25
N LEU E 181 -9.56 13.01 49.92
CA LEU E 181 -9.51 14.49 49.67
C LEU E 181 -10.64 14.93 48.72
N PRO E 182 -10.81 14.24 47.59
CA PRO E 182 -11.83 14.81 46.68
C PRO E 182 -13.24 14.58 47.16
N ASN E 183 -13.45 13.67 48.12
CA ASN E 183 -14.81 13.40 48.60
C ASN E 183 -15.17 14.15 49.92
N LEU E 184 -14.32 15.08 50.39
CA LEU E 184 -14.61 15.80 51.61
C LEU E 184 -15.68 16.82 51.24
N THR E 185 -16.72 16.94 52.04
CA THR E 185 -17.84 17.81 51.69
C THR E 185 -17.71 19.18 52.31
N ASN E 186 -18.70 20.07 52.09
CA ASN E 186 -18.60 21.39 52.67
C ASN E 186 -18.84 21.36 54.20
N LYS E 187 -19.07 20.20 54.81
CA LYS E 187 -19.13 20.09 56.30
C LYS E 187 -17.74 19.99 56.88
N VAL E 188 -16.74 19.83 56.03
CA VAL E 188 -15.35 19.88 56.50
C VAL E 188 -14.94 21.35 56.44
N THR E 189 -14.20 21.82 57.45
CA THR E 189 -13.71 23.20 57.56
C THR E 189 -12.22 23.45 57.34
N ARG E 190 -11.37 22.45 57.54
CA ARG E 190 -9.92 22.66 57.68
C ARG E 190 -9.22 21.32 57.49
N VAL E 191 -8.09 21.32 56.78
CA VAL E 191 -7.31 20.11 56.69
C VAL E 191 -6.01 20.42 57.46
N LYS E 192 -5.70 19.57 58.46
CA LYS E 192 -4.49 19.74 59.31
C LYS E 192 -3.51 18.62 59.00
N VAL E 193 -2.34 18.99 58.48
CA VAL E 193 -1.40 17.98 58.01
C VAL E 193 -0.35 17.79 59.06
N ILE E 194 -0.10 16.51 59.39
CA ILE E 194 1.05 16.15 60.26
C ILE E 194 2.09 15.44 59.39
N VAL E 195 3.28 16.04 59.28
CA VAL E 195 4.33 15.46 58.51
C VAL E 195 5.25 14.69 59.47
N LEU E 196 5.48 13.45 59.17
CA LEU E 196 6.47 12.71 59.91
C LEU E 196 7.88 12.87 59.33
N HIS E 197 8.84 13.33 60.12
CA HIS E 197 10.25 13.32 59.70
C HIS E 197 10.91 12.16 60.43
N ARG E 198 10.96 10.98 59.82
CA ARG E 198 11.48 9.82 60.56
C ARG E 198 12.83 10.12 61.19
N LEU E 199 13.04 9.52 62.38
CA LEU E 199 14.24 9.78 63.19
C LEU E 199 15.48 9.24 62.47
N GLY E 200 16.55 10.01 62.46
CA GLY E 200 17.82 9.60 61.87
C GLY E 200 17.80 9.44 60.36
N GLU E 201 16.83 10.06 59.68
CA GLU E 201 16.72 9.96 58.22
C GLU E 201 16.65 11.38 57.61
N LYS E 202 17.07 11.48 56.36
CA LYS E 202 17.07 12.71 55.56
C LYS E 202 15.64 13.19 55.42
N ILE E 203 15.46 14.50 55.49
CA ILE E 203 14.13 15.10 55.30
C ILE E 203 13.87 15.30 53.81
N ILE E 204 12.78 14.71 53.34
CA ILE E 204 12.50 14.72 51.91
C ILE E 204 11.45 15.79 51.68
N GLU E 205 10.41 15.87 52.52
CA GLU E 205 9.35 16.82 52.30
C GLU E 205 9.12 17.74 53.46
N LYS E 206 8.77 19.01 53.19
CA LYS E 206 8.51 20.03 54.20
C LYS E 206 7.23 20.76 54.00
N CYS E 207 6.61 21.21 55.08
CA CYS E 207 5.43 22.08 54.98
C CYS E 207 5.69 23.25 54.04
N GLY E 208 4.68 23.62 53.22
CA GLY E 208 4.84 24.67 52.17
C GLY E 208 5.79 24.50 50.97
N ALA E 209 6.28 23.29 50.69
CA ALA E 209 7.15 23.07 49.53
C ALA E 209 6.70 21.73 48.88
N GLY E 210 7.11 21.47 47.64
CA GLY E 210 6.92 20.12 47.04
C GLY E 210 5.43 19.66 47.05
N SER E 211 5.18 18.40 47.36
CA SER E 211 3.78 17.91 47.30
C SER E 211 2.90 18.46 48.43
N LEU E 212 3.48 18.99 49.51
CA LEU E 212 2.66 19.59 50.53
C LEU E 212 2.08 20.95 50.06
N LEU E 213 2.86 21.64 49.22
CA LEU E 213 2.40 22.85 48.60
C LEU E 213 1.34 22.47 47.56
N ASP E 214 1.54 21.43 46.77
CA ASP E 214 0.43 21.01 45.87
C ASP E 214 -0.81 20.75 46.69
N LEU E 215 -0.64 20.00 47.78
CA LEU E 215 -1.79 19.63 48.60
C LEU E 215 -2.44 20.89 49.18
N GLU E 216 -1.63 21.76 49.81
CA GLU E 216 -2.15 23.05 50.25
C GLU E 216 -3.04 23.79 49.19
N LYS E 217 -2.57 23.84 47.95
CA LYS E 217 -3.36 24.47 46.87
C LYS E 217 -4.72 23.76 46.69
N LEU E 218 -4.71 22.43 46.71
CA LEU E 218 -5.94 21.67 46.49
C LEU E 218 -6.90 21.91 47.61
N VAL E 219 -6.39 21.95 48.85
CA VAL E 219 -7.23 22.19 50.01
C VAL E 219 -7.91 23.54 49.91
N LYS E 220 -7.12 24.58 49.60
CA LYS E 220 -7.69 25.94 49.46
C LYS E 220 -8.69 26.02 48.29
N ALA E 221 -8.47 25.26 47.22
CA ALA E 221 -9.42 25.26 46.07
C ALA E 221 -10.77 24.59 46.42
N LYS E 222 -10.73 23.67 47.38
CA LYS E 222 -11.94 23.06 47.90
C LYS E 222 -12.55 23.89 48.98
N HIS E 223 -11.96 25.07 49.19
CA HIS E 223 -12.47 26.04 50.12
C HIS E 223 -12.33 25.69 51.61
N PHE E 224 -11.32 24.89 51.98
CA PHE E 224 -11.08 24.64 53.40
C PHE E 224 -9.88 25.42 53.90
N ALA E 225 -9.79 25.61 55.21
CA ALA E 225 -8.53 26.11 55.78
C ALA E 225 -7.43 25.05 55.75
N PHE E 226 -6.19 25.46 55.86
CA PHE E 226 -5.12 24.49 55.80
C PHE E 226 -4.11 24.81 56.89
N ASP E 227 -3.57 23.78 57.57
CA ASP E 227 -2.34 24.06 58.34
C ASP E 227 -1.49 22.82 58.29
N CYS E 228 -0.23 22.92 58.67
CA CYS E 228 0.69 21.81 58.47
C CYS E 228 1.76 21.89 59.53
N VAL E 229 2.15 20.77 60.14
CA VAL E 229 3.23 20.77 61.14
C VAL E 229 4.09 19.54 60.91
N GLU E 230 5.38 19.64 61.24
CA GLU E 230 6.31 18.55 61.10
C GLU E 230 6.70 18.07 62.50
N ASN E 231 6.61 16.75 62.77
CA ASN E 231 6.90 16.24 64.12
C ASN E 231 6.43 17.11 65.27
N PRO E 232 5.10 17.36 65.38
CA PRO E 232 4.68 17.99 66.64
C PRO E 232 5.10 17.08 67.79
N ARG E 233 5.40 17.69 68.94
CA ARG E 233 5.95 16.98 70.09
C ARG E 233 5.28 15.70 70.53
N ALA E 234 3.96 15.71 70.66
CA ALA E 234 3.27 14.49 71.01
C ALA E 234 3.66 13.34 70.03
N VAL E 235 3.70 13.63 68.73
CA VAL E 235 4.11 12.66 67.75
C VAL E 235 5.61 12.31 67.83
N LEU E 236 6.49 13.32 68.00
CA LEU E 236 7.92 13.03 68.17
C LEU E 236 8.16 12.06 69.32
N PHE E 237 7.46 12.25 70.44
CA PHE E 237 7.74 11.37 71.59
C PHE E 237 7.38 9.94 71.29
N LEU E 238 6.31 9.71 70.52
CA LEU E 238 5.95 8.35 70.11
C LEU E 238 7.11 7.77 69.27
N LEU E 239 7.62 8.55 68.33
CA LEU E 239 8.77 8.10 67.52
C LEU E 239 9.92 7.71 68.44
N CYS E 240 10.18 8.57 69.41
CA CYS E 240 11.36 8.38 70.29
C CYS E 240 11.20 7.16 71.10
N SER E 241 9.96 6.86 71.48
CA SER E 241 9.73 5.64 72.23
C SER E 241 10.35 4.38 71.57
N ASP E 242 10.25 4.29 70.23
CA ASP E 242 10.83 3.13 69.47
C ASP E 242 12.29 3.28 69.12
N ASN E 243 12.83 4.46 69.36
CA ASN E 243 14.21 4.71 68.98
C ASN E 243 14.76 5.73 69.96
N PRO E 244 14.90 5.34 71.25
CA PRO E 244 15.28 6.28 72.32
C PRO E 244 16.66 6.93 72.17
N ASN E 245 17.61 6.23 71.56
CA ASN E 245 18.95 6.76 71.41
C ASN E 245 19.09 7.75 70.27
N ALA E 246 18.04 7.97 69.49
CA ALA E 246 18.09 8.92 68.39
C ALA E 246 18.37 10.35 68.89
N ARG E 247 19.18 11.11 68.14
CA ARG E 247 19.62 12.48 68.48
C ARG E 247 18.43 13.40 68.74
N GLU E 248 17.38 13.26 67.92
CA GLU E 248 16.19 14.09 68.06
C GLU E 248 15.52 13.93 69.43
N CYS E 249 15.82 12.84 70.14
CA CYS E 249 15.12 12.52 71.37
C CYS E 249 15.87 12.98 72.64
N ARG E 250 17.03 13.57 72.46
CA ARG E 250 17.87 14.03 73.63
C ARG E 250 17.09 14.90 74.63
N LEU E 251 17.13 14.52 75.90
CA LEU E 251 16.40 15.30 76.94
C LEU E 251 17.29 16.43 77.50
N ALA E 252 16.70 17.49 78.05
CA ALA E 252 17.40 18.44 78.97
C ALA E 252 18.86 18.12 79.27
N ILE F 2 23.28 -11.52 7.40
CA ILE F 2 22.98 -12.54 6.33
C ILE F 2 21.48 -12.97 6.34
N VAL F 3 20.71 -12.39 5.43
CA VAL F 3 19.24 -12.42 5.46
C VAL F 3 18.76 -13.56 4.56
N PRO F 4 17.87 -14.43 5.07
CA PRO F 4 17.39 -15.53 4.22
C PRO F 4 16.44 -15.01 3.14
N THR F 5 16.25 -15.80 2.10
CA THR F 5 15.28 -15.47 1.04
C THR F 5 13.88 -15.38 1.62
N ARG F 6 13.05 -14.41 1.23
CA ARG F 6 11.67 -14.37 1.74
C ARG F 6 10.83 -15.33 0.96
N GLU F 7 9.73 -15.78 1.58
CA GLU F 7 8.77 -16.66 0.94
C GLU F 7 9.43 -17.85 0.24
N LEU F 8 10.26 -18.58 1.01
CA LEU F 8 11.11 -19.60 0.47
C LEU F 8 10.28 -20.63 -0.22
N GLU F 9 9.23 -21.11 0.43
CA GLU F 9 8.36 -22.11 -0.21
C GLU F 9 7.73 -21.64 -1.56
N ASN F 10 7.14 -20.45 -1.57
CA ASN F 10 6.61 -19.85 -2.79
C ASN F 10 7.67 -19.68 -3.89
N VAL F 11 8.85 -19.24 -3.51
CA VAL F 11 9.92 -19.10 -4.50
C VAL F 11 10.30 -20.48 -5.07
N PHE F 12 10.58 -21.41 -4.17
CA PHE F 12 10.96 -22.73 -4.61
C PHE F 12 9.86 -23.36 -5.53
N LEU F 13 8.59 -23.32 -5.09
CA LEU F 13 7.45 -23.90 -5.86
C LEU F 13 7.26 -23.16 -7.17
N GLY F 14 7.48 -21.85 -7.15
CA GLY F 14 7.30 -21.08 -8.40
C GLY F 14 8.42 -21.41 -9.43
N ARG F 15 9.67 -21.46 -9.00
CA ARG F 15 10.74 -21.89 -9.91
C ARG F 15 10.54 -23.29 -10.39
N CYS F 16 10.03 -24.16 -9.50
CA CYS F 16 9.86 -25.54 -9.84
C CYS F 16 8.86 -25.66 -11.02
N LYS F 17 7.71 -25.03 -10.89
CA LYS F 17 6.67 -25.04 -11.88
C LYS F 17 7.07 -24.42 -13.18
N ASP F 18 7.69 -23.21 -13.11
CA ASP F 18 8.27 -22.58 -14.28
C ASP F 18 9.23 -23.57 -15.01
N TYR F 19 10.13 -24.17 -14.27
CA TYR F 19 11.11 -25.09 -14.87
C TYR F 19 10.38 -26.27 -15.54
N GLU F 20 9.47 -26.89 -14.77
CA GLU F 20 8.76 -28.08 -15.23
C GLU F 20 8.08 -27.91 -16.57
N ILE F 21 7.31 -26.82 -16.65
CA ILE F 21 6.44 -26.60 -17.83
C ILE F 21 7.18 -25.88 -18.94
N THR F 22 8.20 -25.04 -18.63
CA THR F 22 8.79 -24.20 -19.67
C THR F 22 10.29 -24.19 -19.90
N ARG F 23 11.11 -24.68 -18.98
CA ARG F 23 12.54 -24.52 -19.12
C ARG F 23 13.30 -25.81 -19.58
N TYR F 24 14.31 -25.65 -20.43
CA TYR F 24 15.14 -26.78 -20.88
C TYR F 24 14.32 -27.97 -21.48
N LEU F 25 13.15 -27.70 -22.07
CA LEU F 25 12.24 -28.76 -22.51
C LEU F 25 12.91 -29.71 -23.54
N ASP F 26 13.74 -29.19 -24.42
CA ASP F 26 14.35 -30.03 -25.43
C ASP F 26 15.73 -30.48 -25.03
N ILE F 27 16.16 -30.22 -23.78
CA ILE F 27 17.52 -30.49 -23.40
C ILE F 27 17.60 -31.41 -22.16
N LEU F 28 16.69 -31.26 -21.19
CA LEU F 28 16.76 -32.07 -19.94
C LEU F 28 15.38 -32.64 -19.71
N PRO F 29 15.27 -33.88 -19.11
CA PRO F 29 13.96 -34.53 -18.91
C PRO F 29 13.29 -33.90 -17.73
N ARG F 30 11.97 -33.97 -17.64
CA ARG F 30 11.35 -33.65 -16.39
C ARG F 30 11.48 -34.83 -15.43
N VAL F 31 11.45 -34.53 -14.14
CA VAL F 31 11.45 -35.53 -13.11
C VAL F 31 9.99 -36.11 -12.85
N ARG F 32 9.89 -37.34 -12.29
CA ARG F 32 8.63 -37.94 -11.90
C ARG F 32 7.82 -37.23 -10.84
N SER F 33 8.53 -36.79 -9.80
CA SER F 33 7.97 -36.15 -8.62
C SER F 33 7.36 -34.82 -8.95
N ASP F 34 6.21 -34.54 -8.36
CA ASP F 34 5.70 -33.23 -8.63
C ASP F 34 6.32 -32.23 -7.63
N CYS F 35 6.05 -30.94 -7.84
CA CYS F 35 6.74 -29.84 -7.13
C CYS F 35 6.44 -29.89 -5.65
N SER F 36 5.22 -30.27 -5.32
CA SER F 36 4.89 -30.41 -3.89
C SER F 36 5.72 -31.47 -3.16
N ALA F 37 6.03 -32.60 -3.81
CA ALA F 37 6.78 -33.66 -3.17
C ALA F 37 8.25 -33.26 -3.13
N LEU F 38 8.69 -32.53 -4.12
CA LEU F 38 10.07 -32.10 -4.08
C LEU F 38 10.34 -31.13 -2.94
N TRP F 39 9.37 -30.22 -2.70
CA TRP F 39 9.44 -29.26 -1.58
C TRP F 39 9.51 -30.05 -0.26
N LYS F 40 8.69 -31.11 -0.13
CA LYS F 40 8.71 -31.96 1.11
C LYS F 40 10.07 -32.56 1.39
N ASP F 41 10.65 -33.22 0.39
CA ASP F 41 12.00 -33.77 0.46
C ASP F 41 12.99 -32.65 0.83
N PHE F 42 12.89 -31.49 0.18
CA PHE F 42 13.85 -30.41 0.42
C PHE F 42 13.75 -29.91 1.88
N PHE F 43 12.53 -29.64 2.31
CA PHE F 43 12.28 -29.03 3.60
C PHE F 43 12.72 -29.96 4.71
N LYS F 44 12.38 -31.24 4.60
CA LYS F 44 12.66 -32.15 5.70
C LYS F 44 14.19 -32.23 5.85
N ALA F 45 14.97 -31.86 4.83
CA ALA F 45 16.44 -31.98 5.02
C ALA F 45 17.00 -31.12 6.12
N PHE F 46 16.42 -29.91 6.26
CA PHE F 46 17.08 -28.93 7.11
C PHE F 46 16.13 -28.46 8.19
N SER F 47 14.84 -28.75 8.04
CA SER F 47 13.88 -28.12 8.96
C SER F 47 13.95 -28.75 10.36
N PHE F 48 13.46 -28.03 11.36
CA PHE F 48 13.47 -28.39 12.81
C PHE F 48 14.80 -28.88 13.36
N LYS F 49 15.90 -28.36 12.83
CA LYS F 49 17.25 -28.61 13.33
C LYS F 49 17.94 -27.25 13.45
N ASN F 50 18.99 -27.18 14.29
CA ASN F 50 19.98 -26.08 14.30
C ASN F 50 20.36 -25.78 12.87
N PRO F 51 20.56 -24.50 12.53
CA PRO F 51 20.99 -24.16 11.18
C PRO F 51 22.30 -24.84 10.72
N CYS F 52 23.17 -25.32 11.65
CA CYS F 52 24.43 -26.02 11.25
C CYS F 52 24.37 -27.50 11.48
N ASP F 53 23.20 -28.03 11.76
CA ASP F 53 23.08 -29.45 12.00
C ASP F 53 22.78 -30.17 10.65
N LEU F 54 23.79 -30.21 9.80
CA LEU F 54 23.62 -30.81 8.49
C LEU F 54 24.91 -31.49 8.17
N ASP F 55 24.82 -32.46 7.25
CA ASP F 55 25.98 -33.19 6.74
C ASP F 55 25.72 -33.62 5.30
N LEU F 56 26.67 -34.32 4.70
CA LEU F 56 26.54 -34.63 3.28
C LEU F 56 25.29 -35.48 2.96
N GLY F 57 24.80 -36.20 3.95
CA GLY F 57 23.61 -36.98 3.77
C GLY F 57 22.27 -36.26 3.87
N SER F 58 22.24 -35.00 4.36
CA SER F 58 20.94 -34.42 4.74
C SER F 58 19.90 -34.30 3.59
N TYR F 59 20.38 -33.88 2.42
CA TYR F 59 19.54 -33.67 1.21
C TYR F 59 19.53 -34.85 0.25
N LYS F 60 19.95 -36.05 0.69
CA LYS F 60 20.00 -37.20 -0.18
C LYS F 60 18.66 -37.54 -0.77
N ASP F 61 17.59 -37.49 -0.01
CA ASP F 61 16.29 -37.80 -0.63
C ASP F 61 15.88 -36.77 -1.65
N PHE F 62 16.05 -35.48 -1.32
CA PHE F 62 15.75 -34.44 -2.26
C PHE F 62 16.50 -34.69 -3.59
N PHE F 63 17.83 -34.90 -3.50
CA PHE F 63 18.60 -35.10 -4.74
C PHE F 63 18.25 -36.35 -5.55
N THR F 64 17.96 -37.46 -4.85
CA THR F 64 17.41 -38.63 -5.54
C THR F 64 16.13 -38.26 -6.30
N SER F 65 15.16 -37.57 -5.70
CA SER F 65 13.96 -37.26 -6.48
C SER F 65 14.24 -36.28 -7.61
N ALA F 66 15.16 -35.33 -7.36
CA ALA F 66 15.35 -34.24 -8.27
C ALA F 66 16.31 -34.51 -9.39
N GLN F 67 17.02 -35.65 -9.39
CA GLN F 67 18.18 -35.78 -10.30
C GLN F 67 17.69 -36.09 -11.69
N GLN F 68 18.22 -35.38 -12.69
CA GLN F 68 17.87 -35.71 -14.09
C GLN F 68 19.00 -36.47 -14.78
N GLN F 69 18.65 -37.39 -15.70
CA GLN F 69 19.62 -37.90 -16.71
C GLN F 69 20.14 -36.71 -17.53
N LEU F 70 21.45 -36.68 -17.79
CA LEU F 70 22.15 -35.55 -18.41
C LEU F 70 22.73 -35.92 -19.75
N PRO F 71 22.71 -34.97 -20.73
CA PRO F 71 23.05 -35.33 -22.08
C PRO F 71 24.50 -35.60 -22.18
N LYS F 72 24.78 -36.64 -22.92
CA LYS F 72 26.13 -37.18 -23.04
C LYS F 72 26.99 -36.05 -23.64
N ASN F 73 28.23 -35.95 -23.19
CA ASN F 73 29.20 -34.97 -23.71
C ASN F 73 28.94 -33.47 -23.38
N LYS F 74 27.86 -33.17 -22.71
CA LYS F 74 27.48 -31.74 -22.42
C LYS F 74 27.71 -31.20 -21.01
N VAL F 75 28.09 -32.07 -20.06
CA VAL F 75 28.22 -31.64 -18.69
C VAL F 75 29.48 -30.79 -18.56
N MET F 76 29.26 -29.62 -17.96
CA MET F 76 30.34 -28.71 -17.59
C MET F 76 30.39 -28.50 -16.11
N PHE F 77 31.62 -28.44 -15.61
CA PHE F 77 31.92 -28.05 -14.23
C PHE F 77 32.71 -26.72 -14.31
N TRP F 78 32.74 -25.98 -13.22
CA TRP F 78 33.40 -24.64 -13.26
C TRP F 78 33.93 -24.25 -11.91
N SER F 79 35.07 -23.56 -11.88
CA SER F 79 35.67 -23.09 -10.63
C SER F 79 36.20 -21.68 -10.83
N GLY F 80 35.60 -20.74 -10.09
CA GLY F 80 36.12 -19.36 -9.99
C GLY F 80 35.83 -18.47 -11.19
N VAL F 81 35.02 -18.98 -12.12
CA VAL F 81 34.67 -18.31 -13.34
C VAL F 81 33.13 -18.39 -13.60
N TYR F 82 32.35 -18.15 -12.57
CA TYR F 82 30.86 -18.23 -12.74
C TYR F 82 30.33 -17.65 -14.05
N ASP F 83 30.55 -16.34 -14.21
CA ASP F 83 29.93 -15.59 -15.29
C ASP F 83 30.39 -16.12 -16.67
N GLU F 84 31.68 -16.34 -16.83
CA GLU F 84 32.21 -16.77 -18.09
C GLU F 84 31.74 -18.21 -18.44
N ALA F 85 31.79 -19.10 -17.44
CA ALA F 85 31.44 -20.49 -17.67
C ALA F 85 29.98 -20.51 -18.12
N HIS F 86 29.09 -19.74 -17.45
CA HIS F 86 27.66 -19.75 -17.74
C HIS F 86 27.38 -18.99 -19.02
N ASP F 87 28.09 -17.90 -19.27
CA ASP F 87 27.89 -17.26 -20.60
C ASP F 87 28.35 -18.19 -21.70
N TYR F 88 29.41 -18.98 -21.50
CA TYR F 88 29.90 -19.83 -22.58
C TYR F 88 28.93 -21.03 -22.84
N ALA F 89 28.41 -21.61 -21.77
CA ALA F 89 27.58 -22.81 -21.82
C ALA F 89 26.25 -22.43 -22.50
N ASN F 90 25.89 -21.18 -22.30
CA ASN F 90 24.80 -20.53 -23.06
C ASN F 90 23.42 -21.17 -22.78
N THR F 91 23.00 -21.17 -21.52
CA THR F 91 21.69 -21.73 -21.09
C THR F 91 21.39 -23.09 -21.64
N GLY F 92 22.38 -23.98 -21.54
CA GLY F 92 22.20 -25.32 -21.99
C GLY F 92 22.34 -25.53 -23.47
N ARG F 93 22.52 -24.50 -24.29
CA ARG F 93 22.73 -24.81 -25.69
C ARG F 93 24.09 -25.38 -26.07
N LYS F 94 25.13 -24.91 -25.42
CA LYS F 94 26.46 -25.47 -25.71
C LYS F 94 26.85 -26.50 -24.67
N TYR F 95 26.79 -26.14 -23.37
CA TYR F 95 26.95 -27.14 -22.29
C TYR F 95 25.80 -26.93 -21.30
N ILE F 96 25.64 -27.91 -20.43
CA ILE F 96 24.78 -27.86 -19.25
C ILE F 96 25.71 -27.51 -18.08
N THR F 97 25.25 -26.64 -17.19
CA THR F 97 25.81 -26.50 -15.88
C THR F 97 24.85 -27.01 -14.82
N LEU F 98 25.35 -27.09 -13.58
CA LEU F 98 24.54 -27.46 -12.45
C LEU F 98 23.29 -26.57 -12.31
N GLU F 99 23.49 -25.28 -12.53
CA GLU F 99 22.46 -24.28 -12.42
C GLU F 99 21.44 -24.38 -13.55
N ASP F 100 21.69 -25.19 -14.59
CA ASP F 100 20.65 -25.50 -15.59
C ASP F 100 19.70 -26.70 -15.23
N THR F 101 20.16 -27.54 -14.30
CA THR F 101 19.40 -28.71 -13.80
C THR F 101 18.29 -28.26 -12.84
N LEU F 102 17.27 -29.09 -12.65
CA LEU F 102 16.18 -28.72 -11.76
C LEU F 102 16.60 -28.31 -10.37
N PRO F 103 17.36 -29.14 -9.65
CA PRO F 103 17.65 -28.64 -8.33
C PRO F 103 18.57 -27.44 -8.34
N GLY F 104 19.52 -27.35 -9.23
CA GLY F 104 20.35 -26.09 -9.21
C GLY F 104 19.60 -24.82 -9.62
N TYR F 105 18.68 -24.90 -10.58
CA TYR F 105 17.88 -23.75 -11.01
C TYR F 105 17.04 -23.34 -9.81
N MET F 106 16.44 -24.31 -9.11
CA MET F 106 15.47 -23.94 -8.08
C MET F 106 16.14 -23.22 -6.90
N LEU F 107 17.32 -23.71 -6.48
CA LEU F 107 18.00 -23.10 -5.31
C LEU F 107 19.12 -22.08 -5.59
N ASN F 108 19.47 -21.90 -6.84
CA ASN F 108 20.53 -20.90 -7.18
C ASN F 108 20.28 -19.52 -6.56
N SER F 109 21.28 -19.04 -5.83
CA SER F 109 21.28 -17.70 -5.19
C SER F 109 20.45 -17.67 -3.88
N LEU F 110 19.78 -18.75 -3.51
CA LEU F 110 18.80 -18.60 -2.46
C LEU F 110 19.54 -18.76 -1.13
N VAL F 111 18.99 -18.22 -0.06
CA VAL F 111 19.55 -18.39 1.33
C VAL F 111 18.44 -18.89 2.27
N TRP F 112 18.73 -19.95 3.01
CA TRP F 112 17.74 -20.59 3.91
C TRP F 112 18.51 -21.31 5.01
N CYS F 113 17.84 -21.57 6.14
CA CYS F 113 18.43 -22.36 7.23
C CYS F 113 17.32 -22.84 8.18
N GLY F 114 17.56 -24.00 8.79
CA GLY F 114 16.60 -24.53 9.74
C GLY F 114 16.72 -23.85 11.10
N GLN F 115 15.74 -24.11 11.96
CA GLN F 115 15.85 -23.83 13.44
C GLN F 115 14.99 -24.86 14.17
N ARG F 116 15.22 -25.04 15.48
CA ARG F 116 14.42 -26.00 16.27
C ARG F 116 12.99 -25.53 16.45
N ALA F 117 12.82 -24.24 16.75
CA ALA F 117 11.50 -23.71 17.07
C ALA F 117 10.64 -23.69 15.83
N ASN F 118 9.32 -23.89 15.97
CA ASN F 118 8.40 -23.56 14.87
C ASN F 118 8.78 -22.23 14.23
N PRO F 119 8.57 -22.11 12.90
CA PRO F 119 8.04 -23.14 11.99
C PRO F 119 9.11 -24.07 11.38
N GLY F 120 10.26 -24.20 12.05
CA GLY F 120 11.33 -25.14 11.67
C GLY F 120 12.42 -24.57 10.78
N PHE F 121 12.19 -23.35 10.30
CA PHE F 121 13.17 -22.62 9.51
C PHE F 121 13.16 -21.17 9.94
N ASN F 122 14.31 -20.51 9.78
CA ASN F 122 14.51 -19.11 10.17
C ASN F 122 14.25 -18.09 9.04
N GLU F 123 13.18 -17.31 9.19
CA GLU F 123 12.77 -16.37 8.16
C GLU F 123 13.43 -15.02 8.38
N LYS F 124 14.27 -14.91 9.41
CA LYS F 124 14.91 -13.65 9.71
C LYS F 124 16.44 -13.61 9.64
N VAL F 125 17.11 -14.63 10.11
CA VAL F 125 18.56 -14.58 10.09
C VAL F 125 19.08 -15.98 9.88
N CYS F 126 20.16 -16.11 9.10
CA CYS F 126 20.89 -17.36 8.99
C CYS F 126 22.31 -17.09 9.39
N PRO F 127 22.99 -18.10 9.96
CA PRO F 127 24.41 -18.00 10.21
C PRO F 127 25.13 -17.70 8.94
N ASP F 128 26.17 -16.89 9.01
CA ASP F 128 27.07 -16.77 7.88
C ASP F 128 27.71 -18.16 7.89
N PHE F 129 27.50 -18.95 6.84
CA PHE F 129 27.83 -20.39 6.96
C PHE F 129 29.33 -20.68 7.19
N LYS F 130 30.19 -19.66 7.14
CA LYS F 130 31.57 -19.91 7.56
C LYS F 130 31.71 -20.08 9.11
N THR F 131 30.58 -20.04 9.82
CA THR F 131 30.53 -20.42 11.24
C THR F 131 30.29 -21.93 11.48
N CYS F 132 29.54 -22.57 10.57
CA CYS F 132 29.23 -24.01 10.68
C CYS F 132 30.42 -24.89 10.29
N PRO F 133 30.41 -26.17 10.71
CA PRO F 133 31.48 -27.06 10.23
C PRO F 133 31.41 -27.30 8.69
N VAL F 134 32.51 -27.73 8.12
CA VAL F 134 32.63 -27.81 6.66
C VAL F 134 31.56 -28.72 6.05
N GLN F 135 31.32 -29.86 6.65
CA GLN F 135 30.27 -30.75 6.15
C GLN F 135 28.85 -30.11 6.10
N ALA F 136 28.55 -29.20 7.05
CA ALA F 136 27.24 -28.58 7.15
C ALA F 136 27.18 -27.40 6.15
N ARG F 137 28.26 -26.64 6.03
CA ARG F 137 28.40 -25.54 5.05
C ARG F 137 28.05 -26.08 3.64
N GLU F 138 28.72 -27.18 3.31
CA GLU F 138 28.71 -27.76 1.98
C GLU F 138 27.62 -28.82 1.83
N SER F 139 26.70 -28.91 2.79
CA SER F 139 25.72 -29.96 2.77
C SER F 139 24.83 -29.93 1.51
N PHE F 140 24.30 -28.78 1.16
CA PHE F 140 23.46 -28.72 -0.02
C PHE F 140 24.22 -28.76 -1.35
N TRP F 141 25.12 -27.80 -1.54
CA TRP F 141 25.76 -27.66 -2.84
C TRP F 141 26.78 -28.80 -3.08
N GLY F 142 27.41 -29.29 -2.00
CA GLY F 142 28.31 -30.47 -2.15
C GLY F 142 27.53 -31.68 -2.69
N MET F 143 26.39 -31.92 -2.09
CA MET F 143 25.58 -33.06 -2.52
C MET F 143 24.97 -32.80 -3.90
N ALA F 144 24.63 -31.56 -4.22
CA ALA F 144 24.11 -31.24 -5.57
C ALA F 144 25.18 -31.58 -6.61
N SER F 145 26.40 -31.16 -6.33
CA SER F 145 27.51 -31.49 -7.21
C SER F 145 27.82 -32.96 -7.30
N SER F 146 27.76 -33.67 -6.16
CA SER F 146 28.04 -35.10 -6.17
C SER F 146 27.04 -35.88 -7.12
N SER F 147 25.75 -35.59 -6.94
CA SER F 147 24.65 -36.23 -7.65
C SER F 147 24.70 -35.85 -9.13
N TYR F 148 25.04 -34.59 -9.42
CA TYR F 148 25.15 -34.08 -10.77
C TYR F 148 26.33 -34.80 -11.46
N ALA F 149 27.49 -34.78 -10.81
CA ALA F 149 28.67 -35.43 -11.42
C ALA F 149 28.44 -36.92 -11.58
N HIS F 150 27.71 -37.54 -10.64
CA HIS F 150 27.41 -39.00 -10.74
C HIS F 150 26.54 -39.29 -11.98
N SER F 151 25.76 -38.28 -12.45
CA SER F 151 24.92 -38.48 -13.66
C SER F 151 25.64 -38.17 -14.99
N ALA F 152 26.85 -37.62 -14.92
CA ALA F 152 27.57 -37.24 -16.15
C ALA F 152 28.00 -38.47 -17.00
N GLU F 153 27.91 -38.34 -18.34
CA GLU F 153 28.33 -39.38 -19.29
C GLU F 153 29.16 -38.81 -20.42
N GLY F 154 30.10 -39.60 -20.92
CA GLY F 154 30.82 -39.24 -22.15
C GLY F 154 31.92 -38.27 -21.71
N GLU F 155 32.15 -37.20 -22.46
CA GLU F 155 33.21 -36.26 -22.07
C GLU F 155 32.58 -35.22 -21.11
N VAL F 156 33.34 -34.76 -20.11
CA VAL F 156 32.93 -33.66 -19.24
C VAL F 156 33.93 -32.50 -19.41
N THR F 157 33.49 -31.28 -19.06
CA THR F 157 34.30 -30.08 -19.36
C THR F 157 34.47 -29.26 -18.11
N TYR F 158 35.72 -28.83 -17.84
CA TYR F 158 35.98 -28.15 -16.61
C TYR F 158 36.64 -26.79 -16.88
N MET F 159 35.93 -25.72 -16.53
CA MET F 159 36.42 -24.39 -16.84
C MET F 159 36.93 -23.78 -15.55
N VAL F 160 38.20 -23.39 -15.57
CA VAL F 160 38.85 -22.85 -14.39
C VAL F 160 39.50 -21.47 -14.63
N ASP F 161 39.72 -20.75 -13.57
CA ASP F 161 40.44 -19.45 -13.62
C ASP F 161 41.94 -19.69 -13.59
N GLY F 162 42.67 -19.34 -14.65
CA GLY F 162 44.15 -19.46 -14.70
C GLY F 162 44.86 -18.16 -14.40
N SER F 163 44.11 -17.18 -13.87
CA SER F 163 44.67 -15.81 -13.66
C SER F 163 44.59 -15.37 -12.19
N ASN F 164 44.39 -16.33 -11.28
CA ASN F 164 44.25 -15.95 -9.88
C ASN F 164 45.55 -16.28 -9.13
N PRO F 165 46.39 -15.26 -8.78
CA PRO F 165 47.61 -15.65 -8.05
C PRO F 165 47.33 -16.30 -6.64
N LYS F 166 46.10 -16.18 -6.13
CA LYS F 166 45.85 -16.67 -4.78
C LYS F 166 45.20 -18.08 -4.77
N VAL F 167 44.57 -18.49 -5.87
CA VAL F 167 43.78 -19.77 -5.97
C VAL F 167 44.25 -20.63 -7.17
N PRO F 168 44.88 -21.78 -6.91
CA PRO F 168 45.33 -22.56 -8.07
C PRO F 168 44.11 -23.03 -8.93
N ALA F 169 44.34 -23.26 -10.20
CA ALA F 169 43.28 -23.73 -11.16
C ALA F 169 42.57 -25.00 -10.68
N TYR F 170 43.35 -25.97 -10.25
CA TYR F 170 42.85 -27.15 -9.52
C TYR F 170 43.26 -27.21 -8.04
N ARG F 171 42.26 -27.43 -7.18
CA ARG F 171 42.51 -27.68 -5.74
C ARG F 171 41.77 -28.95 -5.30
N PRO F 172 42.45 -29.83 -4.54
CA PRO F 172 41.82 -30.99 -3.92
C PRO F 172 40.55 -30.56 -3.17
N ASP F 173 40.54 -29.38 -2.55
CA ASP F 173 39.38 -29.01 -1.71
C ASP F 173 38.29 -28.06 -2.29
N SER F 174 38.30 -27.83 -3.61
CA SER F 174 37.25 -27.08 -4.28
C SER F 174 36.08 -28.03 -4.42
N PHE F 175 34.92 -27.53 -4.82
CA PHE F 175 33.82 -28.43 -5.24
C PHE F 175 34.21 -29.46 -6.23
N PHE F 176 34.94 -29.01 -7.25
CA PHE F 176 35.38 -29.91 -8.25
C PHE F 176 36.21 -31.02 -7.61
N GLY F 177 37.14 -30.66 -6.72
CA GLY F 177 38.10 -31.63 -6.16
C GLY F 177 37.49 -32.64 -5.17
N LYS F 178 36.52 -32.17 -4.38
CA LYS F 178 35.91 -32.95 -3.31
C LYS F 178 34.73 -33.73 -3.81
N TYR F 179 33.91 -33.11 -4.67
CA TYR F 179 32.59 -33.62 -4.99
C TYR F 179 32.33 -34.06 -6.44
N GLU F 180 33.06 -33.48 -7.38
CA GLU F 180 32.75 -33.72 -8.76
C GLU F 180 33.65 -34.79 -9.35
N LEU F 181 34.91 -34.45 -9.53
CA LEU F 181 35.88 -35.48 -9.92
C LEU F 181 35.71 -36.86 -9.27
N PRO F 182 35.75 -36.94 -7.92
CA PRO F 182 35.68 -38.32 -7.38
C PRO F 182 34.32 -38.99 -7.62
N ASN F 183 33.31 -38.24 -8.09
CA ASN F 183 31.99 -38.87 -8.36
C ASN F 183 31.66 -39.15 -9.83
N LEU F 184 32.61 -38.88 -10.72
CA LEU F 184 32.52 -39.34 -12.12
C LEU F 184 32.50 -40.90 -12.22
N THR F 185 31.47 -41.49 -12.80
CA THR F 185 31.37 -42.94 -12.88
C THR F 185 32.16 -43.48 -14.09
N ASN F 186 32.17 -44.79 -14.27
CA ASN F 186 32.73 -45.36 -15.55
C ASN F 186 32.00 -44.91 -16.85
N LYS F 187 30.86 -44.21 -16.78
CA LYS F 187 30.30 -43.71 -18.06
C LYS F 187 31.08 -42.48 -18.60
N VAL F 188 32.01 -41.91 -17.82
CA VAL F 188 32.73 -40.69 -18.24
C VAL F 188 33.97 -41.20 -18.87
N THR F 189 34.34 -40.61 -20.01
CA THR F 189 35.49 -41.17 -20.77
C THR F 189 36.60 -40.14 -20.98
N ARG F 190 36.31 -38.84 -20.78
CA ARG F 190 37.36 -37.83 -20.98
C ARG F 190 37.03 -36.61 -20.13
N VAL F 191 38.04 -35.97 -19.55
CA VAL F 191 37.90 -34.68 -18.86
C VAL F 191 38.64 -33.65 -19.72
N LYS F 192 37.89 -32.64 -20.17
CA LYS F 192 38.46 -31.56 -20.95
C LYS F 192 38.53 -30.25 -20.08
N VAL F 193 39.74 -29.74 -19.86
CA VAL F 193 39.91 -28.50 -19.10
C VAL F 193 39.95 -27.29 -20.07
N ILE F 194 39.17 -26.24 -19.75
CA ILE F 194 39.36 -24.93 -20.35
C ILE F 194 39.92 -23.95 -19.31
N VAL F 195 41.12 -23.46 -19.58
CA VAL F 195 41.82 -22.50 -18.70
C VAL F 195 41.53 -21.07 -19.21
N LEU F 196 40.83 -20.26 -18.38
CA LEU F 196 40.50 -18.87 -18.68
C LEU F 196 41.64 -17.97 -18.21
N HIS F 197 42.18 -17.16 -19.12
CA HIS F 197 43.21 -16.14 -18.75
C HIS F 197 42.58 -14.78 -18.95
N ARG F 198 42.19 -14.18 -17.84
CA ARG F 198 41.37 -12.99 -17.88
C ARG F 198 42.13 -11.96 -18.65
N LEU F 199 41.39 -11.13 -19.38
CA LEU F 199 42.02 -10.02 -20.16
C LEU F 199 42.79 -9.03 -19.29
N GLY F 200 44.00 -8.73 -19.72
CA GLY F 200 44.81 -7.64 -19.08
C GLY F 200 45.45 -8.09 -17.77
N GLU F 201 45.28 -9.36 -17.41
CA GLU F 201 45.89 -9.88 -16.23
C GLU F 201 47.00 -10.86 -16.53
N LYS F 202 47.93 -10.93 -15.60
CA LYS F 202 49.03 -11.84 -15.58
C LYS F 202 48.55 -13.29 -15.60
N ILE F 203 49.06 -14.03 -16.59
CA ILE F 203 48.87 -15.44 -16.66
C ILE F 203 49.57 -16.16 -15.50
N ILE F 204 48.78 -16.89 -14.72
CA ILE F 204 49.29 -17.60 -13.53
C ILE F 204 49.35 -19.11 -13.79
N GLU F 205 48.24 -19.73 -14.21
CA GLU F 205 48.23 -21.19 -14.40
C GLU F 205 48.28 -21.58 -15.88
N LYS F 206 48.95 -22.71 -16.22
CA LYS F 206 49.12 -23.18 -17.63
C LYS F 206 48.95 -24.70 -17.77
N CYS F 207 48.36 -25.19 -18.90
CA CYS F 207 48.18 -26.63 -19.08
C CYS F 207 49.58 -27.22 -19.01
N GLY F 208 49.72 -28.40 -18.40
CA GLY F 208 50.97 -29.12 -18.39
C GLY F 208 51.88 -28.73 -17.23
N ALA F 209 51.45 -27.80 -16.37
CA ALA F 209 52.34 -27.36 -15.27
C ALA F 209 51.52 -27.12 -14.00
N GLY F 210 52.21 -26.98 -12.88
CA GLY F 210 51.57 -26.60 -11.63
C GLY F 210 50.33 -27.46 -11.34
N SER F 211 49.27 -26.84 -10.82
CA SER F 211 48.14 -27.65 -10.37
C SER F 211 47.46 -28.36 -11.54
N LEU F 212 47.59 -27.82 -12.73
CA LEU F 212 46.93 -28.44 -13.85
C LEU F 212 47.66 -29.71 -14.22
N LEU F 213 48.97 -29.78 -13.92
CA LEU F 213 49.69 -31.02 -14.10
C LEU F 213 49.23 -32.08 -13.05
N ASP F 214 49.15 -31.68 -11.78
CA ASP F 214 48.54 -32.54 -10.78
C ASP F 214 47.20 -33.07 -11.27
N LEU F 215 46.32 -32.18 -11.78
CA LEU F 215 45.03 -32.62 -12.30
C LEU F 215 45.14 -33.66 -13.42
N GLU F 216 45.97 -33.35 -14.42
CA GLU F 216 46.19 -34.23 -15.53
C GLU F 216 46.58 -35.66 -15.03
N LYS F 217 47.55 -35.73 -14.13
CA LYS F 217 47.99 -37.01 -13.57
C LYS F 217 46.86 -37.74 -12.85
N LEU F 218 46.04 -37.00 -12.10
CA LEU F 218 44.93 -37.65 -11.41
C LEU F 218 43.88 -38.23 -12.36
N VAL F 219 43.57 -37.45 -13.40
CA VAL F 219 42.57 -37.81 -14.39
C VAL F 219 43.03 -39.11 -15.10
N LYS F 220 44.28 -39.10 -15.54
CA LYS F 220 44.85 -40.27 -16.15
C LYS F 220 44.84 -41.48 -15.22
N ALA F 221 45.10 -41.29 -13.92
CA ALA F 221 45.05 -42.41 -12.92
C ALA F 221 43.64 -43.03 -12.75
N LYS F 222 42.59 -42.24 -12.98
CA LYS F 222 41.23 -42.79 -13.01
C LYS F 222 40.88 -43.27 -14.39
N HIS F 223 41.86 -43.36 -15.29
CA HIS F 223 41.66 -43.85 -16.66
C HIS F 223 40.62 -43.08 -17.46
N PHE F 224 40.55 -41.76 -17.27
CA PHE F 224 39.88 -40.90 -18.26
C PHE F 224 40.97 -40.34 -19.18
N ALA F 225 40.63 -40.05 -20.43
CA ALA F 225 41.47 -39.18 -21.23
C ALA F 225 41.32 -37.73 -20.71
N PHE F 226 42.23 -36.88 -21.16
CA PHE F 226 42.42 -35.56 -20.56
C PHE F 226 42.85 -34.66 -21.66
N ASP F 227 42.25 -33.48 -21.76
CA ASP F 227 42.90 -32.43 -22.52
C ASP F 227 42.67 -31.10 -21.84
N CYS F 228 43.39 -30.10 -22.36
CA CYS F 228 43.52 -28.83 -21.70
C CYS F 228 43.88 -27.78 -22.77
N VAL F 229 43.23 -26.61 -22.70
CA VAL F 229 43.44 -25.52 -23.65
C VAL F 229 43.28 -24.22 -22.86
N GLU F 230 44.07 -23.18 -23.20
CA GLU F 230 44.02 -21.85 -22.57
C GLU F 230 43.33 -20.92 -23.53
N ASN F 231 42.28 -20.18 -23.11
CA ASN F 231 41.59 -19.19 -23.98
C ASN F 231 41.35 -19.67 -25.44
N PRO F 232 40.69 -20.82 -25.58
CA PRO F 232 40.36 -21.18 -26.94
C PRO F 232 39.57 -20.02 -27.60
N ARG F 233 39.65 -19.92 -28.92
CA ARG F 233 39.02 -18.74 -29.58
C ARG F 233 37.57 -18.41 -29.23
N ALA F 234 36.71 -19.44 -29.12
CA ALA F 234 35.27 -19.11 -28.86
C ALA F 234 35.15 -18.43 -27.49
N VAL F 235 36.01 -18.88 -26.57
CA VAL F 235 36.01 -18.29 -25.24
C VAL F 235 36.64 -16.91 -25.25
N LEU F 236 37.80 -16.74 -25.90
CA LEU F 236 38.46 -15.41 -26.02
C LEU F 236 37.52 -14.37 -26.57
N PHE F 237 36.76 -14.75 -27.57
CA PHE F 237 35.88 -13.79 -28.20
C PHE F 237 34.74 -13.34 -27.26
N LEU F 238 34.28 -14.26 -26.41
CA LEU F 238 33.27 -13.92 -25.39
C LEU F 238 33.88 -12.89 -24.37
N LEU F 239 35.10 -13.18 -23.91
CA LEU F 239 35.83 -12.22 -23.00
C LEU F 239 35.96 -10.86 -23.66
N CYS F 240 36.42 -10.87 -24.92
CA CYS F 240 36.66 -9.60 -25.70
C CYS F 240 35.40 -8.75 -25.90
N SER F 241 34.22 -9.37 -25.97
CA SER F 241 32.98 -8.57 -26.12
C SER F 241 32.89 -7.52 -25.00
N ASP F 242 33.31 -7.89 -23.78
CA ASP F 242 33.20 -7.00 -22.61
C ASP F 242 34.40 -6.07 -22.41
N ASN F 243 35.48 -6.31 -23.16
CA ASN F 243 36.62 -5.41 -23.11
C ASN F 243 37.31 -5.38 -24.50
N PRO F 244 36.64 -4.77 -25.52
CA PRO F 244 37.12 -4.99 -26.93
C PRO F 244 38.52 -4.42 -27.25
N ASN F 245 38.95 -3.48 -26.41
CA ASN F 245 40.20 -2.77 -26.63
C ASN F 245 41.33 -3.46 -25.93
N ALA F 246 41.05 -4.61 -25.32
CA ALA F 246 42.13 -5.36 -24.70
C ALA F 246 43.16 -5.87 -25.74
N ARG F 247 44.43 -5.80 -25.37
CA ARG F 247 45.52 -6.14 -26.28
C ARG F 247 45.26 -7.51 -26.91
N GLU F 248 44.76 -8.43 -26.09
CA GLU F 248 44.52 -9.81 -26.48
C GLU F 248 43.43 -9.91 -27.54
N CYS F 249 42.63 -8.86 -27.68
CA CYS F 249 41.44 -8.83 -28.56
C CYS F 249 41.66 -8.15 -29.94
N ARG F 250 42.93 -7.82 -30.27
CA ARG F 250 43.25 -7.22 -31.56
C ARG F 250 42.78 -8.09 -32.72
N LEU F 251 42.20 -7.43 -33.72
CA LEU F 251 41.74 -8.12 -34.94
C LEU F 251 42.59 -7.72 -36.15
N ALA F 252 42.51 -8.52 -37.22
CA ALA F 252 43.22 -8.24 -38.49
C ALA F 252 42.92 -6.81 -38.91
N ALA G 1 -41.84 10.00 -72.50
CA ALA G 1 -41.47 10.71 -71.23
C ALA G 1 -40.48 9.90 -70.36
N ILE G 2 -39.60 10.63 -69.68
CA ILE G 2 -38.52 10.06 -68.90
C ILE G 2 -38.42 10.86 -67.59
N VAL G 3 -38.08 10.18 -66.48
CA VAL G 3 -38.02 10.85 -65.17
C VAL G 3 -36.72 11.66 -65.08
N PRO G 4 -36.82 12.91 -64.62
CA PRO G 4 -35.58 13.69 -64.59
C PRO G 4 -34.76 13.38 -63.37
N THR G 5 -33.50 13.78 -63.39
CA THR G 5 -32.58 13.53 -62.22
C THR G 5 -33.06 14.35 -61.02
N ARG G 6 -33.16 13.71 -59.84
CA ARG G 6 -33.54 14.42 -58.65
C ARG G 6 -32.39 15.32 -58.19
N GLU G 7 -32.71 16.44 -57.55
CA GLU G 7 -31.69 17.29 -56.93
C GLU G 7 -30.60 17.75 -57.90
N LEU G 8 -31.04 18.17 -59.09
CA LEU G 8 -30.17 18.46 -60.21
C LEU G 8 -29.04 19.39 -59.83
N GLU G 9 -29.41 20.47 -59.14
CA GLU G 9 -28.42 21.52 -58.71
C GLU G 9 -27.37 20.96 -57.75
N ASN G 10 -27.81 20.18 -56.77
CA ASN G 10 -26.90 19.62 -55.76
C ASN G 10 -25.97 18.55 -56.42
N VAL G 11 -26.51 17.76 -57.38
CA VAL G 11 -25.72 16.78 -58.16
C VAL G 11 -24.71 17.56 -59.00
N PHE G 12 -25.21 18.59 -59.65
CA PHE G 12 -24.34 19.36 -60.50
C PHE G 12 -23.17 19.98 -59.70
N LEU G 13 -23.52 20.62 -58.60
CA LEU G 13 -22.53 21.36 -57.83
C LEU G 13 -21.55 20.37 -57.14
N GLY G 14 -22.08 19.21 -56.77
CA GLY G 14 -21.23 18.16 -56.13
C GLY G 14 -20.19 17.58 -57.07
N ARG G 15 -20.63 17.29 -58.29
CA ARG G 15 -19.71 16.70 -59.29
C ARG G 15 -18.72 17.76 -59.70
N CYS G 16 -19.21 18.98 -59.91
CA CYS G 16 -18.34 20.10 -60.20
C CYS G 16 -17.17 20.25 -59.19
N LYS G 17 -17.49 20.30 -57.88
CA LYS G 17 -16.51 20.48 -56.79
C LYS G 17 -15.57 19.26 -56.66
N ASP G 18 -16.14 18.04 -56.81
CA ASP G 18 -15.32 16.86 -56.80
C ASP G 18 -14.32 16.93 -57.92
N TYR G 19 -14.80 17.32 -59.10
CA TYR G 19 -13.92 17.39 -60.23
C TYR G 19 -12.87 18.43 -59.98
N GLU G 20 -13.33 19.62 -59.58
CA GLU G 20 -12.42 20.72 -59.36
C GLU G 20 -11.21 20.27 -58.53
N ILE G 21 -11.47 19.60 -57.42
CA ILE G 21 -10.39 19.39 -56.42
C ILE G 21 -9.63 18.10 -56.66
N THR G 22 -10.28 17.11 -57.30
CA THR G 22 -9.67 15.76 -57.23
C THR G 22 -9.56 14.99 -58.52
N ARG G 23 -10.27 15.40 -59.58
CA ARG G 23 -10.34 14.61 -60.77
C ARG G 23 -9.44 15.11 -61.91
N TYR G 24 -8.73 14.19 -62.57
CA TYR G 24 -7.90 14.49 -63.75
C TYR G 24 -6.83 15.53 -63.48
N LEU G 25 -6.38 15.65 -62.23
CA LEU G 25 -5.45 16.71 -61.86
C LEU G 25 -4.20 16.73 -62.78
N ASP G 26 -3.71 15.55 -63.11
CA ASP G 26 -2.47 15.38 -63.87
C ASP G 26 -2.74 15.38 -65.39
N ILE G 27 -3.96 15.78 -65.80
CA ILE G 27 -4.42 15.41 -67.13
C ILE G 27 -5.15 16.54 -67.87
N LEU G 28 -6.03 17.23 -67.18
CA LEU G 28 -6.80 18.31 -67.74
C LEU G 28 -6.69 19.52 -66.83
N PRO G 29 -6.75 20.75 -67.38
CA PRO G 29 -6.57 21.84 -66.46
C PRO G 29 -7.90 22.17 -65.78
N ARG G 30 -7.81 23.05 -64.76
CA ARG G 30 -8.95 23.60 -64.03
C ARG G 30 -9.64 24.68 -64.83
N VAL G 31 -10.94 24.85 -64.62
CA VAL G 31 -11.69 25.92 -65.31
C VAL G 31 -11.66 27.11 -64.36
N ARG G 32 -11.78 28.34 -64.87
CA ARG G 32 -11.70 29.53 -64.00
C ARG G 32 -13.00 29.77 -63.18
N SER G 33 -14.15 29.60 -63.81
CA SER G 33 -15.45 29.93 -63.20
C SER G 33 -15.69 29.09 -62.00
N ASP G 34 -16.29 29.65 -60.97
CA ASP G 34 -16.56 28.83 -59.80
C ASP G 34 -17.83 28.04 -60.08
N CYS G 35 -18.01 27.01 -59.27
CA CYS G 35 -19.05 26.02 -59.51
C CYS G 35 -20.43 26.69 -59.55
N SER G 36 -20.63 27.70 -58.71
CA SER G 36 -21.89 28.46 -58.71
C SER G 36 -22.16 29.26 -60.01
N ALA G 37 -21.12 29.87 -60.58
CA ALA G 37 -21.28 30.55 -61.83
C ALA G 37 -21.52 29.59 -63.00
N LEU G 38 -20.91 28.38 -62.96
CA LEU G 38 -21.27 27.35 -63.98
C LEU G 38 -22.75 27.01 -63.88
N TRP G 39 -23.23 26.83 -62.66
CA TRP G 39 -24.64 26.51 -62.46
C TRP G 39 -25.55 27.57 -63.09
N LYS G 40 -25.25 28.83 -62.82
CA LYS G 40 -26.15 29.94 -63.27
C LYS G 40 -26.25 29.92 -64.77
N ASP G 41 -25.12 29.69 -65.44
CA ASP G 41 -25.08 29.65 -66.90
C ASP G 41 -25.88 28.47 -67.41
N PHE G 42 -25.68 27.33 -66.75
CA PHE G 42 -26.30 26.09 -67.15
C PHE G 42 -27.80 26.26 -67.05
N PHE G 43 -28.26 26.59 -65.85
CA PHE G 43 -29.69 26.72 -65.54
C PHE G 43 -30.41 27.77 -66.44
N LYS G 44 -29.79 28.95 -66.69
CA LYS G 44 -30.33 30.01 -67.62
C LYS G 44 -30.83 29.44 -68.93
N ALA G 45 -30.07 28.46 -69.43
CA ALA G 45 -30.23 27.92 -70.79
C ALA G 45 -31.57 27.26 -71.03
N PHE G 46 -32.15 26.69 -70.00
CA PHE G 46 -33.35 25.87 -70.24
C PHE G 46 -34.52 26.25 -69.33
N SER G 47 -34.21 26.95 -68.25
CA SER G 47 -35.18 27.26 -67.20
C SER G 47 -36.20 28.30 -67.67
N PHE G 48 -37.40 28.19 -67.09
CA PHE G 48 -38.58 29.01 -67.43
C PHE G 48 -38.98 29.00 -68.90
N LYS G 49 -38.56 27.98 -69.65
CA LYS G 49 -39.01 27.80 -71.04
C LYS G 49 -39.77 26.49 -71.15
N ASN G 50 -40.65 26.35 -72.15
CA ASN G 50 -41.07 24.99 -72.57
C ASN G 50 -39.88 24.04 -72.77
N PRO G 51 -40.11 22.74 -72.53
CA PRO G 51 -38.95 21.81 -72.54
C PRO G 51 -38.29 21.66 -73.92
N CYS G 52 -39.05 21.83 -75.01
CA CYS G 52 -38.52 21.73 -76.37
C CYS G 52 -38.04 23.05 -76.99
N ASP G 53 -38.22 24.17 -76.28
CA ASP G 53 -37.73 25.47 -76.79
C ASP G 53 -36.23 25.64 -76.49
N LEU G 54 -35.39 24.96 -77.26
CA LEU G 54 -33.96 25.07 -77.10
C LEU G 54 -33.40 25.03 -78.50
N ASP G 55 -32.26 25.66 -78.70
CA ASP G 55 -31.55 25.44 -79.94
C ASP G 55 -30.08 25.30 -79.67
N LEU G 56 -29.29 25.32 -80.74
CA LEU G 56 -27.86 24.99 -80.64
C LEU G 56 -27.08 26.05 -79.86
N GLY G 57 -27.62 27.27 -79.86
CA GLY G 57 -27.10 28.36 -79.06
C GLY G 57 -27.44 28.43 -77.57
N SER G 58 -28.50 27.75 -77.14
CA SER G 58 -28.97 27.80 -75.73
C SER G 58 -27.89 27.73 -74.61
N TYR G 59 -26.93 26.81 -74.72
CA TYR G 59 -25.90 26.57 -73.68
C TYR G 59 -24.58 27.21 -74.08
N LYS G 60 -24.65 28.22 -74.94
CA LYS G 60 -23.44 28.91 -75.39
C LYS G 60 -22.55 29.48 -74.30
N ASP G 61 -23.13 30.24 -73.38
CA ASP G 61 -22.28 30.83 -72.38
C ASP G 61 -21.72 29.70 -71.44
N PHE G 62 -22.56 28.73 -71.07
CA PHE G 62 -22.13 27.61 -70.24
C PHE G 62 -20.87 26.92 -70.79
N PHE G 63 -20.89 26.58 -72.09
CA PHE G 63 -19.74 25.90 -72.67
C PHE G 63 -18.50 26.80 -72.79
N THR G 64 -18.68 28.09 -73.07
CA THR G 64 -17.63 29.13 -72.96
C THR G 64 -16.90 29.06 -71.63
N SER G 65 -17.67 29.16 -70.54
CA SER G 65 -17.14 29.12 -69.19
C SER G 65 -16.59 27.78 -68.78
N ALA G 66 -17.13 26.69 -69.34
CA ALA G 66 -16.74 25.31 -68.94
C ALA G 66 -15.58 24.72 -69.75
N GLN G 67 -15.27 25.29 -70.91
CA GLN G 67 -14.28 24.68 -71.84
C GLN G 67 -12.84 24.64 -71.32
N GLN G 68 -12.23 23.48 -71.32
CA GLN G 68 -10.82 23.38 -70.96
C GLN G 68 -9.98 23.25 -72.22
N GLN G 69 -8.74 23.71 -72.12
CA GLN G 69 -7.78 23.39 -73.18
C GLN G 69 -7.49 21.92 -73.03
N LEU G 70 -7.33 21.24 -74.16
CA LEU G 70 -7.29 19.77 -74.20
C LEU G 70 -5.86 19.36 -74.58
N PRO G 71 -5.33 18.21 -74.11
CA PRO G 71 -3.92 18.00 -74.48
C PRO G 71 -3.62 17.47 -75.90
N LYS G 72 -2.48 17.89 -76.46
CA LYS G 72 -2.14 17.61 -77.89
C LYS G 72 -2.13 16.11 -78.17
N ASN G 73 -2.79 15.68 -79.24
CA ASN G 73 -2.70 14.30 -79.76
C ASN G 73 -3.62 13.32 -79.06
N LYS G 74 -4.29 13.73 -77.99
CA LYS G 74 -4.98 12.77 -77.11
C LYS G 74 -6.52 12.82 -77.17
N VAL G 75 -7.12 13.72 -77.97
CA VAL G 75 -8.56 13.84 -77.97
C VAL G 75 -9.13 12.66 -78.73
N MET G 76 -10.18 12.07 -78.19
CA MET G 76 -10.91 10.99 -78.82
C MET G 76 -12.37 11.39 -79.00
N PHE G 77 -12.88 10.94 -80.14
CA PHE G 77 -14.27 10.96 -80.51
C PHE G 77 -14.67 9.52 -80.73
N TRP G 78 -15.97 9.24 -80.69
CA TRP G 78 -16.44 7.87 -80.80
C TRP G 78 -17.84 7.95 -81.37
N SER G 79 -18.30 6.96 -82.15
CA SER G 79 -19.73 6.82 -82.45
C SER G 79 -20.11 5.35 -82.37
N GLY G 80 -21.18 5.03 -81.65
CA GLY G 80 -21.77 3.67 -81.64
C GLY G 80 -20.95 2.69 -80.82
N VAL G 81 -19.93 3.21 -80.11
CA VAL G 81 -19.04 2.38 -79.32
C VAL G 81 -18.68 3.01 -77.97
N TYR G 82 -19.72 3.47 -77.25
CA TYR G 82 -19.54 4.13 -75.95
C TYR G 82 -18.63 3.28 -75.05
N ASP G 83 -19.05 2.07 -74.76
CA ASP G 83 -18.25 1.29 -73.80
C ASP G 83 -16.81 1.03 -74.23
N GLU G 84 -16.66 0.57 -75.46
CA GLU G 84 -15.33 0.13 -75.92
C GLU G 84 -14.38 1.32 -76.01
N ALA G 85 -14.88 2.43 -76.55
CA ALA G 85 -14.12 3.69 -76.62
C ALA G 85 -13.63 4.14 -75.25
N HIS G 86 -14.56 4.18 -74.29
CA HIS G 86 -14.19 4.62 -72.94
C HIS G 86 -13.29 3.66 -72.17
N ASP G 87 -13.50 2.34 -72.37
CA ASP G 87 -12.56 1.35 -71.79
C ASP G 87 -11.17 1.53 -72.36
N TYR G 88 -11.13 1.80 -73.64
CA TYR G 88 -9.87 1.98 -74.30
C TYR G 88 -9.26 3.31 -73.88
N ALA G 89 -10.07 4.35 -73.77
CA ALA G 89 -9.48 5.66 -73.48
C ALA G 89 -8.93 5.67 -72.03
N ASN G 90 -9.58 4.85 -71.19
CA ASN G 90 -9.07 4.46 -69.87
C ASN G 90 -9.02 5.70 -68.89
N THR G 91 -10.16 6.36 -68.71
CA THR G 91 -10.25 7.56 -67.85
C THR G 91 -9.07 8.49 -67.98
N GLY G 92 -8.80 8.96 -69.21
CA GLY G 92 -7.84 9.99 -69.41
C GLY G 92 -6.40 9.51 -69.48
N ARG G 93 -6.14 8.25 -69.15
CA ARG G 93 -4.79 7.68 -69.17
C ARG G 93 -4.21 7.50 -70.58
N LYS G 94 -4.98 6.88 -71.47
CA LYS G 94 -4.56 6.76 -72.87
C LYS G 94 -5.11 7.84 -73.81
N TYR G 95 -6.42 8.13 -73.73
CA TYR G 95 -7.04 9.28 -74.46
C TYR G 95 -7.99 10.07 -73.61
N ILE G 96 -8.31 11.30 -74.05
CA ILE G 96 -9.37 12.11 -73.43
C ILE G 96 -10.64 11.77 -74.18
N THR G 97 -11.76 11.58 -73.49
CA THR G 97 -13.03 11.73 -74.15
C THR G 97 -13.78 12.96 -73.61
N LEU G 98 -14.84 13.36 -74.30
CA LEU G 98 -15.74 14.41 -73.80
C LEU G 98 -16.21 14.11 -72.36
N GLU G 99 -16.48 12.85 -72.05
CA GLU G 99 -16.99 12.50 -70.73
C GLU G 99 -15.93 12.70 -69.59
N ASP G 100 -14.65 12.85 -69.95
CA ASP G 100 -13.59 13.19 -68.98
C ASP G 100 -13.47 14.71 -68.76
N THR G 101 -14.06 15.51 -69.64
CA THR G 101 -13.95 16.95 -69.46
C THR G 101 -14.99 17.33 -68.44
N LEU G 102 -14.84 18.54 -67.90
CA LEU G 102 -15.69 19.05 -66.85
C LEU G 102 -17.18 19.04 -67.18
N PRO G 103 -17.57 19.67 -68.29
CA PRO G 103 -19.02 19.62 -68.53
C PRO G 103 -19.56 18.27 -68.85
N GLY G 104 -18.77 17.40 -69.46
CA GLY G 104 -19.25 16.06 -69.83
C GLY G 104 -19.32 15.21 -68.60
N TYR G 105 -18.29 15.35 -67.74
CA TYR G 105 -18.30 14.69 -66.44
C TYR G 105 -19.51 15.16 -65.61
N MET G 106 -19.84 16.46 -65.64
CA MET G 106 -20.92 16.94 -64.74
C MET G 106 -22.30 16.48 -65.20
N LEU G 107 -22.56 16.55 -66.50
CA LEU G 107 -23.88 16.20 -66.99
C LEU G 107 -24.05 14.77 -67.52
N ASN G 108 -22.97 13.99 -67.54
CA ASN G 108 -23.06 12.62 -68.12
C ASN G 108 -24.16 11.80 -67.45
N SER G 109 -25.09 11.27 -68.24
CA SER G 109 -26.24 10.46 -67.76
C SER G 109 -27.36 11.21 -67.05
N LEU G 110 -27.29 12.53 -66.98
CA LEU G 110 -28.32 13.24 -66.25
C LEU G 110 -29.54 13.56 -67.13
N VAL G 111 -30.71 13.74 -66.53
CA VAL G 111 -31.90 14.06 -67.33
C VAL G 111 -32.50 15.32 -66.71
N TRP G 112 -32.83 16.31 -67.54
CA TRP G 112 -33.33 17.60 -67.07
C TRP G 112 -34.11 18.30 -68.16
N CYS G 113 -35.07 19.10 -67.75
CA CYS G 113 -35.82 19.90 -68.73
C CYS G 113 -36.53 21.11 -68.12
N GLY G 114 -36.78 22.13 -68.93
CA GLY G 114 -37.47 23.32 -68.44
C GLY G 114 -38.98 23.16 -68.35
N GLN G 115 -39.61 24.01 -67.52
CA GLN G 115 -41.06 24.33 -67.67
C GLN G 115 -41.17 25.83 -67.34
N ARG G 116 -42.30 26.47 -67.75
CA ARG G 116 -42.47 27.91 -67.62
C ARG G 116 -42.82 28.30 -66.22
N ALA G 117 -43.63 27.49 -65.52
CA ALA G 117 -44.00 27.83 -64.10
C ALA G 117 -42.86 27.55 -63.10
N ASN G 118 -42.85 28.29 -62.01
CA ASN G 118 -42.03 27.96 -60.83
C ASN G 118 -41.90 26.42 -60.55
N PRO G 119 -40.67 25.90 -60.35
CA PRO G 119 -39.37 26.54 -60.26
C PRO G 119 -38.53 26.68 -61.55
N GLY G 120 -39.15 26.65 -62.73
CA GLY G 120 -38.43 26.85 -64.00
C GLY G 120 -37.89 25.56 -64.66
N PHE G 121 -38.04 24.41 -63.98
CA PHE G 121 -37.70 23.08 -64.49
C PHE G 121 -38.65 22.04 -63.95
N ASN G 122 -38.79 20.95 -64.69
CA ASN G 122 -39.71 19.90 -64.32
C ASN G 122 -38.98 18.83 -63.56
N GLU G 123 -39.41 18.59 -62.33
CA GLU G 123 -38.86 17.60 -61.46
C GLU G 123 -39.66 16.30 -61.53
N LYS G 124 -40.72 16.27 -62.33
CA LYS G 124 -41.57 15.06 -62.52
C LYS G 124 -41.29 14.26 -63.79
N VAL G 125 -41.30 14.98 -64.90
CA VAL G 125 -41.30 14.33 -66.19
C VAL G 125 -40.61 15.20 -67.25
N CYS G 126 -39.85 14.56 -68.13
CA CYS G 126 -39.27 15.24 -69.29
C CYS G 126 -39.71 14.51 -70.57
N PRO G 127 -39.83 15.24 -71.69
CA PRO G 127 -40.25 14.49 -72.86
C PRO G 127 -39.11 13.63 -73.41
N ASP G 128 -39.45 12.54 -74.12
CA ASP G 128 -38.45 11.85 -74.96
C ASP G 128 -37.97 12.95 -75.90
N PHE G 129 -36.68 13.26 -75.89
CA PHE G 129 -36.26 14.46 -76.64
C PHE G 129 -36.36 14.29 -78.17
N LYS G 130 -36.36 13.01 -78.60
CA LYS G 130 -36.92 12.61 -79.91
C LYS G 130 -38.30 13.24 -80.20
N THR G 131 -39.13 13.43 -79.15
CA THR G 131 -40.42 14.11 -79.32
C THR G 131 -40.29 15.65 -79.42
N CYS G 132 -39.07 16.18 -79.19
CA CYS G 132 -38.71 17.57 -79.56
C CYS G 132 -38.04 17.60 -80.94
N PRO G 133 -38.05 18.76 -81.60
CA PRO G 133 -37.24 18.94 -82.81
C PRO G 133 -35.74 18.63 -82.61
N VAL G 134 -35.06 18.34 -83.71
CA VAL G 134 -33.68 17.89 -83.68
C VAL G 134 -32.66 18.86 -83.05
N GLN G 135 -32.80 20.16 -83.29
CA GLN G 135 -31.80 21.11 -82.75
C GLN G 135 -31.96 21.38 -81.24
N ALA G 136 -33.17 21.14 -80.74
CA ALA G 136 -33.47 21.23 -79.33
C ALA G 136 -33.00 19.96 -78.67
N ARG G 137 -33.30 18.83 -79.31
CA ARG G 137 -32.95 17.51 -78.77
C ARG G 137 -31.45 17.47 -78.63
N GLU G 138 -30.74 18.10 -79.56
CA GLU G 138 -29.27 18.10 -79.57
C GLU G 138 -28.62 19.37 -78.96
N SER G 139 -29.42 20.19 -78.30
CA SER G 139 -28.94 21.49 -77.84
C SER G 139 -27.75 21.29 -76.93
N PHE G 140 -27.89 20.41 -75.95
CA PHE G 140 -26.82 20.27 -74.98
C PHE G 140 -25.58 19.56 -75.51
N TRP G 141 -25.75 18.32 -75.93
CA TRP G 141 -24.57 17.49 -76.26
C TRP G 141 -24.00 17.83 -77.61
N GLY G 142 -24.82 18.40 -78.50
CA GLY G 142 -24.32 18.79 -79.78
C GLY G 142 -23.35 19.93 -79.58
N MET G 143 -23.75 20.86 -78.72
CA MET G 143 -22.93 22.02 -78.46
C MET G 143 -21.70 21.61 -77.63
N ALA G 144 -21.90 20.62 -76.75
CA ALA G 144 -20.79 20.02 -76.00
C ALA G 144 -19.71 19.52 -76.95
N SER G 145 -20.16 18.75 -77.94
CA SER G 145 -19.28 18.17 -78.95
C SER G 145 -18.61 19.25 -79.77
N SER G 146 -19.36 20.27 -80.19
CA SER G 146 -18.74 21.35 -80.96
C SER G 146 -17.59 22.01 -80.21
N SER G 147 -17.85 22.37 -78.95
CA SER G 147 -16.85 23.11 -78.16
C SER G 147 -15.61 22.21 -77.91
N TYR G 148 -15.86 20.93 -77.67
CA TYR G 148 -14.79 19.99 -77.43
C TYR G 148 -13.99 19.80 -78.70
N ALA G 149 -14.68 19.48 -79.80
CA ALA G 149 -14.04 19.39 -81.11
C ALA G 149 -13.21 20.64 -81.47
N HIS G 150 -13.80 21.83 -81.32
CA HIS G 150 -13.07 23.10 -81.50
C HIS G 150 -11.75 23.19 -80.76
N SER G 151 -11.65 22.60 -79.55
CA SER G 151 -10.41 22.79 -78.77
C SER G 151 -9.37 21.73 -79.04
N ALA G 152 -9.71 20.68 -79.82
CA ALA G 152 -8.72 19.59 -80.09
C ALA G 152 -7.48 20.09 -80.87
N GLU G 153 -6.28 19.59 -80.55
CA GLU G 153 -5.03 19.96 -81.29
C GLU G 153 -4.17 18.72 -81.59
N GLY G 154 -3.35 18.76 -82.63
CA GLY G 154 -2.55 17.58 -83.04
C GLY G 154 -3.45 16.47 -83.60
N GLU G 155 -3.10 15.21 -83.35
CA GLU G 155 -3.84 14.11 -83.98
C GLU G 155 -5.10 13.94 -83.20
N VAL G 156 -6.22 13.70 -83.87
CA VAL G 156 -7.36 13.17 -83.13
C VAL G 156 -7.62 11.69 -83.50
N THR G 157 -8.28 10.97 -82.59
CA THR G 157 -8.67 9.56 -82.82
C THR G 157 -10.19 9.43 -82.83
N TYR G 158 -10.72 8.60 -83.74
CA TYR G 158 -12.13 8.47 -83.86
C TYR G 158 -12.48 6.99 -83.92
N MET G 159 -13.19 6.48 -82.90
CA MET G 159 -13.50 5.07 -82.86
C MET G 159 -14.94 4.87 -83.30
N VAL G 160 -15.14 3.94 -84.24
CA VAL G 160 -16.47 3.69 -84.84
C VAL G 160 -16.83 2.23 -84.84
N ASP G 161 -18.12 1.96 -84.96
CA ASP G 161 -18.59 0.59 -85.02
C ASP G 161 -18.52 0.15 -86.46
N GLY G 162 -17.72 -0.88 -86.76
CA GLY G 162 -17.72 -1.41 -88.09
C GLY G 162 -18.57 -2.67 -88.23
N SER G 163 -19.52 -2.89 -87.33
CA SER G 163 -20.24 -4.16 -87.36
C SER G 163 -21.76 -3.91 -87.20
N ASN G 164 -22.22 -2.67 -87.44
CA ASN G 164 -23.60 -2.39 -87.18
C ASN G 164 -24.31 -2.32 -88.56
N PRO G 165 -25.02 -3.38 -88.94
CA PRO G 165 -25.69 -3.41 -90.27
C PRO G 165 -26.73 -2.28 -90.49
N LYS G 166 -27.06 -1.51 -89.44
CA LYS G 166 -28.11 -0.49 -89.57
C LYS G 166 -27.61 0.92 -89.46
N VAL G 167 -26.36 1.10 -89.04
CA VAL G 167 -25.80 2.45 -88.85
C VAL G 167 -24.39 2.41 -89.46
N PRO G 168 -24.17 3.15 -90.53
CA PRO G 168 -22.82 3.27 -91.10
C PRO G 168 -21.74 3.72 -90.09
N ALA G 169 -20.52 3.21 -90.23
CA ALA G 169 -19.39 3.63 -89.37
C ALA G 169 -19.28 5.15 -89.25
N TYR G 170 -19.41 5.82 -90.40
CA TYR G 170 -19.44 7.28 -90.49
C TYR G 170 -20.75 7.74 -91.13
N ARG G 171 -21.41 8.75 -90.56
CA ARG G 171 -22.64 9.34 -91.17
C ARG G 171 -22.54 10.83 -90.98
N PRO G 172 -23.07 11.62 -91.96
CA PRO G 172 -23.04 13.08 -91.85
C PRO G 172 -23.90 13.59 -90.69
N ASP G 173 -24.91 12.82 -90.31
CA ASP G 173 -25.84 13.31 -89.33
C ASP G 173 -25.60 12.79 -87.89
N SER G 174 -24.50 12.07 -87.68
CA SER G 174 -24.08 11.64 -86.32
C SER G 174 -23.53 12.90 -85.66
N PHE G 175 -23.43 12.92 -84.35
CA PHE G 175 -22.71 14.03 -83.70
C PHE G 175 -21.32 14.25 -84.23
N PHE G 176 -20.62 13.18 -84.58
CA PHE G 176 -19.30 13.39 -85.13
C PHE G 176 -19.35 14.17 -86.47
N GLY G 177 -20.17 13.68 -87.41
CA GLY G 177 -20.33 14.34 -88.72
C GLY G 177 -20.96 15.71 -88.62
N LYS G 178 -21.93 15.90 -87.72
CA LYS G 178 -22.63 17.20 -87.64
C LYS G 178 -21.95 18.22 -86.79
N TYR G 179 -21.25 17.81 -85.73
CA TYR G 179 -20.78 18.75 -84.69
C TYR G 179 -19.29 18.65 -84.46
N GLU G 180 -18.70 17.47 -84.61
CA GLU G 180 -17.27 17.38 -84.31
C GLU G 180 -16.43 17.66 -85.53
N LEU G 181 -16.54 16.82 -86.56
CA LEU G 181 -15.72 16.97 -87.78
C LEU G 181 -15.68 18.40 -88.37
N PRO G 182 -16.85 19.07 -88.52
CA PRO G 182 -16.90 20.45 -89.06
C PRO G 182 -16.25 21.49 -88.17
N ASN G 183 -15.77 21.04 -87.01
CA ASN G 183 -15.30 21.97 -85.98
C ASN G 183 -13.85 21.82 -85.63
N LEU G 184 -13.18 20.88 -86.29
CA LEU G 184 -11.74 20.75 -86.17
C LEU G 184 -11.03 21.90 -86.88
N THR G 185 -10.17 22.60 -86.16
CA THR G 185 -9.41 23.75 -86.71
C THR G 185 -8.11 23.28 -87.35
N ASN G 186 -7.36 24.22 -87.92
CA ASN G 186 -6.10 23.92 -88.58
C ASN G 186 -4.99 23.52 -87.58
N LYS G 187 -5.32 23.46 -86.28
CA LYS G 187 -4.40 22.92 -85.27
C LYS G 187 -4.48 21.42 -85.26
N VAL G 188 -5.45 20.85 -85.98
CA VAL G 188 -5.58 19.39 -86.05
C VAL G 188 -4.68 18.91 -87.20
N THR G 189 -3.89 17.86 -86.98
CA THR G 189 -2.94 17.47 -88.05
C THR G 189 -3.38 16.14 -88.70
N ARG G 190 -4.14 15.32 -87.97
CA ARG G 190 -4.43 13.97 -88.46
C ARG G 190 -5.70 13.37 -87.85
N VAL G 191 -6.54 12.72 -88.64
CA VAL G 191 -7.68 11.99 -88.10
C VAL G 191 -7.30 10.51 -88.19
N LYS G 192 -7.25 9.89 -87.02
CA LYS G 192 -6.86 8.50 -86.86
C LYS G 192 -8.13 7.66 -86.51
N VAL G 193 -8.59 6.83 -87.43
CA VAL G 193 -9.80 6.05 -87.22
C VAL G 193 -9.47 4.66 -86.66
N ILE G 194 -10.25 4.23 -85.68
CA ILE G 194 -10.26 2.85 -85.19
C ILE G 194 -11.62 2.20 -85.48
N VAL G 195 -11.62 1.12 -86.26
CA VAL G 195 -12.85 0.40 -86.51
C VAL G 195 -12.92 -0.84 -85.65
N LEU G 196 -14.04 -0.94 -84.96
CA LEU G 196 -14.26 -2.06 -84.12
C LEU G 196 -15.09 -3.06 -84.89
N HIS G 197 -14.60 -4.30 -84.96
CA HIS G 197 -15.41 -5.46 -85.41
C HIS G 197 -15.77 -6.30 -84.19
N ARG G 198 -17.01 -6.21 -83.73
CA ARG G 198 -17.35 -6.93 -82.50
C ARG G 198 -17.21 -8.41 -82.70
N LEU G 199 -16.80 -9.12 -81.63
CA LEU G 199 -16.49 -10.53 -81.72
C LEU G 199 -17.73 -11.38 -82.11
N GLY G 200 -17.51 -12.25 -83.10
CA GLY G 200 -18.47 -13.22 -83.59
C GLY G 200 -19.58 -12.59 -84.40
N GLU G 201 -19.43 -11.31 -84.75
CA GLU G 201 -20.44 -10.63 -85.51
C GLU G 201 -20.00 -10.39 -86.95
N LYS G 202 -20.98 -10.12 -87.83
CA LYS G 202 -20.64 -9.94 -89.22
C LYS G 202 -19.91 -8.60 -89.45
N ILE G 203 -18.83 -8.61 -90.22
CA ILE G 203 -18.09 -7.37 -90.54
C ILE G 203 -18.90 -6.56 -91.57
N ILE G 204 -19.24 -5.31 -91.28
CA ILE G 204 -20.07 -4.47 -92.15
C ILE G 204 -19.21 -3.40 -92.86
N GLU G 205 -18.25 -2.81 -92.15
CA GLU G 205 -17.43 -1.74 -92.71
C GLU G 205 -15.96 -2.00 -92.51
N LYS G 206 -15.16 -1.56 -93.47
CA LYS G 206 -13.73 -1.82 -93.47
C LYS G 206 -13.06 -0.56 -93.95
N CYS G 207 -11.84 -0.32 -93.43
CA CYS G 207 -11.01 0.77 -93.89
C CYS G 207 -10.92 0.82 -95.45
N GLY G 208 -11.11 2.00 -96.03
CA GLY G 208 -10.89 2.21 -97.45
C GLY G 208 -12.10 1.85 -98.28
N ALA G 209 -13.23 1.56 -97.64
CA ALA G 209 -14.42 1.32 -98.42
C ALA G 209 -15.63 2.02 -97.78
N GLY G 210 -16.73 2.10 -98.54
CA GLY G 210 -18.04 2.50 -97.97
C GLY G 210 -17.94 3.88 -97.29
N SER G 211 -18.60 4.05 -96.15
CA SER G 211 -18.60 5.31 -95.43
C SER G 211 -17.24 5.70 -94.90
N LEU G 212 -16.35 4.74 -94.70
CA LEU G 212 -14.99 5.04 -94.25
C LEU G 212 -14.12 5.62 -95.36
N LEU G 213 -14.40 5.20 -96.59
CA LEU G 213 -13.80 5.86 -97.74
C LEU G 213 -14.39 7.25 -97.88
N ASP G 214 -15.71 7.44 -97.71
CA ASP G 214 -16.24 8.84 -97.77
C ASP G 214 -15.58 9.78 -96.73
N LEU G 215 -15.33 9.23 -95.54
CA LEU G 215 -14.75 9.98 -94.46
C LEU G 215 -13.27 10.30 -94.78
N GLU G 216 -12.54 9.30 -95.27
CA GLU G 216 -11.16 9.52 -95.71
C GLU G 216 -11.07 10.67 -96.77
N LYS G 217 -12.04 10.76 -97.67
CA LYS G 217 -12.10 11.88 -98.63
C LYS G 217 -12.42 13.22 -97.97
N LEU G 218 -13.38 13.28 -97.03
CA LEU G 218 -13.72 14.53 -96.31
C LEU G 218 -12.56 15.03 -95.47
N VAL G 219 -11.87 14.09 -94.81
CA VAL G 219 -10.74 14.37 -93.93
C VAL G 219 -9.63 14.97 -94.79
N LYS G 220 -9.39 14.35 -95.97
CA LYS G 220 -8.27 14.83 -96.79
C LYS G 220 -8.57 16.16 -97.47
N ALA G 221 -9.86 16.43 -97.72
CA ALA G 221 -10.31 17.72 -98.27
C ALA G 221 -10.10 18.89 -97.27
N LYS G 222 -10.17 18.60 -95.97
CA LYS G 222 -9.86 19.60 -94.92
C LYS G 222 -8.36 19.69 -94.70
N HIS G 223 -7.60 18.97 -95.53
CA HIS G 223 -6.13 18.94 -95.51
C HIS G 223 -5.50 18.22 -94.32
N PHE G 224 -6.24 17.30 -93.69
CA PHE G 224 -5.67 16.48 -92.61
C PHE G 224 -5.01 15.20 -93.14
N ALA G 225 -3.93 14.76 -92.51
CA ALA G 225 -3.53 13.34 -92.62
C ALA G 225 -4.66 12.40 -92.14
N PHE G 226 -4.63 11.17 -92.64
CA PHE G 226 -5.68 10.21 -92.34
C PHE G 226 -5.10 8.81 -92.23
N ASP G 227 -5.53 8.05 -91.21
CA ASP G 227 -5.25 6.60 -91.22
C ASP G 227 -6.35 5.78 -90.53
N CYS G 228 -6.32 4.46 -90.72
CA CYS G 228 -7.46 3.61 -90.38
C CYS G 228 -6.91 2.21 -90.08
N VAL G 229 -7.41 1.62 -89.00
CA VAL G 229 -7.09 0.24 -88.58
C VAL G 229 -8.35 -0.43 -88.04
N GLU G 230 -8.46 -1.74 -88.22
CA GLU G 230 -9.64 -2.50 -87.72
C GLU G 230 -9.12 -3.36 -86.57
N ASN G 231 -9.80 -3.31 -85.41
CA ASN G 231 -9.42 -4.16 -84.27
C ASN G 231 -7.88 -4.23 -84.05
N PRO G 232 -7.24 -3.09 -83.84
CA PRO G 232 -5.78 -3.13 -83.52
C PRO G 232 -5.63 -3.97 -82.23
N ARG G 233 -4.45 -4.59 -82.02
CA ARG G 233 -4.33 -5.58 -80.93
C ARG G 233 -4.78 -5.10 -79.57
N ALA G 234 -4.43 -3.86 -79.22
CA ALA G 234 -4.78 -3.37 -77.87
C ALA G 234 -6.31 -3.31 -77.67
N VAL G 235 -7.05 -3.01 -78.73
CA VAL G 235 -8.51 -2.95 -78.62
C VAL G 235 -9.10 -4.37 -78.62
N LEU G 236 -8.53 -5.25 -79.47
CA LEU G 236 -9.02 -6.60 -79.59
C LEU G 236 -8.94 -7.34 -78.25
N PHE G 237 -7.79 -7.23 -77.57
CA PHE G 237 -7.66 -7.83 -76.23
C PHE G 237 -8.71 -7.37 -75.23
N LEU G 238 -9.05 -6.10 -75.26
CA LEU G 238 -10.18 -5.65 -74.45
C LEU G 238 -11.48 -6.36 -74.77
N LEU G 239 -11.83 -6.49 -76.04
CA LEU G 239 -13.03 -7.25 -76.42
C LEU G 239 -12.91 -8.69 -75.97
N CYS G 240 -11.76 -9.31 -76.25
CA CYS G 240 -11.53 -10.65 -75.77
C CYS G 240 -11.73 -10.88 -74.30
N SER G 241 -11.29 -9.93 -73.46
CA SER G 241 -11.51 -10.06 -72.04
C SER G 241 -13.02 -10.29 -71.67
N ASP G 242 -13.95 -9.65 -72.40
CA ASP G 242 -15.41 -9.77 -72.08
C ASP G 242 -16.02 -11.01 -72.75
N ASN G 243 -15.30 -11.57 -73.71
CA ASN G 243 -15.75 -12.74 -74.45
C ASN G 243 -14.59 -13.69 -74.82
N PRO G 244 -13.99 -14.34 -73.79
CA PRO G 244 -12.73 -15.08 -74.03
C PRO G 244 -12.90 -16.31 -74.92
N ASN G 245 -14.13 -16.79 -75.08
CA ASN G 245 -14.34 -17.95 -75.93
C ASN G 245 -14.51 -17.66 -77.41
N ALA G 246 -14.50 -16.37 -77.77
CA ALA G 246 -14.54 -15.99 -79.18
C ALA G 246 -13.40 -16.58 -80.01
N ARG G 247 -13.78 -17.02 -81.22
CA ARG G 247 -12.85 -17.48 -82.23
C ARG G 247 -11.69 -16.52 -82.45
N GLU G 248 -11.98 -15.23 -82.54
CA GLU G 248 -10.90 -14.24 -82.74
C GLU G 248 -9.92 -14.15 -81.55
N CYS G 249 -10.22 -14.84 -80.45
CA CYS G 249 -9.43 -14.69 -79.23
C CYS G 249 -8.59 -15.92 -78.93
N ARG G 250 -8.66 -16.95 -79.77
CA ARG G 250 -7.89 -18.19 -79.62
C ARG G 250 -6.41 -17.92 -79.39
N LEU G 251 -5.82 -18.47 -78.33
CA LEU G 251 -4.40 -18.23 -77.97
C LEU G 251 -3.48 -19.20 -78.70
N ALA G 252 -2.34 -18.70 -79.18
CA ALA G 252 -1.40 -19.47 -80.01
C ALA G 252 -0.99 -20.74 -79.31
N ILE H 2 -23.64 -3.60 88.93
CA ILE H 2 -23.12 -3.36 87.56
C ILE H 2 -24.00 -4.09 86.52
N VAL H 3 -24.06 -3.57 85.29
CA VAL H 3 -24.89 -4.19 84.25
C VAL H 3 -24.06 -5.22 83.47
N PRO H 4 -24.55 -6.47 83.35
CA PRO H 4 -23.75 -7.45 82.64
C PRO H 4 -23.65 -7.20 81.11
N THR H 5 -22.63 -7.76 80.49
CA THR H 5 -22.46 -7.66 79.03
C THR H 5 -23.64 -8.33 78.32
N ARG H 6 -24.20 -7.69 77.29
CA ARG H 6 -25.23 -8.34 76.46
C ARG H 6 -24.67 -9.40 75.55
N GLU H 7 -25.50 -10.41 75.32
CA GLU H 7 -25.24 -11.48 74.38
C GLU H 7 -23.89 -12.09 74.56
N LEU H 8 -23.69 -12.58 75.79
CA LEU H 8 -22.41 -12.96 76.27
C LEU H 8 -21.88 -14.06 75.39
N GLU H 9 -22.69 -15.11 75.21
CA GLU H 9 -22.27 -16.18 74.30
C GLU H 9 -21.86 -15.70 72.92
N ASN H 10 -22.66 -14.83 72.30
CA ASN H 10 -22.33 -14.35 70.95
C ASN H 10 -21.00 -13.55 70.98
N VAL H 11 -20.82 -12.72 72.03
CA VAL H 11 -19.56 -11.95 72.15
C VAL H 11 -18.37 -12.89 72.30
N PHE H 12 -18.52 -13.88 73.18
CA PHE H 12 -17.42 -14.78 73.53
C PHE H 12 -17.05 -15.60 72.28
N LEU H 13 -18.06 -16.15 71.61
CA LEU H 13 -17.86 -16.97 70.43
C LEU H 13 -17.23 -16.14 69.27
N GLY H 14 -17.73 -14.94 69.06
CA GLY H 14 -17.21 -14.09 67.98
C GLY H 14 -15.75 -13.68 68.24
N ARG H 15 -15.46 -13.26 69.46
CA ARG H 15 -14.11 -12.92 69.82
C ARG H 15 -13.23 -14.12 69.69
N CYS H 16 -13.74 -15.27 70.18
CA CYS H 16 -13.03 -16.52 70.02
C CYS H 16 -12.68 -16.86 68.57
N LYS H 17 -13.65 -16.75 67.67
CA LYS H 17 -13.42 -17.13 66.29
C LYS H 17 -12.46 -16.11 65.58
N ASP H 18 -12.65 -14.82 65.91
CA ASP H 18 -11.80 -13.72 65.39
C ASP H 18 -10.36 -13.94 65.78
N TYR H 19 -10.14 -14.29 67.04
CA TYR H 19 -8.81 -14.53 67.53
C TYR H 19 -8.17 -15.74 66.80
N GLU H 20 -8.95 -16.81 66.76
CA GLU H 20 -8.50 -18.05 66.24
C GLU H 20 -7.87 -17.85 64.89
N ILE H 21 -8.63 -17.20 64.03
CA ILE H 21 -8.27 -17.06 62.62
C ILE H 21 -7.34 -15.94 62.34
N THR H 22 -7.46 -14.80 63.05
CA THR H 22 -6.81 -13.60 62.60
C THR H 22 -5.85 -12.95 63.59
N ARG H 23 -5.93 -13.26 64.88
CA ARG H 23 -5.18 -12.47 65.88
C ARG H 23 -3.92 -13.18 66.43
N TYR H 24 -2.81 -12.43 66.50
CA TYR H 24 -1.56 -12.86 67.12
C TYR H 24 -0.99 -14.04 66.41
N LEU H 25 -1.33 -14.14 65.13
CA LEU H 25 -0.93 -15.30 64.34
C LEU H 25 0.57 -15.63 64.43
N ASP H 26 1.44 -14.63 64.38
CA ASP H 26 2.89 -14.95 64.35
C ASP H 26 3.50 -14.76 65.73
N ILE H 27 2.65 -14.56 66.72
CA ILE H 27 3.11 -14.22 68.06
C ILE H 27 2.75 -15.27 69.13
N LEU H 28 1.58 -15.88 69.00
CA LEU H 28 1.06 -16.84 70.00
C LEU H 28 0.40 -18.00 69.29
N PRO H 29 0.60 -19.22 69.82
CA PRO H 29 0.02 -20.39 69.17
C PRO H 29 -1.51 -20.49 69.26
N ARG H 30 -2.10 -21.34 68.44
CA ARG H 30 -3.55 -21.56 68.51
C ARG H 30 -3.81 -22.59 69.58
N VAL H 31 -4.98 -22.57 70.18
CA VAL H 31 -5.39 -23.61 71.09
C VAL H 31 -6.08 -24.76 70.33
N ARG H 32 -5.89 -26.01 70.79
CA ARG H 32 -6.52 -27.15 70.14
C ARG H 32 -8.05 -27.15 70.26
N SER H 33 -8.63 -26.60 71.33
CA SER H 33 -10.09 -26.69 71.55
C SER H 33 -10.87 -25.80 70.63
N ASP H 34 -12.07 -26.28 70.26
CA ASP H 34 -13.14 -25.49 69.58
C ASP H 34 -13.63 -24.35 70.41
N CYS H 35 -14.12 -23.31 69.73
CA CYS H 35 -14.79 -22.20 70.38
C CYS H 35 -16.01 -22.68 71.18
N SER H 36 -16.73 -23.67 70.65
CA SER H 36 -17.89 -24.23 71.39
C SER H 36 -17.50 -25.03 72.62
N ALA H 37 -16.36 -25.71 72.55
CA ALA H 37 -15.88 -26.48 73.68
C ALA H 37 -15.31 -25.52 74.76
N LEU H 38 -14.74 -24.39 74.34
CA LEU H 38 -14.31 -23.37 75.33
C LEU H 38 -15.52 -22.74 76.03
N TRP H 39 -16.57 -22.44 75.26
CA TRP H 39 -17.75 -21.83 75.82
C TRP H 39 -18.40 -22.75 76.82
N LYS H 40 -18.46 -24.07 76.55
CA LYS H 40 -19.02 -24.97 77.58
C LYS H 40 -18.25 -25.00 78.88
N ASP H 41 -16.92 -25.11 78.79
CA ASP H 41 -16.07 -25.07 80.01
C ASP H 41 -16.26 -23.79 80.79
N PHE H 42 -16.24 -22.64 80.07
CA PHE H 42 -16.48 -21.32 80.66
C PHE H 42 -17.87 -21.16 81.31
N PHE H 43 -18.95 -21.40 80.56
CA PHE H 43 -20.29 -21.24 81.09
C PHE H 43 -20.54 -22.14 82.34
N LYS H 44 -20.04 -23.36 82.33
CA LYS H 44 -20.40 -24.28 83.40
C LYS H 44 -19.79 -23.83 84.71
N ALA H 45 -18.75 -22.97 84.63
CA ALA H 45 -18.03 -22.51 85.83
C ALA H 45 -18.92 -21.66 86.73
N PHE H 46 -19.79 -20.85 86.12
CA PHE H 46 -20.57 -19.91 86.90
C PHE H 46 -22.07 -20.04 86.77
N SER H 47 -22.54 -20.81 85.78
CA SER H 47 -23.96 -20.89 85.49
C SER H 47 -24.78 -21.63 86.56
N PHE H 48 -26.06 -21.26 86.67
CA PHE H 48 -27.00 -21.92 87.56
C PHE H 48 -26.52 -22.01 89.02
N LYS H 49 -25.88 -20.92 89.49
CA LYS H 49 -25.35 -20.77 90.86
C LYS H 49 -25.62 -19.33 91.25
N ASN H 50 -25.74 -19.06 92.55
CA ASN H 50 -25.74 -17.70 93.04
C ASN H 50 -24.50 -16.95 92.50
N PRO H 51 -24.60 -15.63 92.32
CA PRO H 51 -23.49 -14.87 91.67
C PRO H 51 -22.14 -14.87 92.40
N CYS H 52 -22.17 -15.04 93.72
CA CYS H 52 -20.97 -15.03 94.56
C CYS H 52 -20.51 -16.45 94.90
N ASP H 53 -21.10 -17.46 94.27
CA ASP H 53 -20.68 -18.84 94.52
C ASP H 53 -19.59 -19.33 93.54
N LEU H 54 -18.37 -18.82 93.70
CA LEU H 54 -17.22 -19.23 92.87
C LEU H 54 -15.99 -19.24 93.77
N ASP H 55 -14.95 -19.94 93.36
CA ASP H 55 -13.69 -19.88 94.09
C ASP H 55 -12.59 -20.09 93.08
N LEU H 56 -11.35 -20.14 93.54
CA LEU H 56 -10.21 -20.20 92.60
C LEU H 56 -10.34 -21.39 91.64
N GLY H 57 -11.07 -22.41 92.06
CA GLY H 57 -11.12 -23.65 91.30
C GLY H 57 -12.16 -23.62 90.20
N SER H 58 -13.15 -22.74 90.33
CA SER H 58 -14.32 -22.79 89.42
C SER H 58 -14.05 -22.87 87.90
N TYR H 59 -13.03 -22.15 87.43
CA TYR H 59 -12.84 -21.97 86.00
C TYR H 59 -11.70 -22.84 85.52
N LYS H 60 -11.38 -23.87 86.30
CA LYS H 60 -10.17 -24.66 86.10
C LYS H 60 -10.10 -25.33 84.73
N ASP H 61 -11.19 -25.95 84.31
CA ASP H 61 -11.23 -26.58 83.02
C ASP H 61 -11.18 -25.58 81.85
N PHE H 62 -11.80 -24.43 82.01
CA PHE H 62 -11.71 -23.46 80.96
C PHE H 62 -10.26 -23.04 80.73
N PHE H 63 -9.52 -22.84 81.81
CA PHE H 63 -8.17 -22.28 81.66
C PHE H 63 -7.16 -23.32 81.22
N THR H 64 -7.40 -24.59 81.58
CA THR H 64 -6.64 -25.72 81.10
C THR H 64 -6.82 -25.85 79.59
N SER H 65 -8.05 -25.67 79.08
CA SER H 65 -8.31 -25.71 77.65
C SER H 65 -7.74 -24.56 76.86
N ALA H 66 -7.76 -23.37 77.47
CA ALA H 66 -7.50 -22.13 76.78
C ALA H 66 -6.04 -21.74 76.91
N GLN H 67 -5.25 -22.53 77.59
CA GLN H 67 -3.88 -22.13 77.89
C GLN H 67 -2.95 -22.35 76.69
N GLN H 68 -2.21 -21.29 76.32
CA GLN H 68 -1.30 -21.31 75.22
C GLN H 68 0.12 -21.37 75.76
N GLN H 69 1.00 -22.12 75.09
CA GLN H 69 2.45 -21.94 75.35
C GLN H 69 2.84 -20.48 75.09
N LEU H 70 3.64 -19.88 75.96
CA LEU H 70 3.94 -18.44 75.88
C LEU H 70 5.35 -18.18 75.43
N PRO H 71 5.58 -17.12 74.63
CA PRO H 71 6.94 -17.01 74.08
C PRO H 71 7.96 -16.75 75.17
N LYS H 72 9.07 -17.48 75.13
CA LYS H 72 10.14 -17.30 76.11
C LYS H 72 10.58 -15.82 76.21
N ASN H 73 10.81 -15.36 77.46
CA ASN H 73 11.29 -13.99 77.76
C ASN H 73 10.33 -12.86 77.45
N LYS H 74 9.17 -13.14 76.89
CA LYS H 74 8.31 -12.03 76.48
C LYS H 74 7.09 -11.81 77.41
N VAL H 75 7.02 -12.60 78.49
CA VAL H 75 5.84 -12.49 79.36
C VAL H 75 5.91 -11.27 80.29
N MET H 76 4.88 -10.44 80.22
CA MET H 76 4.74 -9.27 81.06
C MET H 76 3.56 -9.35 82.04
N PHE H 77 3.81 -8.90 83.29
CA PHE H 77 2.78 -8.60 84.32
C PHE H 77 2.77 -7.10 84.61
N TRP H 78 1.72 -6.66 85.29
CA TRP H 78 1.50 -5.23 85.49
C TRP H 78 0.56 -5.14 86.69
N SER H 79 0.78 -4.13 87.52
CA SER H 79 -0.11 -3.85 88.63
C SER H 79 -0.27 -2.33 88.67
N GLY H 80 -1.51 -1.89 88.52
CA GLY H 80 -1.89 -0.48 88.68
C GLY H 80 -1.50 0.45 87.54
N VAL H 81 -1.00 -0.11 86.42
CA VAL H 81 -0.51 0.70 85.30
C VAL H 81 -1.08 0.11 83.99
N TYR H 82 -2.35 -0.26 84.03
CA TYR H 82 -2.96 -0.95 82.83
C TYR H 82 -2.55 -0.33 81.51
N ASP H 83 -2.84 0.97 81.38
CA ASP H 83 -2.76 1.62 80.10
C ASP H 83 -1.34 1.75 79.63
N GLU H 84 -0.47 2.12 80.56
CA GLU H 84 0.95 2.29 80.21
C GLU H 84 1.61 0.97 79.90
N ALA H 85 1.30 -0.06 80.67
CA ALA H 85 1.86 -1.39 80.35
C ALA H 85 1.40 -1.93 78.98
N HIS H 86 0.12 -1.76 78.69
CA HIS H 86 -0.37 -2.21 77.37
C HIS H 86 0.11 -1.39 76.18
N ASP H 87 0.29 -0.08 76.37
CA ASP H 87 0.90 0.76 75.31
C ASP H 87 2.32 0.31 75.06
N TYR H 88 3.10 0.11 76.12
CA TYR H 88 4.47 -0.31 75.93
C TYR H 88 4.59 -1.73 75.41
N ALA H 89 3.74 -2.64 75.87
CA ALA H 89 3.84 -4.02 75.39
C ALA H 89 3.51 -4.11 73.88
N ASN H 90 2.56 -3.27 73.49
CA ASN H 90 2.22 -3.00 72.11
C ASN H 90 1.58 -4.16 71.36
N THR H 91 0.42 -4.65 71.82
CA THR H 91 -0.31 -5.74 71.13
C THR H 91 0.61 -6.91 70.80
N GLY H 92 1.44 -7.30 71.76
CA GLY H 92 2.27 -8.45 71.55
C GLY H 92 3.60 -8.26 70.85
N ARG H 93 3.88 -7.07 70.34
CA ARG H 93 5.10 -6.89 69.53
C ARG H 93 6.35 -6.77 70.42
N LYS H 94 6.22 -6.07 71.55
CA LYS H 94 7.32 -5.93 72.49
C LYS H 94 7.20 -6.97 73.62
N TYR H 95 6.01 -7.08 74.22
CA TYR H 95 5.77 -8.10 75.23
C TYR H 95 4.35 -8.62 75.08
N ILE H 96 4.11 -9.79 75.67
CA ILE H 96 2.78 -10.41 75.75
C ILE H 96 2.20 -9.94 77.09
N THR H 97 0.94 -9.60 77.13
CA THR H 97 0.22 -9.48 78.41
C THR H 97 -0.90 -10.50 78.43
N LEU H 98 -1.42 -10.78 79.63
CA LEU H 98 -2.60 -11.60 79.72
C LEU H 98 -3.72 -11.29 78.70
N GLU H 99 -3.99 -10.01 78.52
CA GLU H 99 -5.04 -9.52 77.60
C GLU H 99 -4.77 -9.87 76.14
N ASP H 100 -3.55 -10.31 75.80
CA ASP H 100 -3.23 -10.73 74.41
C ASP H 100 -3.43 -12.21 74.19
N THR H 101 -3.60 -12.97 75.27
CA THR H 101 -3.82 -14.40 75.18
C THR H 101 -5.31 -14.72 74.96
N LEU H 102 -5.63 -15.88 74.38
CA LEU H 102 -6.98 -16.19 74.04
C LEU H 102 -7.99 -15.88 75.19
N PRO H 103 -7.76 -16.42 76.38
CA PRO H 103 -8.79 -16.16 77.42
C PRO H 103 -8.88 -14.71 77.91
N GLY H 104 -7.75 -14.01 77.93
CA GLY H 104 -7.72 -12.62 78.38
C GLY H 104 -8.44 -11.77 77.34
N TYR H 105 -8.11 -12.02 76.06
CA TYR H 105 -8.76 -11.32 74.95
C TYR H 105 -10.27 -11.57 74.96
N MET H 106 -10.68 -12.83 75.12
CA MET H 106 -12.13 -13.09 75.01
C MET H 106 -12.93 -12.38 76.09
N LEU H 107 -12.41 -12.35 77.33
CA LEU H 107 -13.22 -11.80 78.44
C LEU H 107 -12.85 -10.37 78.84
N ASN H 108 -11.78 -9.83 78.26
CA ASN H 108 -11.34 -8.52 78.75
C ASN H 108 -12.49 -7.51 78.70
N SER H 109 -12.70 -6.89 79.83
CA SER H 109 -13.75 -5.90 80.12
C SER H 109 -15.22 -6.36 80.04
N LEU H 110 -15.47 -7.66 79.96
CA LEU H 110 -16.86 -8.18 79.96
C LEU H 110 -17.34 -8.32 81.40
N VAL H 111 -18.66 -8.27 81.56
CA VAL H 111 -19.23 -8.41 82.90
C VAL H 111 -20.26 -9.55 82.81
N TRP H 112 -20.18 -10.53 83.71
CA TRP H 112 -21.13 -11.68 83.68
C TRP H 112 -21.23 -12.27 85.12
N CYS H 113 -22.39 -12.86 85.40
CA CYS H 113 -22.65 -13.53 86.65
C CYS H 113 -23.72 -14.60 86.53
N GLY H 114 -23.55 -15.60 87.37
CA GLY H 114 -24.51 -16.68 87.45
C GLY H 114 -25.81 -16.27 88.12
N GLN H 115 -26.86 -16.99 87.82
CA GLN H 115 -28.02 -17.05 88.71
C GLN H 115 -28.50 -18.49 88.68
N ARG H 116 -29.32 -18.91 89.66
CA ARG H 116 -29.83 -20.27 89.67
C ARG H 116 -31.03 -20.53 88.77
N ALA H 117 -31.95 -19.60 88.63
CA ALA H 117 -33.08 -19.89 87.69
C ALA H 117 -32.65 -19.73 86.23
N ASN H 118 -33.31 -20.48 85.33
CA ASN H 118 -33.20 -20.31 83.89
C ASN H 118 -32.99 -18.77 83.56
N PRO H 119 -32.06 -18.40 82.64
CA PRO H 119 -31.15 -19.22 81.81
C PRO H 119 -29.81 -19.56 82.53
N GLY H 120 -29.72 -19.42 83.87
CA GLY H 120 -28.50 -19.80 84.56
C GLY H 120 -27.48 -18.64 84.68
N PHE H 121 -27.82 -17.50 84.12
CA PHE H 121 -26.99 -16.29 84.25
C PHE H 121 -27.92 -15.08 84.27
N ASN H 122 -27.44 -14.01 84.89
CA ASN H 122 -28.24 -12.83 85.11
C ASN H 122 -27.92 -11.79 84.03
N GLU H 123 -28.95 -11.39 83.28
CA GLU H 123 -28.80 -10.49 82.16
C GLU H 123 -29.21 -9.07 82.52
N LYS H 124 -29.48 -8.85 83.81
CA LYS H 124 -29.95 -7.56 84.34
C LYS H 124 -28.93 -6.85 85.14
N VAL H 125 -28.42 -7.56 86.13
CA VAL H 125 -27.61 -6.95 87.17
C VAL H 125 -26.69 -8.02 87.67
N CYS H 126 -25.44 -7.62 87.91
CA CYS H 126 -24.49 -8.42 88.63
C CYS H 126 -24.02 -7.59 89.81
N PRO H 127 -23.50 -8.26 90.86
CA PRO H 127 -23.07 -7.49 92.01
C PRO H 127 -21.73 -6.87 91.70
N ASP H 128 -21.45 -5.67 92.22
CA ASP H 128 -20.05 -5.30 92.31
C ASP H 128 -19.56 -6.39 93.24
N PHE H 129 -18.68 -7.24 92.70
CA PHE H 129 -18.24 -8.47 93.38
C PHE H 129 -17.48 -8.06 94.64
N LYS H 130 -17.14 -6.78 94.76
CA LYS H 130 -16.85 -6.14 96.06
C LYS H 130 -17.88 -6.58 97.13
N THR H 131 -19.11 -6.96 96.72
CA THR H 131 -20.04 -7.69 97.63
C THR H 131 -19.71 -9.18 97.85
N CYS H 132 -19.01 -9.80 96.91
CA CYS H 132 -18.64 -11.21 97.03
C CYS H 132 -17.37 -11.38 97.87
N PRO H 133 -17.20 -12.54 98.51
CA PRO H 133 -15.96 -12.87 99.19
C PRO H 133 -14.78 -12.76 98.23
N VAL H 134 -13.58 -12.58 98.77
CA VAL H 134 -12.35 -12.43 98.00
C VAL H 134 -12.18 -13.51 96.90
N GLN H 135 -12.26 -14.78 97.27
CA GLN H 135 -11.92 -15.85 96.35
C GLN H 135 -12.93 -15.97 95.18
N ALA H 136 -14.10 -15.33 95.34
CA ALA H 136 -15.19 -15.30 94.37
C ALA H 136 -15.05 -14.08 93.46
N ARG H 137 -14.56 -12.96 94.01
CA ARG H 137 -14.20 -11.77 93.22
C ARG H 137 -13.09 -12.13 92.29
N GLU H 138 -12.14 -12.90 92.81
CA GLU H 138 -10.90 -13.18 92.10
C GLU H 138 -10.95 -14.51 91.34
N SER H 139 -12.13 -15.13 91.32
CA SER H 139 -12.22 -16.49 90.79
C SER H 139 -11.73 -16.56 89.36
N PHE H 140 -12.24 -15.64 88.53
CA PHE H 140 -11.91 -15.68 87.12
C PHE H 140 -10.51 -15.11 86.82
N TRP H 141 -10.29 -13.82 87.08
CA TRP H 141 -9.01 -13.19 86.68
C TRP H 141 -7.84 -13.77 87.50
N GLY H 142 -8.14 -14.17 88.73
CA GLY H 142 -7.15 -14.87 89.54
C GLY H 142 -6.70 -16.18 89.02
N MET H 143 -7.64 -17.02 88.58
CA MET H 143 -7.23 -18.26 87.98
C MET H 143 -6.61 -17.97 86.57
N ALA H 144 -7.12 -16.99 85.82
CA ALA H 144 -6.39 -16.55 84.57
C ALA H 144 -4.91 -16.21 84.85
N SER H 145 -4.68 -15.36 85.83
CA SER H 145 -3.33 -14.97 86.16
C SER H 145 -2.51 -16.14 86.66
N SER H 146 -3.08 -17.06 87.45
CA SER H 146 -2.31 -18.23 87.87
C SER H 146 -1.81 -19.04 86.66
N SER H 147 -2.71 -19.32 85.75
CA SER H 147 -2.41 -20.21 84.61
C SER H 147 -1.41 -19.57 83.63
N TYR H 148 -1.49 -18.26 83.46
CA TYR H 148 -0.63 -17.44 82.59
C TYR H 148 0.79 -17.47 83.19
N ALA H 149 0.90 -17.09 84.46
CA ALA H 149 2.19 -17.10 85.16
C ALA H 149 2.87 -18.47 85.14
N HIS H 150 2.09 -19.54 85.37
CA HIS H 150 2.51 -20.94 85.24
C HIS H 150 3.22 -21.34 83.94
N SER H 151 2.82 -20.72 82.82
CA SER H 151 3.36 -20.95 81.46
C SER H 151 4.53 -20.06 81.05
N ALA H 152 4.85 -19.02 81.81
CA ALA H 152 5.99 -18.17 81.50
C ALA H 152 7.28 -18.97 81.60
N GLU H 153 8.25 -18.66 80.74
CA GLU H 153 9.59 -19.26 80.73
C GLU H 153 10.56 -18.12 80.44
N GLY H 154 11.81 -18.25 80.88
CA GLY H 154 12.83 -17.22 80.61
C GLY H 154 12.67 -16.01 81.52
N GLU H 155 13.00 -14.81 81.02
CA GLU H 155 12.76 -13.57 81.78
C GLU H 155 11.28 -13.20 81.76
N VAL H 156 10.79 -12.72 82.89
CA VAL H 156 9.49 -12.07 82.92
C VAL H 156 9.63 -10.61 83.33
N THR H 157 8.67 -9.78 82.92
CA THR H 157 8.75 -8.35 83.21
C THR H 157 7.51 -7.93 83.96
N TYR H 158 7.70 -7.07 84.95
CA TYR H 158 6.64 -6.70 85.85
C TYR H 158 6.66 -5.19 85.92
N MET H 159 5.61 -4.56 85.44
CA MET H 159 5.55 -3.10 85.49
C MET H 159 4.60 -2.68 86.59
N VAL H 160 5.06 -1.73 87.41
CA VAL H 160 4.32 -1.28 88.61
C VAL H 160 4.26 0.24 88.64
N ASP H 161 3.34 0.76 89.46
CA ASP H 161 3.17 2.18 89.68
C ASP H 161 4.06 2.62 90.86
N GLY H 162 5.02 3.51 90.62
CA GLY H 162 5.90 3.95 91.70
C GLY H 162 5.48 5.31 92.25
N SER H 163 4.27 5.74 91.90
CA SER H 163 3.77 7.09 92.25
C SER H 163 2.39 7.05 92.92
N ASN H 164 1.95 5.89 93.43
CA ASN H 164 0.61 5.83 94.06
C ASN H 164 0.81 5.86 95.62
N PRO H 165 0.54 7.01 96.29
CA PRO H 165 0.67 7.09 97.77
C PRO H 165 -0.28 6.15 98.54
N LYS H 166 -1.31 5.62 97.90
CA LYS H 166 -2.27 4.74 98.55
C LYS H 166 -2.05 3.26 98.32
N VAL H 167 -1.23 2.90 97.32
CA VAL H 167 -1.08 1.51 96.94
C VAL H 167 0.41 1.25 96.66
N PRO H 168 1.04 0.38 97.44
CA PRO H 168 2.50 0.10 97.24
C PRO H 168 2.76 -0.53 95.91
N ALA H 169 3.89 -0.21 95.30
CA ALA H 169 4.34 -0.84 94.04
C ALA H 169 4.13 -2.36 94.05
N TYR H 170 4.62 -3.00 95.10
CA TYR H 170 4.47 -4.43 95.25
C TYR H 170 3.65 -4.72 96.49
N ARG H 171 2.72 -5.66 96.38
CA ARG H 171 1.78 -6.02 97.44
C ARG H 171 1.57 -7.55 97.47
N PRO H 172 1.67 -8.19 98.67
CA PRO H 172 1.40 -9.64 98.60
C PRO H 172 -0.07 -9.98 98.23
N ASP H 173 -1.01 -9.06 98.41
CA ASP H 173 -2.42 -9.37 98.14
C ASP H 173 -2.94 -8.89 96.76
N SER H 174 -2.05 -8.33 95.93
CA SER H 174 -2.46 -7.97 94.57
C SER H 174 -2.59 -9.31 93.82
N PHE H 175 -3.13 -9.27 92.61
CA PHE H 175 -3.09 -10.44 91.74
C PHE H 175 -1.68 -10.90 91.46
N PHE H 176 -0.77 -9.95 91.26
CA PHE H 176 0.58 -10.36 91.07
C PHE H 176 1.19 -11.12 92.28
N GLY H 177 1.01 -10.63 93.51
CA GLY H 177 1.56 -11.33 94.73
C GLY H 177 0.89 -12.64 95.11
N LYS H 178 -0.39 -12.74 94.79
CA LYS H 178 -1.24 -13.84 95.20
C LYS H 178 -1.26 -14.90 94.14
N TYR H 179 -1.34 -14.49 92.88
CA TYR H 179 -1.52 -15.41 91.75
C TYR H 179 -0.36 -15.55 90.77
N GLU H 180 0.42 -14.50 90.60
CA GLU H 180 1.47 -14.56 89.61
C GLU H 180 2.82 -14.98 90.15
N LEU H 181 3.40 -14.21 91.05
CA LEU H 181 4.66 -14.57 91.68
C LEU H 181 4.74 -16.02 92.21
N PRO H 182 3.75 -16.50 93.00
CA PRO H 182 3.86 -17.88 93.53
C PRO H 182 3.91 -18.96 92.46
N ASN H 183 3.34 -18.68 91.28
CA ASN H 183 3.23 -19.65 90.19
C ASN H 183 4.32 -19.63 89.11
N LEU H 184 5.29 -18.74 89.24
CA LEU H 184 6.48 -18.75 88.38
C LEU H 184 7.28 -20.01 88.68
N THR H 185 7.55 -20.80 87.65
CA THR H 185 8.24 -22.09 87.74
C THR H 185 9.75 -21.94 87.58
N ASN H 186 10.49 -23.04 87.69
CA ASN H 186 11.94 -23.00 87.50
C ASN H 186 12.36 -22.76 86.04
N LYS H 187 11.37 -22.75 85.14
CA LYS H 187 11.57 -22.33 83.73
C LYS H 187 11.82 -20.81 83.63
N VAL H 188 11.47 -20.06 84.69
CA VAL H 188 11.65 -18.59 84.76
C VAL H 188 13.05 -18.30 85.27
N THR H 189 13.74 -17.33 84.67
CA THR H 189 15.14 -17.11 85.09
C THR H 189 15.38 -15.78 85.77
N ARG H 190 14.46 -14.83 85.55
CA ARG H 190 14.69 -13.45 85.96
C ARG H 190 13.39 -12.68 85.98
N VAL H 191 13.24 -11.86 86.99
CA VAL H 191 12.13 -10.92 87.14
C VAL H 191 12.69 -9.53 86.91
N LYS H 192 12.18 -8.88 85.88
CA LYS H 192 12.64 -7.56 85.45
C LYS H 192 11.54 -6.54 85.78
N VAL H 193 11.79 -5.66 86.76
CA VAL H 193 10.76 -4.71 87.22
C VAL H 193 10.94 -3.36 86.55
N ILE H 194 9.82 -2.83 86.05
CA ILE H 194 9.79 -1.47 85.51
C ILE H 194 8.86 -0.66 86.46
N VAL H 195 9.43 0.35 87.09
CA VAL H 195 8.73 1.25 87.99
C VAL H 195 8.32 2.47 87.19
N LEU H 196 7.03 2.76 87.17
CA LEU H 196 6.56 3.95 86.47
C LEU H 196 6.44 5.11 87.46
N HIS H 197 7.01 6.26 87.12
CA HIS H 197 6.86 7.49 87.89
C HIS H 197 6.08 8.45 87.01
N ARG H 198 4.77 8.53 87.24
CA ARG H 198 3.89 9.32 86.40
C ARG H 198 4.32 10.79 86.44
N LEU H 199 4.22 11.48 85.30
CA LEU H 199 4.78 12.86 85.17
C LEU H 199 4.19 13.94 86.08
N GLY H 200 5.06 14.79 86.61
CA GLY H 200 4.74 15.85 87.56
C GLY H 200 4.03 15.39 88.83
N GLU H 201 3.99 14.08 89.09
CA GLU H 201 3.47 13.56 90.36
C GLU H 201 4.64 13.28 91.28
N LYS H 202 4.38 13.18 92.59
CA LYS H 202 5.44 12.91 93.53
C LYS H 202 5.88 11.44 93.44
N ILE H 203 7.16 11.20 93.71
CA ILE H 203 7.75 9.86 93.68
C ILE H 203 7.51 9.07 94.99
N ILE H 204 6.80 7.94 94.95
CA ILE H 204 6.52 7.13 96.18
C ILE H 204 7.45 5.90 96.35
N GLU H 205 7.73 5.19 95.26
CA GLU H 205 8.48 3.93 95.37
C GLU H 205 9.70 4.00 94.46
N LYS H 206 10.81 3.46 94.93
CA LYS H 206 12.07 3.41 94.16
C LYS H 206 12.67 2.05 94.26
N CYS H 207 13.44 1.68 93.24
CA CYS H 207 14.14 0.41 93.22
C CYS H 207 15.01 0.31 94.50
N GLY H 208 15.13 -0.89 95.04
CA GLY H 208 15.96 -1.13 96.24
C GLY H 208 15.38 -0.67 97.55
N ALA H 209 14.21 -0.03 97.54
CA ALA H 209 13.66 0.48 98.78
C ALA H 209 12.23 -0.02 98.98
N GLY H 210 11.73 0.09 100.18
CA GLY H 210 10.32 -0.20 100.48
C GLY H 210 9.80 -1.53 99.94
N SER H 211 8.71 -1.46 99.18
CA SER H 211 8.04 -2.70 98.83
C SER H 211 8.77 -3.36 97.69
N LEU H 212 9.55 -2.58 96.97
CA LEU H 212 10.36 -3.15 95.88
C LEU H 212 11.53 -3.94 96.47
N LEU H 213 12.01 -3.51 97.63
CA LEU H 213 13.02 -4.27 98.36
C LEU H 213 12.40 -5.58 98.85
N ASP H 214 11.18 -5.50 99.41
CA ASP H 214 10.41 -6.72 99.74
C ASP H 214 10.35 -7.67 98.57
N LEU H 215 10.07 -7.13 97.37
CA LEU H 215 9.91 -7.96 96.20
C LEU H 215 11.25 -8.57 95.75
N GLU H 216 12.29 -7.73 95.66
CA GLU H 216 13.62 -8.19 95.37
C GLU H 216 14.05 -9.42 96.27
N LYS H 217 13.82 -9.34 97.57
CA LYS H 217 14.21 -10.42 98.49
C LYS H 217 13.44 -11.72 98.20
N LEU H 218 12.15 -11.58 97.87
CA LEU H 218 11.25 -12.70 97.54
C LEU H 218 11.68 -13.44 96.30
N VAL H 219 11.94 -12.65 95.25
CA VAL H 219 12.39 -13.14 93.95
C VAL H 219 13.70 -13.92 94.08
N LYS H 220 14.69 -13.33 94.75
CA LYS H 220 16.01 -13.98 94.94
C LYS H 220 15.92 -15.22 95.80
N ALA H 221 14.97 -15.23 96.72
CA ALA H 221 14.76 -16.42 97.55
C ALA H 221 14.10 -17.56 96.75
N LYS H 222 13.44 -17.26 95.64
CA LYS H 222 12.91 -18.31 94.73
C LYS H 222 13.93 -18.68 93.66
N HIS H 223 15.11 -18.08 93.78
CA HIS H 223 16.29 -18.37 92.93
C HIS H 223 16.22 -17.76 91.53
N PHE H 224 15.53 -16.64 91.39
CA PHE H 224 15.54 -15.84 90.14
C PHE H 224 16.51 -14.65 90.29
N ALA H 225 17.17 -14.28 89.20
CA ALA H 225 17.89 -13.01 89.17
C ALA H 225 16.84 -11.90 89.07
N PHE H 226 17.26 -10.67 89.28
CA PHE H 226 16.37 -9.57 89.50
C PHE H 226 17.07 -8.31 89.10
N ASP H 227 16.29 -7.44 88.45
CA ASP H 227 16.68 -6.06 88.26
C ASP H 227 15.46 -5.12 88.21
N CYS H 228 15.77 -3.83 88.23
CA CYS H 228 14.74 -2.85 88.44
C CYS H 228 15.24 -1.54 87.83
N VAL H 229 14.31 -0.84 87.17
CA VAL H 229 14.59 0.44 86.54
C VAL H 229 13.35 1.33 86.67
N GLU H 230 13.56 2.63 86.75
CA GLU H 230 12.51 3.61 86.97
C GLU H 230 12.43 4.45 85.71
N ASN H 231 11.24 4.55 85.11
CA ASN H 231 11.10 5.28 83.84
C ASN H 231 12.28 5.06 82.84
N PRO H 232 12.47 3.82 82.32
CA PRO H 232 13.43 3.67 81.26
C PRO H 232 12.94 4.51 80.07
N ARG H 233 13.90 4.98 79.27
CA ARG H 233 13.63 6.03 78.30
C ARG H 233 12.48 5.65 77.37
N ALA H 234 12.46 4.43 76.85
CA ALA H 234 11.35 4.09 75.96
C ALA H 234 9.94 4.29 76.67
N VAL H 235 9.90 4.13 77.98
CA VAL H 235 8.58 4.27 78.66
C VAL H 235 8.31 5.72 78.92
N LEU H 236 9.37 6.42 79.27
CA LEU H 236 9.29 7.81 79.52
C LEU H 236 8.71 8.52 78.33
N PHE H 237 9.28 8.28 77.13
CA PHE H 237 8.81 8.95 75.91
C PHE H 237 7.33 8.72 75.65
N LEU H 238 6.87 7.53 75.98
CA LEU H 238 5.48 7.22 75.84
C LEU H 238 4.57 8.08 76.80
N LEU H 239 5.00 8.25 78.07
CA LEU H 239 4.36 9.16 79.07
C LEU H 239 4.36 10.60 78.52
N CYS H 240 5.49 11.01 77.92
CA CYS H 240 5.66 12.39 77.46
C CYS H 240 4.74 12.68 76.27
N SER H 241 4.49 11.68 75.47
CA SER H 241 3.66 11.89 74.32
C SER H 241 2.22 12.30 74.70
N ASP H 242 1.78 11.91 75.88
CA ASP H 242 0.47 12.35 76.38
C ASP H 242 0.51 13.60 77.23
N ASN H 243 1.70 14.03 77.64
CA ASN H 243 1.83 15.24 78.45
C ASN H 243 3.13 15.98 78.06
N PRO H 244 3.22 16.47 76.80
CA PRO H 244 4.54 16.98 76.30
C PRO H 244 5.06 18.17 77.04
N ASN H 245 4.19 18.85 77.79
CA ASN H 245 4.58 19.99 78.61
C ASN H 245 5.24 19.62 79.94
N ALA H 246 5.15 18.37 80.36
CA ALA H 246 5.73 17.95 81.64
C ALA H 246 7.19 18.26 81.66
N ARG H 247 7.67 18.72 82.80
CA ARG H 247 9.07 19.15 82.95
C ARG H 247 10.05 18.04 82.62
N GLU H 248 9.69 16.82 82.99
CA GLU H 248 10.52 15.63 82.70
C GLU H 248 10.74 15.39 81.17
N CYS H 249 9.92 16.06 80.34
CA CYS H 249 9.93 15.86 78.89
C CYS H 249 10.69 16.96 78.13
N ARG H 250 11.34 17.87 78.85
CA ARG H 250 12.12 18.93 78.20
C ARG H 250 13.15 18.34 77.29
N LEU H 251 13.11 18.76 76.03
CA LEU H 251 14.03 18.34 74.98
C LEU H 251 15.31 19.16 74.95
N ALA H 252 16.43 18.53 74.57
CA ALA H 252 17.81 19.04 74.70
C ALA H 252 17.92 20.56 74.75
#